data_4Z8A
# 
_entry.id   4Z8A 
# 
_audit_conform.dict_name       mmcif_pdbx.dic 
_audit_conform.dict_version    5.398 
_audit_conform.dict_location   http://mmcif.pdb.org/dictionaries/ascii/mmcif_pdbx.dic 
# 
loop_
_database_2.database_id 
_database_2.database_code 
_database_2.pdbx_database_accession 
_database_2.pdbx_DOI 
PDB   4Z8A         pdb_00004z8a 10.2210/pdb4z8a/pdb 
WWPDB D_1000208628 ?            ?                   
# 
loop_
_pdbx_audit_revision_history.ordinal 
_pdbx_audit_revision_history.data_content_type 
_pdbx_audit_revision_history.major_revision 
_pdbx_audit_revision_history.minor_revision 
_pdbx_audit_revision_history.revision_date 
1 'Structure model' 1 0 2015-08-05 
2 'Structure model' 1 1 2024-01-10 
3 'Structure model' 1 2 2024-11-06 
# 
_pdbx_audit_revision_details.ordinal             1 
_pdbx_audit_revision_details.revision_ordinal    1 
_pdbx_audit_revision_details.data_content_type   'Structure model' 
_pdbx_audit_revision_details.provider            repository 
_pdbx_audit_revision_details.type                'Initial release' 
_pdbx_audit_revision_details.description         ? 
_pdbx_audit_revision_details.details             ? 
# 
loop_
_pdbx_audit_revision_group.ordinal 
_pdbx_audit_revision_group.revision_ordinal 
_pdbx_audit_revision_group.data_content_type 
_pdbx_audit_revision_group.group 
1 2 'Structure model' 'Author supporting evidence' 
2 2 'Structure model' 'Data collection'            
3 2 'Structure model' 'Database references'        
4 2 'Structure model' 'Refinement description'     
5 3 'Structure model' 'Structure summary'          
# 
loop_
_pdbx_audit_revision_category.ordinal 
_pdbx_audit_revision_category.revision_ordinal 
_pdbx_audit_revision_category.data_content_type 
_pdbx_audit_revision_category.category 
1 2 'Structure model' chem_comp_atom                
2 2 'Structure model' chem_comp_bond                
3 2 'Structure model' database_2                    
4 2 'Structure model' pdbx_audit_support            
5 2 'Structure model' pdbx_initial_refinement_model 
6 3 'Structure model' pdbx_entry_details            
7 3 'Structure model' pdbx_modification_feature     
# 
loop_
_pdbx_audit_revision_item.ordinal 
_pdbx_audit_revision_item.revision_ordinal 
_pdbx_audit_revision_item.data_content_type 
_pdbx_audit_revision_item.item 
1 2 'Structure model' '_database_2.pdbx_DOI'                     
2 2 'Structure model' '_database_2.pdbx_database_accession'      
3 2 'Structure model' '_pdbx_audit_support.funding_organization' 
# 
_pdbx_database_status.status_code                     REL 
_pdbx_database_status.status_code_sf                  REL 
_pdbx_database_status.status_code_mr                  ? 
_pdbx_database_status.entry_id                        4Z8A 
_pdbx_database_status.recvd_initial_deposition_date   2015-04-08 
_pdbx_database_status.SG_entry                        N 
_pdbx_database_status.deposit_site                    RCSB 
_pdbx_database_status.process_site                    PDBE 
_pdbx_database_status.status_code_cs                  ? 
_pdbx_database_status.methods_development_category    ? 
_pdbx_database_status.pdb_format_compatible           Y 
_pdbx_database_status.status_code_nmr_data            ? 
# 
loop_
_audit_author.name 
_audit_author.pdbx_ordinal 
'Driller, J.H.' 1 
'Holton, N.'    2 
'Siebert, M.'   3 
'Boehme, A.M.'  4 
'Wahl, M.C.'    5 
'Sigrist, S.J.' 6 
'Loll, B.'      7 
# 
_citation.abstract                  ? 
_citation.abstract_id_CAS           ? 
_citation.book_id_ISBN              ? 
_citation.book_publisher            ? 
_citation.book_publisher_city       ? 
_citation.book_title                ? 
_citation.coordinate_linkage        ? 
_citation.country                   US 
_citation.database_id_Medline       ? 
_citation.details                   ? 
_citation.id                        primary 
_citation.journal_abbrev            Elife 
_citation.journal_id_ASTM           ? 
_citation.journal_id_CSD            ? 
_citation.journal_id_ISSN           2050-084X 
_citation.journal_full              ? 
_citation.journal_issue             ? 
_citation.journal_volume            4 
_citation.language                  ? 
_citation.page_first                ? 
_citation.page_last                 ? 
_citation.title                     
'A high affinity RIM-binding protein/Aplip1 interaction prevents the formation of ectopic axonal active zones.' 
_citation.year                      2015 
_citation.database_id_CSD           ? 
_citation.pdbx_database_id_DOI      10.7554/eLife.06935 
_citation.pdbx_database_id_PubMed   26274777 
_citation.unpublished_flag          ? 
# 
loop_
_citation_author.citation_id 
_citation_author.name 
_citation_author.ordinal 
_citation_author.identifier_ORCID 
primary 'Siebert, M.'    1  ? 
primary 'Bohme, M.A.'    2  ? 
primary 'Driller, J.H.'  3  ? 
primary 'Babikir, H.'    4  ? 
primary 'Mampell, M.M.'  5  ? 
primary 'Rey, U.'        6  ? 
primary 'Ramesh, N.'     7  ? 
primary 'Matkovic, T.'   8  ? 
primary 'Holton, N.'     9  ? 
primary 'Reddy-Alla, S.' 10 ? 
primary 'Gottfert, F.'   11 ? 
primary 'Kamin, D.'      12 ? 
primary 'Quentin, C.'    13 ? 
primary 'Klinedinst, S.' 14 ? 
primary 'Andlauer, T.F.' 15 ? 
primary 'Hell, S.W.'     16 ? 
primary 'Collins, C.A.'  17 ? 
primary 'Wahl, M.C.'     18 ? 
primary 'Loll, B.'       19 ? 
primary 'Sigrist, S.J.'  20 ? 
# 
loop_
_entity.id 
_entity.type 
_entity.src_method 
_entity.pdbx_description 
_entity.formula_weight 
_entity.pdbx_number_of_molecules 
_entity.pdbx_ec 
_entity.pdbx_mutation 
_entity.pdbx_fragment 
_entity.details 
1 polymer man 'RIM-binding protein, isoform F'                           8363.335 1   ? ? 'residues 1443-1507'     ? 
2 polymer syn 'Voltage-dependent calcium channel type A subunit alpha-1' 1646.976 1   ? ? 'UNP residues 1688-1702' 
'N-terminus is acetylated, C-terminus is amidated' 
3 water   nat water                                                      18.015   110 ? ? ?                        ? 
# 
_entity_name_com.entity_id   2 
_entity_name_com.name        'Protein cacophony,Protein nightblind A,Protein no-on-transient B,Dmca1A' 
# 
loop_
_entity_poly.entity_id 
_entity_poly.type 
_entity_poly.nstd_linkage 
_entity_poly.nstd_monomer 
_entity_poly.pdbx_seq_one_letter_code 
_entity_poly.pdbx_seq_one_letter_code_can 
_entity_poly.pdbx_strand_id 
_entity_poly.pdbx_target_identifier 
1 'polypeptide(L)' no no  GPLGSPEFNRPVKRMIALYDYDPQELSPNVDAEQVELCFKTGEIILVYGDMDEDGFYMGELDGVRGLVPSNFLAD 
GPLGSPEFNRPVKRMIALYDYDPQELSPNVDAEQVELCFKTGEIILVYGDMDEDGFYMGELDGVRGLVPSNFLAD A ? 
2 'polypeptide(L)' no yes '(ACE)IGRRLPPTPSKPSTL(NH2)'                                                 XIGRRLPPTPSKPSTLX B ? 
# 
_pdbx_entity_nonpoly.entity_id   3 
_pdbx_entity_nonpoly.name        water 
_pdbx_entity_nonpoly.comp_id     HOH 
# 
loop_
_entity_poly_seq.entity_id 
_entity_poly_seq.num 
_entity_poly_seq.mon_id 
_entity_poly_seq.hetero 
1 1  GLY n 
1 2  PRO n 
1 3  LEU n 
1 4  GLY n 
1 5  SER n 
1 6  PRO n 
1 7  GLU n 
1 8  PHE n 
1 9  ASN n 
1 10 ARG n 
1 11 PRO n 
1 12 VAL n 
1 13 LYS n 
1 14 ARG n 
1 15 MET n 
1 16 ILE n 
1 17 ALA n 
1 18 LEU n 
1 19 TYR n 
1 20 ASP n 
1 21 TYR n 
1 22 ASP n 
1 23 PRO n 
1 24 GLN n 
1 25 GLU n 
1 26 LEU n 
1 27 SER n 
1 28 PRO n 
1 29 ASN n 
1 30 VAL n 
1 31 ASP n 
1 32 ALA n 
1 33 GLU n 
1 34 GLN n 
1 35 VAL n 
1 36 GLU n 
1 37 LEU n 
1 38 CYS n 
1 39 PHE n 
1 40 LYS n 
1 41 THR n 
1 42 GLY n 
1 43 GLU n 
1 44 ILE n 
1 45 ILE n 
1 46 LEU n 
1 47 VAL n 
1 48 TYR n 
1 49 GLY n 
1 50 ASP n 
1 51 MET n 
1 52 ASP n 
1 53 GLU n 
1 54 ASP n 
1 55 GLY n 
1 56 PHE n 
1 57 TYR n 
1 58 MET n 
1 59 GLY n 
1 60 GLU n 
1 61 LEU n 
1 62 ASP n 
1 63 GLY n 
1 64 VAL n 
1 65 ARG n 
1 66 GLY n 
1 67 LEU n 
1 68 VAL n 
1 69 PRO n 
1 70 SER n 
1 71 ASN n 
1 72 PHE n 
1 73 LEU n 
1 74 ALA n 
1 75 ASP n 
2 1  ACE n 
2 2  ILE n 
2 3  GLY n 
2 4  ARG n 
2 5  ARG n 
2 6  LEU n 
2 7  PRO n 
2 8  PRO n 
2 9  THR n 
2 10 PRO n 
2 11 SER n 
2 12 LYS n 
2 13 PRO n 
2 14 SER n 
2 15 THR n 
2 16 LEU n 
2 17 NH2 n 
# 
_entity_src_gen.entity_id                          1 
_entity_src_gen.pdbx_src_id                        1 
_entity_src_gen.pdbx_alt_source_flag               sample 
_entity_src_gen.pdbx_seq_type                      'Biological sequence' 
_entity_src_gen.pdbx_beg_seq_num                   1 
_entity_src_gen.pdbx_end_seq_num                   75 
_entity_src_gen.gene_src_common_name               'Fruit fly' 
_entity_src_gen.gene_src_genus                     ? 
_entity_src_gen.pdbx_gene_src_gene                 'Rbp, Dmel_CG43073' 
_entity_src_gen.gene_src_species                   ? 
_entity_src_gen.gene_src_strain                    ? 
_entity_src_gen.gene_src_tissue                    ? 
_entity_src_gen.gene_src_tissue_fraction           ? 
_entity_src_gen.gene_src_details                   ? 
_entity_src_gen.pdbx_gene_src_fragment             ? 
_entity_src_gen.pdbx_gene_src_scientific_name      'Drosophila melanogaster' 
_entity_src_gen.pdbx_gene_src_ncbi_taxonomy_id     7227 
_entity_src_gen.pdbx_gene_src_variant              ? 
_entity_src_gen.pdbx_gene_src_cell_line            ? 
_entity_src_gen.pdbx_gene_src_atcc                 ? 
_entity_src_gen.pdbx_gene_src_organ                ? 
_entity_src_gen.pdbx_gene_src_organelle            ? 
_entity_src_gen.pdbx_gene_src_cell                 ? 
_entity_src_gen.pdbx_gene_src_cellular_location    ? 
_entity_src_gen.host_org_common_name               ? 
_entity_src_gen.pdbx_host_org_scientific_name      'Escherichia coli' 
_entity_src_gen.pdbx_host_org_ncbi_taxonomy_id     562 
_entity_src_gen.host_org_genus                     ? 
_entity_src_gen.pdbx_host_org_gene                 ? 
_entity_src_gen.pdbx_host_org_organ                ? 
_entity_src_gen.host_org_species                   ? 
_entity_src_gen.pdbx_host_org_tissue               ? 
_entity_src_gen.pdbx_host_org_tissue_fraction      ? 
_entity_src_gen.pdbx_host_org_strain               ? 
_entity_src_gen.pdbx_host_org_variant              ? 
_entity_src_gen.pdbx_host_org_cell_line            ? 
_entity_src_gen.pdbx_host_org_atcc                 ? 
_entity_src_gen.pdbx_host_org_culture_collection   ? 
_entity_src_gen.pdbx_host_org_cell                 ? 
_entity_src_gen.pdbx_host_org_organelle            ? 
_entity_src_gen.pdbx_host_org_cellular_location    ? 
_entity_src_gen.pdbx_host_org_vector_type          plasmid 
_entity_src_gen.pdbx_host_org_vector               ? 
_entity_src_gen.host_org_details                   ? 
_entity_src_gen.expression_system_id               ? 
_entity_src_gen.plasmid_name                       pGex6p1 
_entity_src_gen.plasmid_details                    ? 
_entity_src_gen.pdbx_description                   ? 
# 
_pdbx_entity_src_syn.entity_id              2 
_pdbx_entity_src_syn.pdbx_src_id            1 
_pdbx_entity_src_syn.pdbx_alt_source_flag   sample 
_pdbx_entity_src_syn.pdbx_beg_seq_num       1 
_pdbx_entity_src_syn.pdbx_end_seq_num       17 
_pdbx_entity_src_syn.organism_scientific    'Drosophila melanogaster' 
_pdbx_entity_src_syn.organism_common_name   'Fruit fly' 
_pdbx_entity_src_syn.ncbi_taxonomy_id       7227 
_pdbx_entity_src_syn.details                ? 
# 
loop_
_chem_comp.id 
_chem_comp.type 
_chem_comp.mon_nstd_flag 
_chem_comp.name 
_chem_comp.pdbx_synonyms 
_chem_comp.formula 
_chem_comp.formula_weight 
ACE non-polymer         . 'ACETYL GROUP'  ? 'C2 H4 O'        44.053  
ALA 'L-peptide linking' y ALANINE         ? 'C3 H7 N O2'     89.093  
ARG 'L-peptide linking' y ARGININE        ? 'C6 H15 N4 O2 1' 175.209 
ASN 'L-peptide linking' y ASPARAGINE      ? 'C4 H8 N2 O3'    132.118 
ASP 'L-peptide linking' y 'ASPARTIC ACID' ? 'C4 H7 N O4'     133.103 
CYS 'L-peptide linking' y CYSTEINE        ? 'C3 H7 N O2 S'   121.158 
GLN 'L-peptide linking' y GLUTAMINE       ? 'C5 H10 N2 O3'   146.144 
GLU 'L-peptide linking' y 'GLUTAMIC ACID' ? 'C5 H9 N O4'     147.129 
GLY 'peptide linking'   y GLYCINE         ? 'C2 H5 N O2'     75.067  
HOH non-polymer         . WATER           ? 'H2 O'           18.015  
ILE 'L-peptide linking' y ISOLEUCINE      ? 'C6 H13 N O2'    131.173 
LEU 'L-peptide linking' y LEUCINE         ? 'C6 H13 N O2'    131.173 
LYS 'L-peptide linking' y LYSINE          ? 'C6 H15 N2 O2 1' 147.195 
MET 'L-peptide linking' y METHIONINE      ? 'C5 H11 N O2 S'  149.211 
NH2 non-polymer         . 'AMINO GROUP'   ? 'H2 N'           16.023  
PHE 'L-peptide linking' y PHENYLALANINE   ? 'C9 H11 N O2'    165.189 
PRO 'L-peptide linking' y PROLINE         ? 'C5 H9 N O2'     115.130 
SER 'L-peptide linking' y SERINE          ? 'C3 H7 N O3'     105.093 
THR 'L-peptide linking' y THREONINE       ? 'C4 H9 N O3'     119.119 
TYR 'L-peptide linking' y TYROSINE        ? 'C9 H11 N O3'    181.189 
VAL 'L-peptide linking' y VALINE          ? 'C5 H11 N O2'    117.146 
# 
loop_
_pdbx_poly_seq_scheme.asym_id 
_pdbx_poly_seq_scheme.entity_id 
_pdbx_poly_seq_scheme.seq_id 
_pdbx_poly_seq_scheme.mon_id 
_pdbx_poly_seq_scheme.ndb_seq_num 
_pdbx_poly_seq_scheme.pdb_seq_num 
_pdbx_poly_seq_scheme.auth_seq_num 
_pdbx_poly_seq_scheme.pdb_mon_id 
_pdbx_poly_seq_scheme.auth_mon_id 
_pdbx_poly_seq_scheme.pdb_strand_id 
_pdbx_poly_seq_scheme.pdb_ins_code 
_pdbx_poly_seq_scheme.hetero 
A 1 1  GLY 1  1433 1433 GLY GLY A . n 
A 1 2  PRO 2  1434 1434 PRO PRO A . n 
A 1 3  LEU 3  1435 1435 LEU LEU A . n 
A 1 4  GLY 4  1436 1436 GLY GLY A . n 
A 1 5  SER 5  1437 1437 SER SER A . n 
A 1 6  PRO 6  1438 1438 PRO PRO A . n 
A 1 7  GLU 7  1439 1439 GLU GLU A . n 
A 1 8  PHE 8  1440 1440 PHE PHE A . n 
A 1 9  ASN 9  1441 1441 ASN ASN A . n 
A 1 10 ARG 10 1442 1442 ARG ARG A . n 
A 1 11 PRO 11 1443 1443 PRO PRO A . n 
A 1 12 VAL 12 1444 1444 VAL VAL A . n 
A 1 13 LYS 13 1445 1445 LYS LYS A . n 
A 1 14 ARG 14 1446 1446 ARG ARG A . n 
A 1 15 MET 15 1447 1447 MET MET A . n 
A 1 16 ILE 16 1448 1448 ILE ILE A . n 
A 1 17 ALA 17 1449 1449 ALA ALA A . n 
A 1 18 LEU 18 1450 1450 LEU LEU A . n 
A 1 19 TYR 19 1451 1451 TYR TYR A . n 
A 1 20 ASP 20 1452 1452 ASP ASP A . n 
A 1 21 TYR 21 1453 1453 TYR TYR A . n 
A 1 22 ASP 22 1454 1454 ASP ASP A . n 
A 1 23 PRO 23 1455 1455 PRO PRO A . n 
A 1 24 GLN 24 1456 1456 GLN GLN A . n 
A 1 25 GLU 25 1457 1457 GLU GLU A . n 
A 1 26 LEU 26 1458 1458 LEU LEU A . n 
A 1 27 SER 27 1459 1459 SER SER A . n 
A 1 28 PRO 28 1460 1460 PRO PRO A . n 
A 1 29 ASN 29 1461 1461 ASN ASN A . n 
A 1 30 VAL 30 1462 1462 VAL VAL A . n 
A 1 31 ASP 31 1463 1463 ASP ASP A . n 
A 1 32 ALA 32 1464 1464 ALA ALA A . n 
A 1 33 GLU 33 1465 1465 GLU GLU A . n 
A 1 34 GLN 34 1466 1466 GLN GLN A . n 
A 1 35 VAL 35 1467 1467 VAL VAL A . n 
A 1 36 GLU 36 1468 1468 GLU GLU A . n 
A 1 37 LEU 37 1469 1469 LEU LEU A . n 
A 1 38 CYS 38 1470 1470 CYS CYS A . n 
A 1 39 PHE 39 1471 1471 PHE PHE A . n 
A 1 40 LYS 40 1472 1472 LYS LYS A . n 
A 1 41 THR 41 1473 1473 THR THR A . n 
A 1 42 GLY 42 1474 1474 GLY GLY A . n 
A 1 43 GLU 43 1475 1475 GLU GLU A . n 
A 1 44 ILE 44 1476 1476 ILE ILE A . n 
A 1 45 ILE 45 1477 1477 ILE ILE A . n 
A 1 46 LEU 46 1478 1478 LEU LEU A . n 
A 1 47 VAL 47 1479 1479 VAL VAL A . n 
A 1 48 TYR 48 1480 1480 TYR TYR A . n 
A 1 49 GLY 49 1481 1481 GLY GLY A . n 
A 1 50 ASP 50 1482 1482 ASP ASP A . n 
A 1 51 MET 51 1483 1483 MET MET A . n 
A 1 52 ASP 52 1484 1484 ASP ASP A . n 
A 1 53 GLU 53 1485 1485 GLU GLU A . n 
A 1 54 ASP 54 1486 1486 ASP ASP A . n 
A 1 55 GLY 55 1487 1487 GLY GLY A . n 
A 1 56 PHE 56 1488 1488 PHE PHE A . n 
A 1 57 TYR 57 1489 1489 TYR TYR A . n 
A 1 58 MET 58 1490 1490 MET MET A . n 
A 1 59 GLY 59 1491 1491 GLY GLY A . n 
A 1 60 GLU 60 1492 1492 GLU GLU A . n 
A 1 61 LEU 61 1493 1493 LEU LEU A . n 
A 1 62 ASP 62 1494 1494 ASP ASP A . n 
A 1 63 GLY 63 1495 1495 GLY GLY A . n 
A 1 64 VAL 64 1496 1496 VAL VAL A . n 
A 1 65 ARG 65 1497 1497 ARG ARG A . n 
A 1 66 GLY 66 1498 1498 GLY GLY A . n 
A 1 67 LEU 67 1499 1499 LEU LEU A . n 
A 1 68 VAL 68 1500 1500 VAL VAL A . n 
A 1 69 PRO 69 1501 1501 PRO PRO A . n 
A 1 70 SER 70 1502 1502 SER SER A . n 
A 1 71 ASN 71 1503 1503 ASN ASN A . n 
A 1 72 PHE 72 1504 1504 PHE PHE A . n 
A 1 73 LEU 73 1505 1505 LEU LEU A . n 
A 1 74 ALA 74 1506 1506 ALA ALA A . n 
A 1 75 ASP 75 1507 1507 ASP ASP A . n 
B 2 1  ACE 1  1684 1684 ACE ACE B . n 
B 2 2  ILE 2  1685 1685 ILE ILE B . n 
B 2 3  GLY 3  1686 1686 GLY GLY B . n 
B 2 4  ARG 4  1687 1687 ARG ARG B . n 
B 2 5  ARG 5  1688 1688 ARG ARG B . n 
B 2 6  LEU 6  1689 1689 LEU LEU B . n 
B 2 7  PRO 7  1690 1690 PRO PRO B . n 
B 2 8  PRO 8  1691 1691 PRO PRO B . n 
B 2 9  THR 9  1692 1692 THR THR B . n 
B 2 10 PRO 10 1693 1693 PRO PRO B . n 
B 2 11 SER 11 1694 1694 SER SER B . n 
B 2 12 LYS 12 1695 1695 LYS LYS B . n 
B 2 13 PRO 13 1696 1696 PRO PRO B . n 
B 2 14 SER 14 1697 1697 SER SER B . n 
B 2 15 THR 15 1698 1698 THR THR B . n 
B 2 16 LEU 16 1699 1699 LEU LEU B . n 
B 2 17 NH2 17 1700 1700 NH2 NH2 B . n 
# 
loop_
_pdbx_nonpoly_scheme.asym_id 
_pdbx_nonpoly_scheme.entity_id 
_pdbx_nonpoly_scheme.mon_id 
_pdbx_nonpoly_scheme.ndb_seq_num 
_pdbx_nonpoly_scheme.pdb_seq_num 
_pdbx_nonpoly_scheme.auth_seq_num 
_pdbx_nonpoly_scheme.pdb_mon_id 
_pdbx_nonpoly_scheme.auth_mon_id 
_pdbx_nonpoly_scheme.pdb_strand_id 
_pdbx_nonpoly_scheme.pdb_ins_code 
C 3 HOH 1  1601 75  HOH HOH A . 
C 3 HOH 2  1602 35  HOH HOH A . 
C 3 HOH 3  1603 54  HOH HOH A . 
C 3 HOH 4  1604 55  HOH HOH A . 
C 3 HOH 5  1605 62  HOH HOH A . 
C 3 HOH 6  1606 40  HOH HOH A . 
C 3 HOH 7  1607 48  HOH HOH A . 
C 3 HOH 8  1608 77  HOH HOH A . 
C 3 HOH 9  1609 72  HOH HOH A . 
C 3 HOH 10 1610 102 HOH HOH A . 
C 3 HOH 11 1611 12  HOH HOH A . 
C 3 HOH 12 1612 13  HOH HOH A . 
C 3 HOH 13 1613 42  HOH HOH A . 
C 3 HOH 14 1614 97  HOH HOH A . 
C 3 HOH 15 1615 41  HOH HOH A . 
C 3 HOH 16 1616 105 HOH HOH A . 
C 3 HOH 17 1617 80  HOH HOH A . 
C 3 HOH 18 1618 10  HOH HOH A . 
C 3 HOH 19 1619 64  HOH HOH A . 
C 3 HOH 20 1620 44  HOH HOH A . 
C 3 HOH 21 1621 15  HOH HOH A . 
C 3 HOH 22 1622 9   HOH HOH A . 
C 3 HOH 23 1623 14  HOH HOH A . 
C 3 HOH 24 1624 96  HOH HOH A . 
C 3 HOH 25 1625 2   HOH HOH A . 
C 3 HOH 26 1626 33  HOH HOH A . 
C 3 HOH 27 1627 23  HOH HOH A . 
C 3 HOH 28 1628 73  HOH HOH A . 
C 3 HOH 29 1629 26  HOH HOH A . 
C 3 HOH 30 1630 5   HOH HOH A . 
C 3 HOH 31 1631 78  HOH HOH A . 
C 3 HOH 32 1632 20  HOH HOH A . 
C 3 HOH 33 1633 50  HOH HOH A . 
C 3 HOH 34 1634 32  HOH HOH A . 
C 3 HOH 35 1635 8   HOH HOH A . 
C 3 HOH 36 1636 6   HOH HOH A . 
C 3 HOH 37 1637 89  HOH HOH A . 
C 3 HOH 38 1638 109 HOH HOH A . 
C 3 HOH 39 1639 3   HOH HOH A . 
C 3 HOH 40 1640 18  HOH HOH A . 
C 3 HOH 41 1641 11  HOH HOH A . 
C 3 HOH 42 1642 37  HOH HOH A . 
C 3 HOH 43 1643 58  HOH HOH A . 
C 3 HOH 44 1644 47  HOH HOH A . 
C 3 HOH 45 1645 43  HOH HOH A . 
C 3 HOH 46 1646 87  HOH HOH A . 
C 3 HOH 47 1647 49  HOH HOH A . 
C 3 HOH 48 1648 7   HOH HOH A . 
C 3 HOH 49 1649 1   HOH HOH A . 
C 3 HOH 50 1650 27  HOH HOH A . 
C 3 HOH 51 1651 79  HOH HOH A . 
C 3 HOH 52 1652 108 HOH HOH A . 
C 3 HOH 53 1653 25  HOH HOH A . 
C 3 HOH 54 1654 66  HOH HOH A . 
C 3 HOH 55 1655 53  HOH HOH A . 
C 3 HOH 56 1656 70  HOH HOH A . 
C 3 HOH 57 1657 83  HOH HOH A . 
C 3 HOH 58 1658 39  HOH HOH A . 
C 3 HOH 59 1659 57  HOH HOH A . 
C 3 HOH 60 1660 76  HOH HOH A . 
C 3 HOH 61 1661 94  HOH HOH A . 
C 3 HOH 62 1662 52  HOH HOH A . 
C 3 HOH 63 1663 28  HOH HOH A . 
C 3 HOH 64 1664 101 HOH HOH A . 
C 3 HOH 65 1665 91  HOH HOH A . 
C 3 HOH 66 1666 100 HOH HOH A . 
C 3 HOH 67 1667 30  HOH HOH A . 
C 3 HOH 68 1668 104 HOH HOH A . 
C 3 HOH 69 1669 85  HOH HOH A . 
C 3 HOH 70 1670 45  HOH HOH A . 
C 3 HOH 71 1671 106 HOH HOH A . 
C 3 HOH 72 1672 71  HOH HOH A . 
C 3 HOH 73 1673 110 HOH HOH A . 
C 3 HOH 74 1674 60  HOH HOH A . 
C 3 HOH 75 1675 74  HOH HOH A . 
C 3 HOH 76 1676 90  HOH HOH A . 
C 3 HOH 77 1677 95  HOH HOH A . 
C 3 HOH 78 1678 84  HOH HOH A . 
D 3 HOH 1  1801 61  HOH HOH B . 
D 3 HOH 2  1802 31  HOH HOH B . 
D 3 HOH 3  1803 93  HOH HOH B . 
D 3 HOH 4  1804 46  HOH HOH B . 
D 3 HOH 5  1805 4   HOH HOH B . 
D 3 HOH 6  1806 56  HOH HOH B . 
D 3 HOH 7  1807 36  HOH HOH B . 
D 3 HOH 8  1808 17  HOH HOH B . 
D 3 HOH 9  1809 65  HOH HOH B . 
D 3 HOH 10 1810 24  HOH HOH B . 
D 3 HOH 11 1811 38  HOH HOH B . 
D 3 HOH 12 1812 69  HOH HOH B . 
D 3 HOH 13 1813 16  HOH HOH B . 
D 3 HOH 14 1814 21  HOH HOH B . 
D 3 HOH 15 1815 63  HOH HOH B . 
D 3 HOH 16 1816 22  HOH HOH B . 
D 3 HOH 17 1817 59  HOH HOH B . 
D 3 HOH 18 1818 29  HOH HOH B . 
D 3 HOH 19 1819 68  HOH HOH B . 
D 3 HOH 20 1820 34  HOH HOH B . 
D 3 HOH 21 1821 99  HOH HOH B . 
D 3 HOH 22 1822 86  HOH HOH B . 
D 3 HOH 23 1823 92  HOH HOH B . 
D 3 HOH 24 1824 107 HOH HOH B . 
D 3 HOH 25 1825 19  HOH HOH B . 
D 3 HOH 26 1826 103 HOH HOH B . 
D 3 HOH 27 1827 82  HOH HOH B . 
D 3 HOH 28 1828 51  HOH HOH B . 
D 3 HOH 29 1829 98  HOH HOH B . 
D 3 HOH 30 1830 88  HOH HOH B . 
D 3 HOH 31 1831 81  HOH HOH B . 
D 3 HOH 32 1832 67  HOH HOH B . 
# 
loop_
_software.citation_id 
_software.classification 
_software.compiler_name 
_software.compiler_version 
_software.contact_author 
_software.contact_author_email 
_software.date 
_software.description 
_software.dependencies 
_software.hardware 
_software.language 
_software.location 
_software.mods 
_software.name 
_software.os 
_software.os_version 
_software.type 
_software.version 
_software.pdbx_ordinal 
? refinement       ? ? ? ? ? ? ? ? ? ? ? PHENIX ? ? ? 1.9_1692 1 
? 'data reduction' ? ? ? ? ? ? ? ? ? ? ? XDS    ? ? ? .        2 
? 'data scaling'   ? ? ? ? ? ? ? ? ? ? ? XSCALE ? ? ? .        3 
? phasing          ? ? ? ? ? ? ? ? ? ? ? PHASER ? ? ? .        4 
# 
_cell.angle_alpha                  90.00 
_cell.angle_alpha_esd              ? 
_cell.angle_beta                   90.00 
_cell.angle_beta_esd               ? 
_cell.angle_gamma                  90.00 
_cell.angle_gamma_esd              ? 
_cell.entry_id                     4Z8A 
_cell.details                      ? 
_cell.formula_units_Z              ? 
_cell.length_a                     52.130 
_cell.length_a_esd                 ? 
_cell.length_b                     54.246 
_cell.length_b_esd                 ? 
_cell.length_c                     73.582 
_cell.length_c_esd                 ? 
_cell.volume                       ? 
_cell.volume_esd                   ? 
_cell.Z_PDB                        8 
_cell.reciprocal_angle_alpha       ? 
_cell.reciprocal_angle_beta        ? 
_cell.reciprocal_angle_gamma       ? 
_cell.reciprocal_angle_alpha_esd   ? 
_cell.reciprocal_angle_beta_esd    ? 
_cell.reciprocal_angle_gamma_esd   ? 
_cell.reciprocal_length_a          ? 
_cell.reciprocal_length_b          ? 
_cell.reciprocal_length_c          ? 
_cell.reciprocal_length_a_esd      ? 
_cell.reciprocal_length_b_esd      ? 
_cell.reciprocal_length_c_esd      ? 
_cell.pdbx_unique_axis             ? 
# 
_symmetry.entry_id                         4Z8A 
_symmetry.cell_setting                     ? 
_symmetry.Int_Tables_number                23 
_symmetry.space_group_name_Hall            ? 
_symmetry.space_group_name_H-M             'I 2 2 2' 
_symmetry.pdbx_full_space_group_name_H-M   ? 
# 
_exptl.absorpt_coefficient_mu     ? 
_exptl.absorpt_correction_T_max   ? 
_exptl.absorpt_correction_T_min   ? 
_exptl.absorpt_correction_type    ? 
_exptl.absorpt_process_details    ? 
_exptl.entry_id                   4Z8A 
_exptl.crystals_number            ? 
_exptl.details                    ? 
_exptl.method                     'X-RAY DIFFRACTION' 
_exptl.method_details             ? 
# 
_exptl_crystal.colour                      ? 
_exptl_crystal.density_diffrn              ? 
_exptl_crystal.density_Matthews            2.60 
_exptl_crystal.density_method              ? 
_exptl_crystal.density_percent_sol         52.66 
_exptl_crystal.description                 ? 
_exptl_crystal.F_000                       ? 
_exptl_crystal.id                          1 
_exptl_crystal.preparation                 ? 
_exptl_crystal.size_max                    ? 
_exptl_crystal.size_mid                    ? 
_exptl_crystal.size_min                    ? 
_exptl_crystal.size_rad                    ? 
_exptl_crystal.colour_lustre               ? 
_exptl_crystal.colour_modifier             ? 
_exptl_crystal.colour_primary              ? 
_exptl_crystal.density_meas                ? 
_exptl_crystal.density_meas_esd            ? 
_exptl_crystal.density_meas_gt             ? 
_exptl_crystal.density_meas_lt             ? 
_exptl_crystal.density_meas_temp           ? 
_exptl_crystal.density_meas_temp_esd       ? 
_exptl_crystal.density_meas_temp_gt        ? 
_exptl_crystal.density_meas_temp_lt        ? 
_exptl_crystal.pdbx_crystal_image_url      ? 
_exptl_crystal.pdbx_crystal_image_format   ? 
_exptl_crystal.pdbx_mosaicity              ? 
_exptl_crystal.pdbx_mosaicity_esd          ? 
# 
_exptl_crystal_grow.apparatus       ? 
_exptl_crystal_grow.atmosphere      ? 
_exptl_crystal_grow.crystal_id      1 
_exptl_crystal_grow.details         ? 
_exptl_crystal_grow.method          'VAPOR DIFFUSION, SITTING DROP' 
_exptl_crystal_grow.method_ref      ? 
_exptl_crystal_grow.pH              6.5 
_exptl_crystal_grow.pressure        ? 
_exptl_crystal_grow.pressure_esd    ? 
_exptl_crystal_grow.seeding         ? 
_exptl_crystal_grow.seeding_ref     ? 
_exptl_crystal_grow.temp            291 
_exptl_crystal_grow.temp_details    ? 
_exptl_crystal_grow.temp_esd        ? 
_exptl_crystal_grow.time            ? 
_exptl_crystal_grow.pdbx_details    '100 mM MES pH 6.5, 200mM Lithiumsulfat, 30% (v/v) PEG 400' 
_exptl_crystal_grow.pdbx_pH_range   ? 
# 
_diffrn.ambient_environment    ? 
_diffrn.ambient_temp           100 
_diffrn.ambient_temp_details   ? 
_diffrn.ambient_temp_esd       ? 
_diffrn.crystal_id             1 
_diffrn.crystal_support        ? 
_diffrn.crystal_treatment      ? 
_diffrn.details                ? 
_diffrn.id                     1 
_diffrn.ambient_pressure       ? 
_diffrn.ambient_pressure_esd   ? 
_diffrn.ambient_pressure_gt    ? 
_diffrn.ambient_pressure_lt    ? 
_diffrn.ambient_temp_gt        ? 
_diffrn.ambient_temp_lt        ? 
# 
_diffrn_detector.details                      ? 
_diffrn_detector.detector                     CCD 
_diffrn_detector.diffrn_id                    1 
_diffrn_detector.type                         'RAYONIX MX-225' 
_diffrn_detector.area_resol_mean              ? 
_diffrn_detector.dtime                        ? 
_diffrn_detector.pdbx_frames_total            ? 
_diffrn_detector.pdbx_collection_time_total   ? 
_diffrn_detector.pdbx_collection_date         2013-11-13 
# 
_diffrn_radiation.collimation                      ? 
_diffrn_radiation.diffrn_id                        1 
_diffrn_radiation.filter_edge                      ? 
_diffrn_radiation.inhomogeneity                    ? 
_diffrn_radiation.monochromator                    'SAGITALLY FOCUSED SI(111)' 
_diffrn_radiation.polarisn_norm                    ? 
_diffrn_radiation.polarisn_ratio                   ? 
_diffrn_radiation.probe                            ? 
_diffrn_radiation.type                             ? 
_diffrn_radiation.xray_symbol                      ? 
_diffrn_radiation.wavelength_id                    1 
_diffrn_radiation.pdbx_monochromatic_or_laue_m_l   M 
_diffrn_radiation.pdbx_wavelength_list             ? 
_diffrn_radiation.pdbx_wavelength                  ? 
_diffrn_radiation.pdbx_diffrn_protocol             'SINGLE WAVELENGTH' 
_diffrn_radiation.pdbx_analyzer                    ? 
_diffrn_radiation.pdbx_scattering_type             x-ray 
# 
_diffrn_radiation_wavelength.id           1 
_diffrn_radiation_wavelength.wavelength   0.91841 
_diffrn_radiation_wavelength.wt           1.0 
# 
_diffrn_source.current                     ? 
_diffrn_source.details                     ? 
_diffrn_source.diffrn_id                   1 
_diffrn_source.power                       ? 
_diffrn_source.size                        ? 
_diffrn_source.source                      SYNCHROTRON 
_diffrn_source.target                      ? 
_diffrn_source.type                        'BESSY BEAMLINE 14.2' 
_diffrn_source.voltage                     ? 
_diffrn_source.take-off_angle              ? 
_diffrn_source.pdbx_wavelength_list        0.91841 
_diffrn_source.pdbx_wavelength             ? 
_diffrn_source.pdbx_synchrotron_beamline   14.2 
_diffrn_source.pdbx_synchrotron_site       BESSY 
# 
_reflns.B_iso_Wilson_estimate            ? 
_reflns.entry_id                         4Z8A 
_reflns.data_reduction_details           ? 
_reflns.data_reduction_method            ? 
_reflns.d_resolution_high                1.75 
_reflns.d_resolution_low                 50.00 
_reflns.details                          ? 
_reflns.limit_h_max                      ? 
_reflns.limit_h_min                      ? 
_reflns.limit_k_max                      ? 
_reflns.limit_k_min                      ? 
_reflns.limit_l_max                      ? 
_reflns.limit_l_min                      ? 
_reflns.number_all                       ? 
_reflns.number_obs                       10690 
_reflns.observed_criterion               ? 
_reflns.observed_criterion_F_max         ? 
_reflns.observed_criterion_F_min         ? 
_reflns.observed_criterion_I_max         ? 
_reflns.observed_criterion_I_min         ? 
_reflns.observed_criterion_sigma_F       ? 
_reflns.observed_criterion_sigma_I       ? 
_reflns.percent_possible_obs             98.7 
_reflns.R_free_details                   ? 
_reflns.Rmerge_F_all                     ? 
_reflns.Rmerge_F_obs                     ? 
_reflns.Friedel_coverage                 ? 
_reflns.number_gt                        ? 
_reflns.threshold_expression             ? 
_reflns.pdbx_redundancy                  5.6 
_reflns.pdbx_Rmerge_I_obs                0.117 
_reflns.pdbx_Rmerge_I_all                ? 
_reflns.pdbx_Rsym_value                  ? 
_reflns.pdbx_netI_over_av_sigmaI         ? 
_reflns.pdbx_netI_over_sigmaI            14.2 
_reflns.pdbx_res_netI_over_av_sigmaI_2   ? 
_reflns.pdbx_res_netI_over_sigmaI_2      ? 
_reflns.pdbx_chi_squared                 ? 
_reflns.pdbx_scaling_rejects             ? 
_reflns.pdbx_d_res_high_opt              ? 
_reflns.pdbx_d_res_low_opt               ? 
_reflns.pdbx_d_res_opt_method            ? 
_reflns.phase_calculation_details        ? 
_reflns.pdbx_Rrim_I_all                  ? 
_reflns.pdbx_Rpim_I_all                  ? 
_reflns.pdbx_d_opt                       ? 
_reflns.pdbx_number_measured_all         ? 
_reflns.pdbx_diffrn_id                   1 
_reflns.pdbx_ordinal                     1 
_reflns.pdbx_CC_half                     ? 
_reflns.pdbx_R_split                     ? 
# 
_reflns_shell.d_res_high                  1.75 
_reflns_shell.d_res_low                   1.86 
_reflns_shell.meanI_over_sigI_all         ? 
_reflns_shell.meanI_over_sigI_obs         2.2 
_reflns_shell.number_measured_all         ? 
_reflns_shell.number_measured_obs         ? 
_reflns_shell.number_possible             ? 
_reflns_shell.number_unique_all           ? 
_reflns_shell.number_unique_obs           ? 
_reflns_shell.percent_possible_all        92.6 
_reflns_shell.percent_possible_obs        ? 
_reflns_shell.Rmerge_F_all                ? 
_reflns_shell.Rmerge_F_obs                ? 
_reflns_shell.Rmerge_I_all                ? 
_reflns_shell.Rmerge_I_obs                0.557 
_reflns_shell.meanI_over_sigI_gt          ? 
_reflns_shell.meanI_over_uI_all           ? 
_reflns_shell.meanI_over_uI_gt            ? 
_reflns_shell.number_measured_gt          ? 
_reflns_shell.number_unique_gt            ? 
_reflns_shell.percent_possible_gt         ? 
_reflns_shell.Rmerge_F_gt                 ? 
_reflns_shell.Rmerge_I_gt                 ? 
_reflns_shell.pdbx_redundancy             3.1 
_reflns_shell.pdbx_Rsym_value             ? 
_reflns_shell.pdbx_chi_squared            ? 
_reflns_shell.pdbx_netI_over_sigmaI_all   ? 
_reflns_shell.pdbx_netI_over_sigmaI_obs   ? 
_reflns_shell.pdbx_Rrim_I_all             ? 
_reflns_shell.pdbx_Rpim_I_all             ? 
_reflns_shell.pdbx_rejects                ? 
_reflns_shell.pdbx_ordinal                1 
_reflns_shell.pdbx_diffrn_id              1 
_reflns_shell.pdbx_CC_half                ? 
_reflns_shell.pdbx_R_split                ? 
# 
_refine.aniso_B[1][1]                            ? 
_refine.aniso_B[1][2]                            ? 
_refine.aniso_B[1][3]                            ? 
_refine.aniso_B[2][2]                            ? 
_refine.aniso_B[2][3]                            ? 
_refine.aniso_B[3][3]                            ? 
_refine.B_iso_max                                ? 
_refine.B_iso_mean                               ? 
_refine.B_iso_min                                ? 
_refine.correlation_coeff_Fo_to_Fc               ? 
_refine.correlation_coeff_Fo_to_Fc_free          ? 
_refine.details                                  ? 
_refine.diff_density_max                         ? 
_refine.diff_density_max_esd                     ? 
_refine.diff_density_min                         ? 
_refine.diff_density_min_esd                     ? 
_refine.diff_density_rms                         ? 
_refine.diff_density_rms_esd                     ? 
_refine.entry_id                                 4Z8A 
_refine.pdbx_refine_id                           'X-RAY DIFFRACTION' 
_refine.ls_abs_structure_details                 ? 
_refine.ls_abs_structure_Flack                   ? 
_refine.ls_abs_structure_Flack_esd               ? 
_refine.ls_abs_structure_Rogers                  ? 
_refine.ls_abs_structure_Rogers_esd              ? 
_refine.ls_d_res_high                            1.759 
_refine.ls_d_res_low                             43.663 
_refine.ls_extinction_coef                       ? 
_refine.ls_extinction_coef_esd                   ? 
_refine.ls_extinction_expression                 ? 
_refine.ls_extinction_method                     ? 
_refine.ls_goodness_of_fit_all                   ? 
_refine.ls_goodness_of_fit_all_esd               ? 
_refine.ls_goodness_of_fit_obs                   ? 
_refine.ls_goodness_of_fit_obs_esd               ? 
_refine.ls_hydrogen_treatment                    ? 
_refine.ls_matrix_type                           ? 
_refine.ls_number_constraints                    ? 
_refine.ls_number_parameters                     ? 
_refine.ls_number_reflns_all                     ? 
_refine.ls_number_reflns_obs                     10452 
_refine.ls_number_reflns_R_free                  523 
_refine.ls_number_reflns_R_work                  ? 
_refine.ls_number_restraints                     ? 
_refine.ls_percent_reflns_obs                    97.75 
_refine.ls_percent_reflns_R_free                 5.00 
_refine.ls_R_factor_all                          ? 
_refine.ls_R_factor_obs                          0.1611 
_refine.ls_R_factor_R_free                       0.2082 
_refine.ls_R_factor_R_free_error                 ? 
_refine.ls_R_factor_R_free_error_details         ? 
_refine.ls_R_factor_R_work                       0.1585 
_refine.ls_R_Fsqd_factor_obs                     ? 
_refine.ls_R_I_factor_obs                        ? 
_refine.ls_redundancy_reflns_all                 ? 
_refine.ls_redundancy_reflns_obs                 ? 
_refine.ls_restrained_S_all                      ? 
_refine.ls_restrained_S_obs                      ? 
_refine.ls_shift_over_esd_max                    ? 
_refine.ls_shift_over_esd_mean                   ? 
_refine.ls_structure_factor_coef                 ? 
_refine.ls_weighting_details                     ? 
_refine.ls_weighting_scheme                      ? 
_refine.ls_wR_factor_all                         ? 
_refine.ls_wR_factor_obs                         ? 
_refine.ls_wR_factor_R_free                      ? 
_refine.ls_wR_factor_R_work                      ? 
_refine.occupancy_max                            ? 
_refine.occupancy_min                            ? 
_refine.solvent_model_details                    'FLAT BULK SOLVENT MODEL' 
_refine.solvent_model_param_bsol                 ? 
_refine.solvent_model_param_ksol                 ? 
_refine.ls_R_factor_gt                           ? 
_refine.ls_goodness_of_fit_gt                    ? 
_refine.ls_goodness_of_fit_ref                   ? 
_refine.ls_shift_over_su_max                     ? 
_refine.ls_shift_over_su_max_lt                  ? 
_refine.ls_shift_over_su_mean                    ? 
_refine.ls_shift_over_su_mean_lt                 ? 
_refine.pdbx_ls_sigma_I                          ? 
_refine.pdbx_ls_sigma_F                          ? 
_refine.pdbx_ls_sigma_Fsqd                       ? 
_refine.pdbx_data_cutoff_high_absF               ? 
_refine.pdbx_data_cutoff_high_rms_absF           ? 
_refine.pdbx_data_cutoff_low_absF                ? 
_refine.pdbx_isotropic_thermal_model             ? 
_refine.pdbx_ls_cross_valid_method               'FREE R-VALUE' 
_refine.pdbx_method_to_determine_struct          'MOLECULAR REPLACEMENT' 
_refine.pdbx_starting_model                      4Z88 
_refine.pdbx_stereochemistry_target_values       ML 
_refine.pdbx_R_Free_selection_details            'Random selection' 
_refine.pdbx_stereochem_target_val_spec_case     ? 
_refine.pdbx_overall_ESU_R                       ? 
_refine.pdbx_overall_ESU_R_Free                  ? 
_refine.pdbx_solvent_vdw_probe_radii             1.11 
_refine.pdbx_solvent_ion_probe_radii             ? 
_refine.pdbx_solvent_shrinkage_radii             0.90 
_refine.pdbx_real_space_R                        ? 
_refine.pdbx_density_correlation                 ? 
_refine.pdbx_pd_number_of_powder_patterns        ? 
_refine.pdbx_pd_number_of_points                 ? 
_refine.pdbx_pd_meas_number_of_points            ? 
_refine.pdbx_pd_proc_ls_prof_R_factor            ? 
_refine.pdbx_pd_proc_ls_prof_wR_factor           ? 
_refine.pdbx_pd_Marquardt_correlation_coeff      ? 
_refine.pdbx_pd_Fsqrd_R_factor                   ? 
_refine.pdbx_pd_ls_matrix_band_width             ? 
_refine.pdbx_overall_phase_error                 21.15 
_refine.pdbx_overall_SU_R_free_Cruickshank_DPI   ? 
_refine.pdbx_overall_SU_R_free_Blow_DPI          ? 
_refine.pdbx_overall_SU_R_Blow_DPI               ? 
_refine.pdbx_TLS_residual_ADP_flag               ? 
_refine.pdbx_diffrn_id                           1 
_refine.overall_SU_B                             ? 
_refine.overall_SU_ML                            0.21 
_refine.overall_SU_R_Cruickshank_DPI             ? 
_refine.overall_SU_R_free                        ? 
_refine.overall_FOM_free_R_set                   ? 
_refine.overall_FOM_work_R_set                   ? 
_refine.pdbx_average_fsc_overall                 ? 
_refine.pdbx_average_fsc_work                    ? 
_refine.pdbx_average_fsc_free                    ? 
# 
_refine_hist.pdbx_refine_id                   'X-RAY DIFFRACTION' 
_refine_hist.cycle_id                         LAST 
_refine_hist.pdbx_number_atoms_protein        704 
_refine_hist.pdbx_number_atoms_nucleic_acid   0 
_refine_hist.pdbx_number_atoms_ligand         0 
_refine_hist.number_atoms_solvent             110 
_refine_hist.number_atoms_total               814 
_refine_hist.d_res_high                       1.759 
_refine_hist.d_res_low                        43.663 
# 
loop_
_refine_ls_restr.pdbx_refine_id 
_refine_ls_restr.criterion 
_refine_ls_restr.dev_ideal 
_refine_ls_restr.dev_ideal_target 
_refine_ls_restr.number 
_refine_ls_restr.rejects 
_refine_ls_restr.type 
_refine_ls_restr.weight 
_refine_ls_restr.pdbx_restraint_function 
'X-RAY DIFFRACTION' ? 0.010  ? 762  ? f_bond_d           ? ? 
'X-RAY DIFFRACTION' ? 1.205  ? 1044 ? f_angle_d          ? ? 
'X-RAY DIFFRACTION' ? 11.572 ? 304  ? f_dihedral_angle_d ? ? 
'X-RAY DIFFRACTION' ? 0.051  ? 112  ? f_chiral_restr     ? ? 
'X-RAY DIFFRACTION' ? 0.007  ? 143  ? f_plane_restr      ? ? 
# 
loop_
_refine_ls_shell.pdbx_refine_id 
_refine_ls_shell.d_res_high 
_refine_ls_shell.d_res_low 
_refine_ls_shell.number_reflns_all 
_refine_ls_shell.number_reflns_obs 
_refine_ls_shell.number_reflns_R_free 
_refine_ls_shell.number_reflns_R_work 
_refine_ls_shell.percent_reflns_obs 
_refine_ls_shell.percent_reflns_R_free 
_refine_ls_shell.R_factor_all 
_refine_ls_shell.R_factor_obs 
_refine_ls_shell.R_factor_R_free 
_refine_ls_shell.R_factor_R_free_error 
_refine_ls_shell.R_factor_R_work 
_refine_ls_shell.redundancy_reflns_all 
_refine_ls_shell.redundancy_reflns_obs 
_refine_ls_shell.wR_factor_all 
_refine_ls_shell.wR_factor_obs 
_refine_ls_shell.wR_factor_R_free 
_refine_ls_shell.wR_factor_R_work 
_refine_ls_shell.pdbx_total_number_of_bins_used 
_refine_ls_shell.pdbx_phase_error 
_refine_ls_shell.pdbx_fsc_work 
_refine_ls_shell.pdbx_fsc_free 
'X-RAY DIFFRACTION' 1.7592 1.9362  . . 124 2355 94.00 . . . 0.2573 . 0.2162 . . . . . . . . . . 
'X-RAY DIFFRACTION' 1.9362 2.2164  . . 130 2481 99.00 . . . 0.2265 . 0.1650 . . . . . . . . . . 
'X-RAY DIFFRACTION' 2.2164 2.7923  . . 133 2510 99.00 . . . 0.2339 . 0.1618 . . . . . . . . . . 
'X-RAY DIFFRACTION' 2.7923 43.6766 . . 136 2583 98.00 . . . 0.1768 . 0.1411 . . . . . . . . . . 
# 
_struct.entry_id                     4Z8A 
_struct.title                        'SH3-III of Drosophila Rim-binding protein bound to a Cacophony derived peptide' 
_struct.pdbx_model_details           ? 
_struct.pdbx_formula_weight          ? 
_struct.pdbx_formula_weight_method   ? 
_struct.pdbx_model_type_details      ? 
_struct.pdbx_CASP_flag               ? 
# 
_struct_keywords.entry_id        4Z8A 
_struct_keywords.text            'Synapse, Active Zone, SH3 domain, Rim-binding protein, Cacophony peptide' 
_struct_keywords.pdbx_keywords   'rim-binding protein' 
# 
loop_
_struct_asym.id 
_struct_asym.pdbx_blank_PDB_chainid_flag 
_struct_asym.pdbx_modified 
_struct_asym.entity_id 
_struct_asym.details 
A N N 1 ? 
B N N 2 ? 
C N N 3 ? 
D N N 3 ? 
# 
loop_
_struct_ref.id 
_struct_ref.db_name 
_struct_ref.db_code 
_struct_ref.pdbx_db_accession 
_struct_ref.pdbx_db_isoform 
_struct_ref.entity_id 
_struct_ref.pdbx_seq_one_letter_code 
_struct_ref.pdbx_align_begin 
1 UNP A0A0B4JDC9_DROME A0A0B4JDC9 ?        1 PVKRMIALYDYDPQELSPNVDAEQVELCFKTGEIILVYGDMDEDGFYMGELDGVRGLVPSNFLAD 1443 
2 UNP CAC1A_DROME      P91645     P91645-4 2 IGRRLPPTPSKPSTL                                                   1688 
# 
loop_
_struct_ref_seq.align_id 
_struct_ref_seq.ref_id 
_struct_ref_seq.pdbx_PDB_id_code 
_struct_ref_seq.pdbx_strand_id 
_struct_ref_seq.seq_align_beg 
_struct_ref_seq.pdbx_seq_align_beg_ins_code 
_struct_ref_seq.seq_align_end 
_struct_ref_seq.pdbx_seq_align_end_ins_code 
_struct_ref_seq.pdbx_db_accession 
_struct_ref_seq.db_align_beg 
_struct_ref_seq.pdbx_db_align_beg_ins_code 
_struct_ref_seq.db_align_end 
_struct_ref_seq.pdbx_db_align_end_ins_code 
_struct_ref_seq.pdbx_auth_seq_align_beg 
_struct_ref_seq.pdbx_auth_seq_align_end 
1 1 4Z8A A 11 ? 75 ? A0A0B4JDC9 1443 ? 1507 ? 1443 1507 
2 2 4Z8A B 2  ? 16 ? P91645     1688 ? 1702 ? 1685 1699 
# 
loop_
_struct_ref_seq_dif.align_id 
_struct_ref_seq_dif.pdbx_pdb_id_code 
_struct_ref_seq_dif.mon_id 
_struct_ref_seq_dif.pdbx_pdb_strand_id 
_struct_ref_seq_dif.seq_num 
_struct_ref_seq_dif.pdbx_pdb_ins_code 
_struct_ref_seq_dif.pdbx_seq_db_name 
_struct_ref_seq_dif.pdbx_seq_db_accession_code 
_struct_ref_seq_dif.db_mon_id 
_struct_ref_seq_dif.pdbx_seq_db_seq_num 
_struct_ref_seq_dif.details 
_struct_ref_seq_dif.pdbx_auth_seq_num 
_struct_ref_seq_dif.pdbx_ordinal 
1 4Z8A GLY A 1  ? UNP A0A0B4JDC9 ? ? 'expression tag' 1433 1  
1 4Z8A PRO A 2  ? UNP A0A0B4JDC9 ? ? 'expression tag' 1434 2  
1 4Z8A LEU A 3  ? UNP A0A0B4JDC9 ? ? 'expression tag' 1435 3  
1 4Z8A GLY A 4  ? UNP A0A0B4JDC9 ? ? 'expression tag' 1436 4  
1 4Z8A SER A 5  ? UNP A0A0B4JDC9 ? ? 'expression tag' 1437 5  
1 4Z8A PRO A 6  ? UNP A0A0B4JDC9 ? ? 'expression tag' 1438 6  
1 4Z8A GLU A 7  ? UNP A0A0B4JDC9 ? ? 'expression tag' 1439 7  
1 4Z8A PHE A 8  ? UNP A0A0B4JDC9 ? ? 'expression tag' 1440 8  
1 4Z8A ASN A 9  ? UNP A0A0B4JDC9 ? ? 'expression tag' 1441 9  
1 4Z8A ARG A 10 ? UNP A0A0B4JDC9 ? ? 'expression tag' 1442 10 
2 4Z8A ACE B 1  ? UNP P91645     ? ? acetylation      1684 11 
2 4Z8A NH2 B 17 ? UNP P91645     ? ? amidation        1700 12 
# 
_pdbx_struct_assembly.id                   1 
_pdbx_struct_assembly.details              software_defined_assembly 
_pdbx_struct_assembly.method_details       PISA 
_pdbx_struct_assembly.oligomeric_details   dimeric 
_pdbx_struct_assembly.oligomeric_count     2 
# 
loop_
_pdbx_struct_assembly_prop.biol_id 
_pdbx_struct_assembly_prop.type 
_pdbx_struct_assembly_prop.value 
_pdbx_struct_assembly_prop.details 
1 'ABSA (A^2)' 1550 ? 
1 MORE         -8   ? 
1 'SSA (A^2)'  6600 ? 
# 
_pdbx_struct_assembly_gen.assembly_id       1 
_pdbx_struct_assembly_gen.oper_expression   1 
_pdbx_struct_assembly_gen.asym_id_list      A,B,C,D 
# 
_pdbx_struct_oper_list.id                   1 
_pdbx_struct_oper_list.type                 'identity operation' 
_pdbx_struct_oper_list.name                 1_555 
_pdbx_struct_oper_list.symmetry_operation   x,y,z 
_pdbx_struct_oper_list.matrix[1][1]         1.0000000000 
_pdbx_struct_oper_list.matrix[1][2]         0.0000000000 
_pdbx_struct_oper_list.matrix[1][3]         0.0000000000 
_pdbx_struct_oper_list.vector[1]            0.0000000000 
_pdbx_struct_oper_list.matrix[2][1]         0.0000000000 
_pdbx_struct_oper_list.matrix[2][2]         1.0000000000 
_pdbx_struct_oper_list.matrix[2][3]         0.0000000000 
_pdbx_struct_oper_list.vector[2]            0.0000000000 
_pdbx_struct_oper_list.matrix[3][1]         0.0000000000 
_pdbx_struct_oper_list.matrix[3][2]         0.0000000000 
_pdbx_struct_oper_list.matrix[3][3]         1.0000000000 
_pdbx_struct_oper_list.vector[3]            0.0000000000 
# 
loop_
_struct_conf.conf_type_id 
_struct_conf.id 
_struct_conf.pdbx_PDB_helix_id 
_struct_conf.beg_label_comp_id 
_struct_conf.beg_label_asym_id 
_struct_conf.beg_label_seq_id 
_struct_conf.pdbx_beg_PDB_ins_code 
_struct_conf.end_label_comp_id 
_struct_conf.end_label_asym_id 
_struct_conf.end_label_seq_id 
_struct_conf.pdbx_end_PDB_ins_code 
_struct_conf.beg_auth_comp_id 
_struct_conf.beg_auth_asym_id 
_struct_conf.beg_auth_seq_id 
_struct_conf.end_auth_comp_id 
_struct_conf.end_auth_asym_id 
_struct_conf.end_auth_seq_id 
_struct_conf.pdbx_PDB_helix_class 
_struct_conf.details 
_struct_conf.pdbx_PDB_helix_length 
HELX_P HELX_P1 AA1 ASP A 22 ? SER A 27 ? ASP A 1454 SER A 1459 1 ? 6 
HELX_P HELX_P2 AA2 ASP A 31 ? GLU A 36 ? ASP A 1463 GLU A 1468 1 ? 6 
HELX_P HELX_P3 AA3 ASN A 71 ? LEU A 73 ? ASN A 1503 LEU A 1505 5 ? 3 
# 
_struct_conf_type.id          HELX_P 
_struct_conf_type.criteria    ? 
_struct_conf_type.reference   ? 
# 
loop_
_struct_conn.id 
_struct_conn.conn_type_id 
_struct_conn.pdbx_leaving_atom_flag 
_struct_conn.pdbx_PDB_id 
_struct_conn.ptnr1_label_asym_id 
_struct_conn.ptnr1_label_comp_id 
_struct_conn.ptnr1_label_seq_id 
_struct_conn.ptnr1_label_atom_id 
_struct_conn.pdbx_ptnr1_label_alt_id 
_struct_conn.pdbx_ptnr1_PDB_ins_code 
_struct_conn.pdbx_ptnr1_standard_comp_id 
_struct_conn.ptnr1_symmetry 
_struct_conn.ptnr2_label_asym_id 
_struct_conn.ptnr2_label_comp_id 
_struct_conn.ptnr2_label_seq_id 
_struct_conn.ptnr2_label_atom_id 
_struct_conn.pdbx_ptnr2_label_alt_id 
_struct_conn.pdbx_ptnr2_PDB_ins_code 
_struct_conn.ptnr1_auth_asym_id 
_struct_conn.ptnr1_auth_comp_id 
_struct_conn.ptnr1_auth_seq_id 
_struct_conn.ptnr2_auth_asym_id 
_struct_conn.ptnr2_auth_comp_id 
_struct_conn.ptnr2_auth_seq_id 
_struct_conn.ptnr2_symmetry 
_struct_conn.pdbx_ptnr3_label_atom_id 
_struct_conn.pdbx_ptnr3_label_seq_id 
_struct_conn.pdbx_ptnr3_label_comp_id 
_struct_conn.pdbx_ptnr3_label_asym_id 
_struct_conn.pdbx_ptnr3_label_alt_id 
_struct_conn.pdbx_ptnr3_PDB_ins_code 
_struct_conn.details 
_struct_conn.pdbx_dist_value 
_struct_conn.pdbx_value_order 
_struct_conn.pdbx_role 
covale1 covale both ? B ACE 1  C ? ? ? 1_555 B ILE 2  N ? ? B ACE 1684 B ILE 1685 1_555 ? ? ? ? ? ? ? 1.327 ? ? 
covale2 covale both ? B LEU 16 C ? ? ? 1_555 B NH2 17 N ? ? B LEU 1699 B NH2 1700 1_555 ? ? ? ? ? ? ? 1.330 ? ? 
# 
_struct_conn_type.id          covale 
_struct_conn_type.criteria    ? 
_struct_conn_type.reference   ? 
# 
loop_
_pdbx_modification_feature.ordinal 
_pdbx_modification_feature.label_comp_id 
_pdbx_modification_feature.label_asym_id 
_pdbx_modification_feature.label_seq_id 
_pdbx_modification_feature.label_alt_id 
_pdbx_modification_feature.modified_residue_label_comp_id 
_pdbx_modification_feature.modified_residue_label_asym_id 
_pdbx_modification_feature.modified_residue_label_seq_id 
_pdbx_modification_feature.modified_residue_label_alt_id 
_pdbx_modification_feature.auth_comp_id 
_pdbx_modification_feature.auth_asym_id 
_pdbx_modification_feature.auth_seq_id 
_pdbx_modification_feature.PDB_ins_code 
_pdbx_modification_feature.symmetry 
_pdbx_modification_feature.modified_residue_auth_comp_id 
_pdbx_modification_feature.modified_residue_auth_asym_id 
_pdbx_modification_feature.modified_residue_auth_seq_id 
_pdbx_modification_feature.modified_residue_PDB_ins_code 
_pdbx_modification_feature.modified_residue_symmetry 
_pdbx_modification_feature.comp_id_linking_atom 
_pdbx_modification_feature.modified_residue_id_linking_atom 
_pdbx_modification_feature.modified_residue_id 
_pdbx_modification_feature.ref_pcm_id 
_pdbx_modification_feature.ref_comp_id 
_pdbx_modification_feature.type 
_pdbx_modification_feature.category 
1 ACE B 1  ? ILE B 2  ? ACE B 1684 ? 1_555 ILE B 1685 ? 1_555 . . ILE 3  ACE None 'Terminal acetylation' 
2 NH2 B 17 ? LEU B 16 ? NH2 B 1700 ? 1_555 LEU B 1699 ? 1_555 . . LEU 14 NH2 None 'Terminal amidation'   
# 
_struct_sheet.id               AA1 
_struct_sheet.type             ? 
_struct_sheet.number_strands   4 
_struct_sheet.details          ? 
# 
loop_
_struct_sheet_order.sheet_id 
_struct_sheet_order.range_id_1 
_struct_sheet_order.range_id_2 
_struct_sheet_order.offset 
_struct_sheet_order.sense 
AA1 1 2 ? anti-parallel 
AA1 2 3 ? anti-parallel 
AA1 3 4 ? anti-parallel 
# 
loop_
_struct_sheet_range.sheet_id 
_struct_sheet_range.id 
_struct_sheet_range.beg_label_comp_id 
_struct_sheet_range.beg_label_asym_id 
_struct_sheet_range.beg_label_seq_id 
_struct_sheet_range.pdbx_beg_PDB_ins_code 
_struct_sheet_range.end_label_comp_id 
_struct_sheet_range.end_label_asym_id 
_struct_sheet_range.end_label_seq_id 
_struct_sheet_range.pdbx_end_PDB_ins_code 
_struct_sheet_range.beg_auth_comp_id 
_struct_sheet_range.beg_auth_asym_id 
_struct_sheet_range.beg_auth_seq_id 
_struct_sheet_range.end_auth_comp_id 
_struct_sheet_range.end_auth_asym_id 
_struct_sheet_range.end_auth_seq_id 
AA1 1 VAL A 12 ? ILE A 16 ? VAL A 1444 ILE A 1448 
AA1 2 ILE A 44 ? TYR A 48 ? ILE A 1476 TYR A 1480 
AA1 3 PHE A 56 ? LEU A 61 ? PHE A 1488 LEU A 1493 
AA1 4 VAL A 64 ? PRO A 69 ? VAL A 1496 PRO A 1501 
# 
loop_
_pdbx_struct_sheet_hbond.sheet_id 
_pdbx_struct_sheet_hbond.range_id_1 
_pdbx_struct_sheet_hbond.range_id_2 
_pdbx_struct_sheet_hbond.range_1_label_atom_id 
_pdbx_struct_sheet_hbond.range_1_label_comp_id 
_pdbx_struct_sheet_hbond.range_1_label_asym_id 
_pdbx_struct_sheet_hbond.range_1_label_seq_id 
_pdbx_struct_sheet_hbond.range_1_PDB_ins_code 
_pdbx_struct_sheet_hbond.range_1_auth_atom_id 
_pdbx_struct_sheet_hbond.range_1_auth_comp_id 
_pdbx_struct_sheet_hbond.range_1_auth_asym_id 
_pdbx_struct_sheet_hbond.range_1_auth_seq_id 
_pdbx_struct_sheet_hbond.range_2_label_atom_id 
_pdbx_struct_sheet_hbond.range_2_label_comp_id 
_pdbx_struct_sheet_hbond.range_2_label_asym_id 
_pdbx_struct_sheet_hbond.range_2_label_seq_id 
_pdbx_struct_sheet_hbond.range_2_PDB_ins_code 
_pdbx_struct_sheet_hbond.range_2_auth_atom_id 
_pdbx_struct_sheet_hbond.range_2_auth_comp_id 
_pdbx_struct_sheet_hbond.range_2_auth_asym_id 
_pdbx_struct_sheet_hbond.range_2_auth_seq_id 
AA1 1 2 N LYS A 13 ? N LYS A 1445 O VAL A 47 ? O VAL A 1479 
AA1 2 3 N TYR A 48 ? N TYR A 1480 O MET A 58 ? O MET A 1490 
AA1 3 4 N LEU A 61 ? N LEU A 1493 O VAL A 64 ? O VAL A 1496 
# 
_pdbx_entry_details.entry_id                   4Z8A 
_pdbx_entry_details.compound_details           ? 
_pdbx_entry_details.source_details             ? 
_pdbx_entry_details.nonpolymer_details         ? 
_pdbx_entry_details.sequence_details           ? 
_pdbx_entry_details.has_ligand_of_interest     ? 
_pdbx_entry_details.has_protein_modification   Y 
# 
loop_
_pdbx_validate_symm_contact.id 
_pdbx_validate_symm_contact.PDB_model_num 
_pdbx_validate_symm_contact.auth_atom_id_1 
_pdbx_validate_symm_contact.auth_asym_id_1 
_pdbx_validate_symm_contact.auth_comp_id_1 
_pdbx_validate_symm_contact.auth_seq_id_1 
_pdbx_validate_symm_contact.PDB_ins_code_1 
_pdbx_validate_symm_contact.label_alt_id_1 
_pdbx_validate_symm_contact.site_symmetry_1 
_pdbx_validate_symm_contact.auth_atom_id_2 
_pdbx_validate_symm_contact.auth_asym_id_2 
_pdbx_validate_symm_contact.auth_comp_id_2 
_pdbx_validate_symm_contact.auth_seq_id_2 
_pdbx_validate_symm_contact.PDB_ins_code_2 
_pdbx_validate_symm_contact.label_alt_id_2 
_pdbx_validate_symm_contact.site_symmetry_2 
_pdbx_validate_symm_contact.dist 
1 1 O A HOH 1651 ? ? 1_555 O B HOH 1822 ? ? 7_545 2.16 
2 1 O A HOH 1668 ? ? 1_555 O A HOH 1670 ? ? 8_555 2.18 
# 
loop_
_pdbx_struct_special_symmetry.id 
_pdbx_struct_special_symmetry.PDB_model_num 
_pdbx_struct_special_symmetry.auth_asym_id 
_pdbx_struct_special_symmetry.auth_comp_id 
_pdbx_struct_special_symmetry.auth_seq_id 
_pdbx_struct_special_symmetry.PDB_ins_code 
_pdbx_struct_special_symmetry.label_asym_id 
_pdbx_struct_special_symmetry.label_comp_id 
_pdbx_struct_special_symmetry.label_seq_id 
1 1 A HOH 1654 ? C HOH . 
2 1 B HOH 1832 ? D HOH . 
# 
_pdbx_distant_solvent_atoms.id                                1 
_pdbx_distant_solvent_atoms.PDB_model_num                     1 
_pdbx_distant_solvent_atoms.auth_atom_id                      O 
_pdbx_distant_solvent_atoms.label_alt_id                      ? 
_pdbx_distant_solvent_atoms.auth_asym_id                      A 
_pdbx_distant_solvent_atoms.auth_comp_id                      HOH 
_pdbx_distant_solvent_atoms.auth_seq_id                       1678 
_pdbx_distant_solvent_atoms.PDB_ins_code                      ? 
_pdbx_distant_solvent_atoms.neighbor_macromolecule_distance   6.70 
_pdbx_distant_solvent_atoms.neighbor_ligand_distance          . 
# 
loop_
_chem_comp_atom.comp_id 
_chem_comp_atom.atom_id 
_chem_comp_atom.type_symbol 
_chem_comp_atom.pdbx_aromatic_flag 
_chem_comp_atom.pdbx_stereo_config 
_chem_comp_atom.pdbx_ordinal 
ACE C    C N N 1   
ACE O    O N N 2   
ACE CH3  C N N 3   
ACE H    H N N 4   
ACE H1   H N N 5   
ACE H2   H N N 6   
ACE H3   H N N 7   
ALA N    N N N 8   
ALA CA   C N S 9   
ALA C    C N N 10  
ALA O    O N N 11  
ALA CB   C N N 12  
ALA OXT  O N N 13  
ALA H    H N N 14  
ALA H2   H N N 15  
ALA HA   H N N 16  
ALA HB1  H N N 17  
ALA HB2  H N N 18  
ALA HB3  H N N 19  
ALA HXT  H N N 20  
ARG N    N N N 21  
ARG CA   C N S 22  
ARG C    C N N 23  
ARG O    O N N 24  
ARG CB   C N N 25  
ARG CG   C N N 26  
ARG CD   C N N 27  
ARG NE   N N N 28  
ARG CZ   C N N 29  
ARG NH1  N N N 30  
ARG NH2  N N N 31  
ARG OXT  O N N 32  
ARG H    H N N 33  
ARG H2   H N N 34  
ARG HA   H N N 35  
ARG HB2  H N N 36  
ARG HB3  H N N 37  
ARG HG2  H N N 38  
ARG HG3  H N N 39  
ARG HD2  H N N 40  
ARG HD3  H N N 41  
ARG HE   H N N 42  
ARG HH11 H N N 43  
ARG HH12 H N N 44  
ARG HH21 H N N 45  
ARG HH22 H N N 46  
ARG HXT  H N N 47  
ASN N    N N N 48  
ASN CA   C N S 49  
ASN C    C N N 50  
ASN O    O N N 51  
ASN CB   C N N 52  
ASN CG   C N N 53  
ASN OD1  O N N 54  
ASN ND2  N N N 55  
ASN OXT  O N N 56  
ASN H    H N N 57  
ASN H2   H N N 58  
ASN HA   H N N 59  
ASN HB2  H N N 60  
ASN HB3  H N N 61  
ASN HD21 H N N 62  
ASN HD22 H N N 63  
ASN HXT  H N N 64  
ASP N    N N N 65  
ASP CA   C N S 66  
ASP C    C N N 67  
ASP O    O N N 68  
ASP CB   C N N 69  
ASP CG   C N N 70  
ASP OD1  O N N 71  
ASP OD2  O N N 72  
ASP OXT  O N N 73  
ASP H    H N N 74  
ASP H2   H N N 75  
ASP HA   H N N 76  
ASP HB2  H N N 77  
ASP HB3  H N N 78  
ASP HD2  H N N 79  
ASP HXT  H N N 80  
CYS N    N N N 81  
CYS CA   C N R 82  
CYS C    C N N 83  
CYS O    O N N 84  
CYS CB   C N N 85  
CYS SG   S N N 86  
CYS OXT  O N N 87  
CYS H    H N N 88  
CYS H2   H N N 89  
CYS HA   H N N 90  
CYS HB2  H N N 91  
CYS HB3  H N N 92  
CYS HG   H N N 93  
CYS HXT  H N N 94  
GLN N    N N N 95  
GLN CA   C N S 96  
GLN C    C N N 97  
GLN O    O N N 98  
GLN CB   C N N 99  
GLN CG   C N N 100 
GLN CD   C N N 101 
GLN OE1  O N N 102 
GLN NE2  N N N 103 
GLN OXT  O N N 104 
GLN H    H N N 105 
GLN H2   H N N 106 
GLN HA   H N N 107 
GLN HB2  H N N 108 
GLN HB3  H N N 109 
GLN HG2  H N N 110 
GLN HG3  H N N 111 
GLN HE21 H N N 112 
GLN HE22 H N N 113 
GLN HXT  H N N 114 
GLU N    N N N 115 
GLU CA   C N S 116 
GLU C    C N N 117 
GLU O    O N N 118 
GLU CB   C N N 119 
GLU CG   C N N 120 
GLU CD   C N N 121 
GLU OE1  O N N 122 
GLU OE2  O N N 123 
GLU OXT  O N N 124 
GLU H    H N N 125 
GLU H2   H N N 126 
GLU HA   H N N 127 
GLU HB2  H N N 128 
GLU HB3  H N N 129 
GLU HG2  H N N 130 
GLU HG3  H N N 131 
GLU HE2  H N N 132 
GLU HXT  H N N 133 
GLY N    N N N 134 
GLY CA   C N N 135 
GLY C    C N N 136 
GLY O    O N N 137 
GLY OXT  O N N 138 
GLY H    H N N 139 
GLY H2   H N N 140 
GLY HA2  H N N 141 
GLY HA3  H N N 142 
GLY HXT  H N N 143 
HOH O    O N N 144 
HOH H1   H N N 145 
HOH H2   H N N 146 
ILE N    N N N 147 
ILE CA   C N S 148 
ILE C    C N N 149 
ILE O    O N N 150 
ILE CB   C N S 151 
ILE CG1  C N N 152 
ILE CG2  C N N 153 
ILE CD1  C N N 154 
ILE OXT  O N N 155 
ILE H    H N N 156 
ILE H2   H N N 157 
ILE HA   H N N 158 
ILE HB   H N N 159 
ILE HG12 H N N 160 
ILE HG13 H N N 161 
ILE HG21 H N N 162 
ILE HG22 H N N 163 
ILE HG23 H N N 164 
ILE HD11 H N N 165 
ILE HD12 H N N 166 
ILE HD13 H N N 167 
ILE HXT  H N N 168 
LEU N    N N N 169 
LEU CA   C N S 170 
LEU C    C N N 171 
LEU O    O N N 172 
LEU CB   C N N 173 
LEU CG   C N N 174 
LEU CD1  C N N 175 
LEU CD2  C N N 176 
LEU OXT  O N N 177 
LEU H    H N N 178 
LEU H2   H N N 179 
LEU HA   H N N 180 
LEU HB2  H N N 181 
LEU HB3  H N N 182 
LEU HG   H N N 183 
LEU HD11 H N N 184 
LEU HD12 H N N 185 
LEU HD13 H N N 186 
LEU HD21 H N N 187 
LEU HD22 H N N 188 
LEU HD23 H N N 189 
LEU HXT  H N N 190 
LYS N    N N N 191 
LYS CA   C N S 192 
LYS C    C N N 193 
LYS O    O N N 194 
LYS CB   C N N 195 
LYS CG   C N N 196 
LYS CD   C N N 197 
LYS CE   C N N 198 
LYS NZ   N N N 199 
LYS OXT  O N N 200 
LYS H    H N N 201 
LYS H2   H N N 202 
LYS HA   H N N 203 
LYS HB2  H N N 204 
LYS HB3  H N N 205 
LYS HG2  H N N 206 
LYS HG3  H N N 207 
LYS HD2  H N N 208 
LYS HD3  H N N 209 
LYS HE2  H N N 210 
LYS HE3  H N N 211 
LYS HZ1  H N N 212 
LYS HZ2  H N N 213 
LYS HZ3  H N N 214 
LYS HXT  H N N 215 
MET N    N N N 216 
MET CA   C N S 217 
MET C    C N N 218 
MET O    O N N 219 
MET CB   C N N 220 
MET CG   C N N 221 
MET SD   S N N 222 
MET CE   C N N 223 
MET OXT  O N N 224 
MET H    H N N 225 
MET H2   H N N 226 
MET HA   H N N 227 
MET HB2  H N N 228 
MET HB3  H N N 229 
MET HG2  H N N 230 
MET HG3  H N N 231 
MET HE1  H N N 232 
MET HE2  H N N 233 
MET HE3  H N N 234 
MET HXT  H N N 235 
NH2 N    N N N 236 
NH2 HN1  H N N 237 
NH2 HN2  H N N 238 
PHE N    N N N 239 
PHE CA   C N S 240 
PHE C    C N N 241 
PHE O    O N N 242 
PHE CB   C N N 243 
PHE CG   C Y N 244 
PHE CD1  C Y N 245 
PHE CD2  C Y N 246 
PHE CE1  C Y N 247 
PHE CE2  C Y N 248 
PHE CZ   C Y N 249 
PHE OXT  O N N 250 
PHE H    H N N 251 
PHE H2   H N N 252 
PHE HA   H N N 253 
PHE HB2  H N N 254 
PHE HB3  H N N 255 
PHE HD1  H N N 256 
PHE HD2  H N N 257 
PHE HE1  H N N 258 
PHE HE2  H N N 259 
PHE HZ   H N N 260 
PHE HXT  H N N 261 
PRO N    N N N 262 
PRO CA   C N S 263 
PRO C    C N N 264 
PRO O    O N N 265 
PRO CB   C N N 266 
PRO CG   C N N 267 
PRO CD   C N N 268 
PRO OXT  O N N 269 
PRO H    H N N 270 
PRO HA   H N N 271 
PRO HB2  H N N 272 
PRO HB3  H N N 273 
PRO HG2  H N N 274 
PRO HG3  H N N 275 
PRO HD2  H N N 276 
PRO HD3  H N N 277 
PRO HXT  H N N 278 
SER N    N N N 279 
SER CA   C N S 280 
SER C    C N N 281 
SER O    O N N 282 
SER CB   C N N 283 
SER OG   O N N 284 
SER OXT  O N N 285 
SER H    H N N 286 
SER H2   H N N 287 
SER HA   H N N 288 
SER HB2  H N N 289 
SER HB3  H N N 290 
SER HG   H N N 291 
SER HXT  H N N 292 
THR N    N N N 293 
THR CA   C N S 294 
THR C    C N N 295 
THR O    O N N 296 
THR CB   C N R 297 
THR OG1  O N N 298 
THR CG2  C N N 299 
THR OXT  O N N 300 
THR H    H N N 301 
THR H2   H N N 302 
THR HA   H N N 303 
THR HB   H N N 304 
THR HG1  H N N 305 
THR HG21 H N N 306 
THR HG22 H N N 307 
THR HG23 H N N 308 
THR HXT  H N N 309 
TYR N    N N N 310 
TYR CA   C N S 311 
TYR C    C N N 312 
TYR O    O N N 313 
TYR CB   C N N 314 
TYR CG   C Y N 315 
TYR CD1  C Y N 316 
TYR CD2  C Y N 317 
TYR CE1  C Y N 318 
TYR CE2  C Y N 319 
TYR CZ   C Y N 320 
TYR OH   O N N 321 
TYR OXT  O N N 322 
TYR H    H N N 323 
TYR H2   H N N 324 
TYR HA   H N N 325 
TYR HB2  H N N 326 
TYR HB3  H N N 327 
TYR HD1  H N N 328 
TYR HD2  H N N 329 
TYR HE1  H N N 330 
TYR HE2  H N N 331 
TYR HH   H N N 332 
TYR HXT  H N N 333 
VAL N    N N N 334 
VAL CA   C N S 335 
VAL C    C N N 336 
VAL O    O N N 337 
VAL CB   C N N 338 
VAL CG1  C N N 339 
VAL CG2  C N N 340 
VAL OXT  O N N 341 
VAL H    H N N 342 
VAL H2   H N N 343 
VAL HA   H N N 344 
VAL HB   H N N 345 
VAL HG11 H N N 346 
VAL HG12 H N N 347 
VAL HG13 H N N 348 
VAL HG21 H N N 349 
VAL HG22 H N N 350 
VAL HG23 H N N 351 
VAL HXT  H N N 352 
# 
loop_
_chem_comp_bond.comp_id 
_chem_comp_bond.atom_id_1 
_chem_comp_bond.atom_id_2 
_chem_comp_bond.value_order 
_chem_comp_bond.pdbx_aromatic_flag 
_chem_comp_bond.pdbx_stereo_config 
_chem_comp_bond.pdbx_ordinal 
ACE C   O    doub N N 1   
ACE C   CH3  sing N N 2   
ACE C   H    sing N N 3   
ACE CH3 H1   sing N N 4   
ACE CH3 H2   sing N N 5   
ACE CH3 H3   sing N N 6   
ALA N   CA   sing N N 7   
ALA N   H    sing N N 8   
ALA N   H2   sing N N 9   
ALA CA  C    sing N N 10  
ALA CA  CB   sing N N 11  
ALA CA  HA   sing N N 12  
ALA C   O    doub N N 13  
ALA C   OXT  sing N N 14  
ALA CB  HB1  sing N N 15  
ALA CB  HB2  sing N N 16  
ALA CB  HB3  sing N N 17  
ALA OXT HXT  sing N N 18  
ARG N   CA   sing N N 19  
ARG N   H    sing N N 20  
ARG N   H2   sing N N 21  
ARG CA  C    sing N N 22  
ARG CA  CB   sing N N 23  
ARG CA  HA   sing N N 24  
ARG C   O    doub N N 25  
ARG C   OXT  sing N N 26  
ARG CB  CG   sing N N 27  
ARG CB  HB2  sing N N 28  
ARG CB  HB3  sing N N 29  
ARG CG  CD   sing N N 30  
ARG CG  HG2  sing N N 31  
ARG CG  HG3  sing N N 32  
ARG CD  NE   sing N N 33  
ARG CD  HD2  sing N N 34  
ARG CD  HD3  sing N N 35  
ARG NE  CZ   sing N N 36  
ARG NE  HE   sing N N 37  
ARG CZ  NH1  sing N N 38  
ARG CZ  NH2  doub N N 39  
ARG NH1 HH11 sing N N 40  
ARG NH1 HH12 sing N N 41  
ARG NH2 HH21 sing N N 42  
ARG NH2 HH22 sing N N 43  
ARG OXT HXT  sing N N 44  
ASN N   CA   sing N N 45  
ASN N   H    sing N N 46  
ASN N   H2   sing N N 47  
ASN CA  C    sing N N 48  
ASN CA  CB   sing N N 49  
ASN CA  HA   sing N N 50  
ASN C   O    doub N N 51  
ASN C   OXT  sing N N 52  
ASN CB  CG   sing N N 53  
ASN CB  HB2  sing N N 54  
ASN CB  HB3  sing N N 55  
ASN CG  OD1  doub N N 56  
ASN CG  ND2  sing N N 57  
ASN ND2 HD21 sing N N 58  
ASN ND2 HD22 sing N N 59  
ASN OXT HXT  sing N N 60  
ASP N   CA   sing N N 61  
ASP N   H    sing N N 62  
ASP N   H2   sing N N 63  
ASP CA  C    sing N N 64  
ASP CA  CB   sing N N 65  
ASP CA  HA   sing N N 66  
ASP C   O    doub N N 67  
ASP C   OXT  sing N N 68  
ASP CB  CG   sing N N 69  
ASP CB  HB2  sing N N 70  
ASP CB  HB3  sing N N 71  
ASP CG  OD1  doub N N 72  
ASP CG  OD2  sing N N 73  
ASP OD2 HD2  sing N N 74  
ASP OXT HXT  sing N N 75  
CYS N   CA   sing N N 76  
CYS N   H    sing N N 77  
CYS N   H2   sing N N 78  
CYS CA  C    sing N N 79  
CYS CA  CB   sing N N 80  
CYS CA  HA   sing N N 81  
CYS C   O    doub N N 82  
CYS C   OXT  sing N N 83  
CYS CB  SG   sing N N 84  
CYS CB  HB2  sing N N 85  
CYS CB  HB3  sing N N 86  
CYS SG  HG   sing N N 87  
CYS OXT HXT  sing N N 88  
GLN N   CA   sing N N 89  
GLN N   H    sing N N 90  
GLN N   H2   sing N N 91  
GLN CA  C    sing N N 92  
GLN CA  CB   sing N N 93  
GLN CA  HA   sing N N 94  
GLN C   O    doub N N 95  
GLN C   OXT  sing N N 96  
GLN CB  CG   sing N N 97  
GLN CB  HB2  sing N N 98  
GLN CB  HB3  sing N N 99  
GLN CG  CD   sing N N 100 
GLN CG  HG2  sing N N 101 
GLN CG  HG3  sing N N 102 
GLN CD  OE1  doub N N 103 
GLN CD  NE2  sing N N 104 
GLN NE2 HE21 sing N N 105 
GLN NE2 HE22 sing N N 106 
GLN OXT HXT  sing N N 107 
GLU N   CA   sing N N 108 
GLU N   H    sing N N 109 
GLU N   H2   sing N N 110 
GLU CA  C    sing N N 111 
GLU CA  CB   sing N N 112 
GLU CA  HA   sing N N 113 
GLU C   O    doub N N 114 
GLU C   OXT  sing N N 115 
GLU CB  CG   sing N N 116 
GLU CB  HB2  sing N N 117 
GLU CB  HB3  sing N N 118 
GLU CG  CD   sing N N 119 
GLU CG  HG2  sing N N 120 
GLU CG  HG3  sing N N 121 
GLU CD  OE1  doub N N 122 
GLU CD  OE2  sing N N 123 
GLU OE2 HE2  sing N N 124 
GLU OXT HXT  sing N N 125 
GLY N   CA   sing N N 126 
GLY N   H    sing N N 127 
GLY N   H2   sing N N 128 
GLY CA  C    sing N N 129 
GLY CA  HA2  sing N N 130 
GLY CA  HA3  sing N N 131 
GLY C   O    doub N N 132 
GLY C   OXT  sing N N 133 
GLY OXT HXT  sing N N 134 
HOH O   H1   sing N N 135 
HOH O   H2   sing N N 136 
ILE N   CA   sing N N 137 
ILE N   H    sing N N 138 
ILE N   H2   sing N N 139 
ILE CA  C    sing N N 140 
ILE CA  CB   sing N N 141 
ILE CA  HA   sing N N 142 
ILE C   O    doub N N 143 
ILE C   OXT  sing N N 144 
ILE CB  CG1  sing N N 145 
ILE CB  CG2  sing N N 146 
ILE CB  HB   sing N N 147 
ILE CG1 CD1  sing N N 148 
ILE CG1 HG12 sing N N 149 
ILE CG1 HG13 sing N N 150 
ILE CG2 HG21 sing N N 151 
ILE CG2 HG22 sing N N 152 
ILE CG2 HG23 sing N N 153 
ILE CD1 HD11 sing N N 154 
ILE CD1 HD12 sing N N 155 
ILE CD1 HD13 sing N N 156 
ILE OXT HXT  sing N N 157 
LEU N   CA   sing N N 158 
LEU N   H    sing N N 159 
LEU N   H2   sing N N 160 
LEU CA  C    sing N N 161 
LEU CA  CB   sing N N 162 
LEU CA  HA   sing N N 163 
LEU C   O    doub N N 164 
LEU C   OXT  sing N N 165 
LEU CB  CG   sing N N 166 
LEU CB  HB2  sing N N 167 
LEU CB  HB3  sing N N 168 
LEU CG  CD1  sing N N 169 
LEU CG  CD2  sing N N 170 
LEU CG  HG   sing N N 171 
LEU CD1 HD11 sing N N 172 
LEU CD1 HD12 sing N N 173 
LEU CD1 HD13 sing N N 174 
LEU CD2 HD21 sing N N 175 
LEU CD2 HD22 sing N N 176 
LEU CD2 HD23 sing N N 177 
LEU OXT HXT  sing N N 178 
LYS N   CA   sing N N 179 
LYS N   H    sing N N 180 
LYS N   H2   sing N N 181 
LYS CA  C    sing N N 182 
LYS CA  CB   sing N N 183 
LYS CA  HA   sing N N 184 
LYS C   O    doub N N 185 
LYS C   OXT  sing N N 186 
LYS CB  CG   sing N N 187 
LYS CB  HB2  sing N N 188 
LYS CB  HB3  sing N N 189 
LYS CG  CD   sing N N 190 
LYS CG  HG2  sing N N 191 
LYS CG  HG3  sing N N 192 
LYS CD  CE   sing N N 193 
LYS CD  HD2  sing N N 194 
LYS CD  HD3  sing N N 195 
LYS CE  NZ   sing N N 196 
LYS CE  HE2  sing N N 197 
LYS CE  HE3  sing N N 198 
LYS NZ  HZ1  sing N N 199 
LYS NZ  HZ2  sing N N 200 
LYS NZ  HZ3  sing N N 201 
LYS OXT HXT  sing N N 202 
MET N   CA   sing N N 203 
MET N   H    sing N N 204 
MET N   H2   sing N N 205 
MET CA  C    sing N N 206 
MET CA  CB   sing N N 207 
MET CA  HA   sing N N 208 
MET C   O    doub N N 209 
MET C   OXT  sing N N 210 
MET CB  CG   sing N N 211 
MET CB  HB2  sing N N 212 
MET CB  HB3  sing N N 213 
MET CG  SD   sing N N 214 
MET CG  HG2  sing N N 215 
MET CG  HG3  sing N N 216 
MET SD  CE   sing N N 217 
MET CE  HE1  sing N N 218 
MET CE  HE2  sing N N 219 
MET CE  HE3  sing N N 220 
MET OXT HXT  sing N N 221 
NH2 N   HN1  sing N N 222 
NH2 N   HN2  sing N N 223 
PHE N   CA   sing N N 224 
PHE N   H    sing N N 225 
PHE N   H2   sing N N 226 
PHE CA  C    sing N N 227 
PHE CA  CB   sing N N 228 
PHE CA  HA   sing N N 229 
PHE C   O    doub N N 230 
PHE C   OXT  sing N N 231 
PHE CB  CG   sing N N 232 
PHE CB  HB2  sing N N 233 
PHE CB  HB3  sing N N 234 
PHE CG  CD1  doub Y N 235 
PHE CG  CD2  sing Y N 236 
PHE CD1 CE1  sing Y N 237 
PHE CD1 HD1  sing N N 238 
PHE CD2 CE2  doub Y N 239 
PHE CD2 HD2  sing N N 240 
PHE CE1 CZ   doub Y N 241 
PHE CE1 HE1  sing N N 242 
PHE CE2 CZ   sing Y N 243 
PHE CE2 HE2  sing N N 244 
PHE CZ  HZ   sing N N 245 
PHE OXT HXT  sing N N 246 
PRO N   CA   sing N N 247 
PRO N   CD   sing N N 248 
PRO N   H    sing N N 249 
PRO CA  C    sing N N 250 
PRO CA  CB   sing N N 251 
PRO CA  HA   sing N N 252 
PRO C   O    doub N N 253 
PRO C   OXT  sing N N 254 
PRO CB  CG   sing N N 255 
PRO CB  HB2  sing N N 256 
PRO CB  HB3  sing N N 257 
PRO CG  CD   sing N N 258 
PRO CG  HG2  sing N N 259 
PRO CG  HG3  sing N N 260 
PRO CD  HD2  sing N N 261 
PRO CD  HD3  sing N N 262 
PRO OXT HXT  sing N N 263 
SER N   CA   sing N N 264 
SER N   H    sing N N 265 
SER N   H2   sing N N 266 
SER CA  C    sing N N 267 
SER CA  CB   sing N N 268 
SER CA  HA   sing N N 269 
SER C   O    doub N N 270 
SER C   OXT  sing N N 271 
SER CB  OG   sing N N 272 
SER CB  HB2  sing N N 273 
SER CB  HB3  sing N N 274 
SER OG  HG   sing N N 275 
SER OXT HXT  sing N N 276 
THR N   CA   sing N N 277 
THR N   H    sing N N 278 
THR N   H2   sing N N 279 
THR CA  C    sing N N 280 
THR CA  CB   sing N N 281 
THR CA  HA   sing N N 282 
THR C   O    doub N N 283 
THR C   OXT  sing N N 284 
THR CB  OG1  sing N N 285 
THR CB  CG2  sing N N 286 
THR CB  HB   sing N N 287 
THR OG1 HG1  sing N N 288 
THR CG2 HG21 sing N N 289 
THR CG2 HG22 sing N N 290 
THR CG2 HG23 sing N N 291 
THR OXT HXT  sing N N 292 
TYR N   CA   sing N N 293 
TYR N   H    sing N N 294 
TYR N   H2   sing N N 295 
TYR CA  C    sing N N 296 
TYR CA  CB   sing N N 297 
TYR CA  HA   sing N N 298 
TYR C   O    doub N N 299 
TYR C   OXT  sing N N 300 
TYR CB  CG   sing N N 301 
TYR CB  HB2  sing N N 302 
TYR CB  HB3  sing N N 303 
TYR CG  CD1  doub Y N 304 
TYR CG  CD2  sing Y N 305 
TYR CD1 CE1  sing Y N 306 
TYR CD1 HD1  sing N N 307 
TYR CD2 CE2  doub Y N 308 
TYR CD2 HD2  sing N N 309 
TYR CE1 CZ   doub Y N 310 
TYR CE1 HE1  sing N N 311 
TYR CE2 CZ   sing Y N 312 
TYR CE2 HE2  sing N N 313 
TYR CZ  OH   sing N N 314 
TYR OH  HH   sing N N 315 
TYR OXT HXT  sing N N 316 
VAL N   CA   sing N N 317 
VAL N   H    sing N N 318 
VAL N   H2   sing N N 319 
VAL CA  C    sing N N 320 
VAL CA  CB   sing N N 321 
VAL CA  HA   sing N N 322 
VAL C   O    doub N N 323 
VAL C   OXT  sing N N 324 
VAL CB  CG1  sing N N 325 
VAL CB  CG2  sing N N 326 
VAL CB  HB   sing N N 327 
VAL CG1 HG11 sing N N 328 
VAL CG1 HG12 sing N N 329 
VAL CG1 HG13 sing N N 330 
VAL CG2 HG21 sing N N 331 
VAL CG2 HG22 sing N N 332 
VAL CG2 HG23 sing N N 333 
VAL OXT HXT  sing N N 334 
# 
_pdbx_audit_support.funding_organization   'German Research Foundation' 
_pdbx_audit_support.country                Germany 
_pdbx_audit_support.grant_number           'SfB 958' 
_pdbx_audit_support.ordinal                1 
# 
_pdbx_initial_refinement_model.id               1 
_pdbx_initial_refinement_model.entity_id_list   ? 
_pdbx_initial_refinement_model.type             'experimental model' 
_pdbx_initial_refinement_model.source_name      PDB 
_pdbx_initial_refinement_model.accession_code   4Z88 
_pdbx_initial_refinement_model.details          ? 
# 
_atom_sites.entry_id                    4Z8A 
_atom_sites.fract_transf_matrix[1][1]   -0.01529874 
_atom_sites.fract_transf_matrix[1][2]   -0.00153006 
_atom_sites.fract_transf_matrix[1][3]   0.01147148 
_atom_sites.fract_transf_matrix[2][1]   -0.00867428 
_atom_sites.fract_transf_matrix[2][2]   0.01295248 
_atom_sites.fract_transf_matrix[2][3]   -0.00984071 
_atom_sites.fract_transf_matrix[3][1]   -0.00513132 
_atom_sites.fract_transf_matrix[3][2]   -0.00960947 
_atom_sites.fract_transf_matrix[3][3]   -0.00812501 
_atom_sites.fract_transf_vector[1]      0.215558 
_atom_sites.fract_transf_vector[2]      0.153213 
_atom_sites.fract_transf_vector[3]      0.290994 
# 
loop_
_atom_type.symbol 
C 
N 
O 
S 
# 
loop_
_atom_site.group_PDB 
_atom_site.id 
_atom_site.type_symbol 
_atom_site.label_atom_id 
_atom_site.label_alt_id 
_atom_site.label_comp_id 
_atom_site.label_asym_id 
_atom_site.label_entity_id 
_atom_site.label_seq_id 
_atom_site.pdbx_PDB_ins_code 
_atom_site.Cartn_x 
_atom_site.Cartn_y 
_atom_site.Cartn_z 
_atom_site.occupancy 
_atom_site.B_iso_or_equiv 
_atom_site.pdbx_formal_charge 
_atom_site.auth_seq_id 
_atom_site.auth_comp_id 
_atom_site.auth_asym_id 
_atom_site.auth_atom_id 
_atom_site.pdbx_PDB_model_num 
ATOM   1   N N   . GLY A 1 1  ? 1.299   -18.644 -19.006 1.00 17.01 ? 1433 GLY A N   1 
ATOM   2   C CA  . GLY A 1 1  ? -0.099  -18.670 -19.406 1.00 14.56 ? 1433 GLY A CA  1 
ATOM   3   C C   . GLY A 1 1  ? -0.891  -19.635 -18.536 1.00 14.98 ? 1433 GLY A C   1 
ATOM   4   O O   . GLY A 1 1  ? -0.366  -20.173 -17.569 1.00 16.11 ? 1433 GLY A O   1 
ATOM   5   N N   . PRO A 1 2  ? -2.159  -19.876 -18.885 1.00 12.96 ? 1434 PRO A N   1 
ATOM   6   C CA  . PRO A 1 2  ? -2.995  -20.755 -18.055 1.00 10.69 ? 1434 PRO A CA  1 
ATOM   7   C C   . PRO A 1 2  ? -2.534  -22.226 -18.047 1.00 14.92 ? 1434 PRO A C   1 
ATOM   8   O O   . PRO A 1 2  ? -2.714  -22.903 -17.037 1.00 15.45 ? 1434 PRO A O   1 
ATOM   9   C CB  . PRO A 1 2  ? -4.401  -20.616 -18.681 1.00 12.19 ? 1434 PRO A CB  1 
ATOM   10  C CG  . PRO A 1 2  ? -4.196  -19.981 -20.017 1.00 18.02 ? 1434 PRO A CG  1 
ATOM   11  C CD  . PRO A 1 2  ? -2.917  -19.192 -19.953 1.00 15.09 ? 1434 PRO A CD  1 
ATOM   12  N N   . LEU A 1 3  ? -1.923  -22.701 -19.129 1.00 13.23 ? 1435 LEU A N   1 
ATOM   13  C CA  . LEU A 1 3  ? -1.496  -24.097 -19.199 1.00 13.81 ? 1435 LEU A CA  1 
ATOM   14  C C   . LEU A 1 3  ? -0.230  -24.367 -18.385 1.00 15.71 ? 1435 LEU A C   1 
ATOM   15  O O   . LEU A 1 3  ? 0.758   -23.627 -18.478 1.00 13.11 ? 1435 LEU A O   1 
ATOM   16  C CB  . LEU A 1 3  ? -1.270  -24.512 -20.666 1.00 12.84 ? 1435 LEU A CB  1 
ATOM   17  C CG  . LEU A 1 3  ? -0.846  -25.952 -20.955 1.00 15.39 ? 1435 LEU A CG  1 
ATOM   18  C CD1 . LEU A 1 3  ? -1.924  -26.964 -20.550 1.00 13.04 ? 1435 LEU A CD1 1 
ATOM   19  C CD2 . LEU A 1 3  ? -0.480  -26.105 -22.441 1.00 12.14 ? 1435 LEU A CD2 1 
ATOM   20  N N   . GLY A 1 4  ? -0.257  -25.435 -17.592 1.00 10.93 ? 1436 GLY A N   1 
ATOM   21  C CA  . GLY A 1 4  ? 0.963   -25.926 -16.953 1.00 14.95 ? 1436 GLY A CA  1 
ATOM   22  C C   . GLY A 1 4  ? 0.801   -26.030 -15.453 1.00 11.69 ? 1436 GLY A C   1 
ATOM   23  O O   . GLY A 1 4  ? -0.279  -25.791 -14.941 1.00 13.71 ? 1436 GLY A O   1 
ATOM   24  N N   . SER A 1 5  ? 1.875   -26.359 -14.741 1.00 12.41 ? 1437 SER A N   1 
ATOM   25  C CA  . SER A 1 5  ? 1.794   -26.467 -13.284 1.00 9.91  ? 1437 SER A CA  1 
ATOM   26  C C   . SER A 1 5  ? 1.907   -25.124 -12.562 1.00 13.01 ? 1437 SER A C   1 
ATOM   27  O O   . SER A 1 5  ? 2.589   -24.214 -13.016 1.00 17.24 ? 1437 SER A O   1 
ATOM   28  C CB  . SER A 1 5  ? 2.888   -27.428 -12.758 1.00 12.97 ? 1437 SER A CB  1 
ATOM   29  O OG  . SER A 1 5  ? 4.185   -27.006 -13.152 1.00 17.12 ? 1437 SER A OG  1 
ATOM   30  N N   . PRO A 1 6  ? 1.235   -25.005 -11.404 1.00 15.19 ? 1438 PRO A N   1 
ATOM   31  C CA  . PRO A 1 6  ? 1.366   -23.788 -10.603 1.00 19.72 ? 1438 PRO A CA  1 
ATOM   32  C C   . PRO A 1 6  ? 2.819   -23.493 -10.255 1.00 22.74 ? 1438 PRO A C   1 
ATOM   33  O O   . PRO A 1 6  ? 3.598   -24.420 -10.035 1.00 21.76 ? 1438 PRO A O   1 
ATOM   34  C CB  . PRO A 1 6  ? 0.560   -24.103 -9.341  1.00 21.11 ? 1438 PRO A CB  1 
ATOM   35  C CG  . PRO A 1 6  ? -0.436  -25.145 -9.769  1.00 23.26 ? 1438 PRO A CG  1 
ATOM   36  C CD  . PRO A 1 6  ? 0.249   -25.948 -10.851 1.00 17.70 ? 1438 PRO A CD  1 
ATOM   37  N N   . GLU A 1 7  ? 3.165   -22.212 -10.235 1.00 26.97 ? 1439 GLU A N   1 
ATOM   38  C CA  . GLU A 1 7  ? 4.507   -21.752 -9.889  1.00 38.28 ? 1439 GLU A CA  1 
ATOM   39  C C   . GLU A 1 7  ? 4.540   -21.305 -8.439  1.00 33.71 ? 1439 GLU A C   1 
ATOM   40  O O   . GLU A 1 7  ? 3.505   -20.975 -7.866  1.00 36.69 ? 1439 GLU A O   1 
ATOM   41  C CB  . GLU A 1 7  ? 4.944   -20.593 -10.795 1.00 38.96 ? 1439 GLU A CB  1 
ATOM   42  C CG  . GLU A 1 7  ? 4.000   -19.374 -10.741 1.00 63.29 ? 1439 GLU A CG  1 
ATOM   43  C CD  . GLU A 1 7  ? 4.601   -18.096 -11.343 1.00 74.35 ? 1439 GLU A CD  1 
ATOM   44  O OE1 . GLU A 1 7  ? 5.709   -17.696 -10.920 1.00 76.16 ? 1439 GLU A OE1 1 
ATOM   45  O OE2 . GLU A 1 7  ? 3.957   -17.484 -12.228 1.00 72.40 ? 1439 GLU A OE2 1 
ATOM   46  N N   . PHE A 1 8  ? 5.730   -21.285 -7.851  1.00 34.79 ? 1440 PHE A N   1 
ATOM   47  C CA  . PHE A 1 8  ? 5.900   -20.742 -6.509  1.00 37.84 ? 1440 PHE A CA  1 
ATOM   48  C C   . PHE A 1 8  ? 5.418   -19.301 -6.476  1.00 32.19 ? 1440 PHE A C   1 
ATOM   49  O O   . PHE A 1 8  ? 5.797   -18.495 -7.322  1.00 33.94 ? 1440 PHE A O   1 
ATOM   50  C CB  . PHE A 1 8  ? 7.363   -20.817 -6.071  1.00 40.81 ? 1440 PHE A CB  1 
ATOM   51  C CG  . PHE A 1 8  ? 7.616   -20.220 -4.712  1.00 49.14 ? 1440 PHE A CG  1 
ATOM   52  C CD1 . PHE A 1 8  ? 6.877   -20.632 -3.614  1.00 45.56 ? 1440 PHE A CD1 1 
ATOM   53  C CD2 . PHE A 1 8  ? 8.589   -19.247 -4.535  1.00 45.16 ? 1440 PHE A CD2 1 
ATOM   54  C CE1 . PHE A 1 8  ? 7.104   -20.086 -2.360  1.00 49.54 ? 1440 PHE A CE1 1 
ATOM   55  C CE2 . PHE A 1 8  ? 8.823   -18.693 -3.288  1.00 43.30 ? 1440 PHE A CE2 1 
ATOM   56  C CZ  . PHE A 1 8  ? 8.082   -19.115 -2.198  1.00 41.57 ? 1440 PHE A CZ  1 
ATOM   57  N N   A ASN A 1 9  ? 4.591   -19.002 -5.485  0.44 35.34 ? 1441 ASN A N   1 
ATOM   58  N N   B ASN A 1 9  ? 4.544   -18.971 -5.523  0.56 35.33 ? 1441 ASN A N   1 
ATOM   59  C CA  A ASN A 1 9  ? 4.051   -17.672 -5.308  0.44 33.32 ? 1441 ASN A CA  1 
ATOM   60  C CA  B ASN A 1 9  ? 4.041   -17.599 -5.371  0.56 33.26 ? 1441 ASN A CA  1 
ATOM   61  C C   A ASN A 1 9  ? 3.987   -17.323 -3.826  0.44 36.99 ? 1441 ASN A C   1 
ATOM   62  C C   B ASN A 1 9  ? 3.827   -17.197 -3.912  0.56 37.12 ? 1441 ASN A C   1 
ATOM   63  O O   A ASN A 1 9  ? 3.436   -18.076 -3.018  0.44 39.04 ? 1441 ASN A O   1 
ATOM   64  O O   B ASN A 1 9  ? 2.984   -17.773 -3.218  0.56 39.39 ? 1441 ASN A O   1 
ATOM   65  C CB  A ASN A 1 9  ? 2.669   -17.578 -5.948  0.44 36.00 ? 1441 ASN A CB  1 
ATOM   66  C CB  B ASN A 1 9  ? 2.726   -17.411 -6.138  0.56 36.00 ? 1441 ASN A CB  1 
ATOM   67  C CG  A ASN A 1 9  ? 1.670   -18.518 -5.308  0.44 39.02 ? 1441 ASN A CG  1 
ATOM   68  C CG  B ASN A 1 9  ? 2.098   -16.028 -5.907  0.56 35.52 ? 1441 ASN A CG  1 
ATOM   69  O OD1 A ASN A 1 9  ? 0.884   -18.114 -4.453  0.44 35.96 ? 1441 ASN A OD1 1 
ATOM   70  O OD1 B ASN A 1 9  ? 2.579   -15.018 -6.425  0.56 35.06 ? 1441 ASN A OD1 1 
ATOM   71  N ND2 A ASN A 1 9  ? 1.706   -19.786 -5.707  0.44 34.69 ? 1441 ASN A ND2 1 
ATOM   72  N ND2 B ASN A 1 9  ? 1.013   -15.987 -5.133  0.56 35.44 ? 1441 ASN A ND2 1 
ATOM   73  N N   . ARG A 1 10 ? 4.577   -16.192 -3.465  1.00 22.18 ? 1442 ARG A N   1 
ATOM   74  C CA  . ARG A 1 10 ? 4.504   -15.710 -2.089  1.00 22.12 ? 1442 ARG A CA  1 
ATOM   75  C C   . ARG A 1 10 ? 3.218   -14.936 -1.839  1.00 19.22 ? 1442 ARG A C   1 
ATOM   76  O O   . ARG A 1 10 ? 3.018   -13.891 -2.455  1.00 23.32 ? 1442 ARG A O   1 
ATOM   77  C CB  . ARG A 1 10 ? 5.685   -14.801 -1.782  1.00 20.70 ? 1442 ARG A CB  1 
ATOM   78  C CG  . ARG A 1 10 ? 7.003   -15.450 -2.003  1.00 31.08 ? 1442 ARG A CG  1 
ATOM   79  C CD  . ARG A 1 10 ? 8.155   -14.471 -1.817  1.00 22.23 ? 1442 ARG A CD  1 
ATOM   80  N NE  . ARG A 1 10 ? 9.390   -15.232 -1.728  1.00 21.66 ? 1442 ARG A NE  1 
ATOM   81  C CZ  . ARG A 1 10 ? 9.785   -15.827 -0.608  1.00 26.53 ? 1442 ARG A CZ  1 
ATOM   82  N NH1 . ARG A 1 10 ? 9.046   -15.704 0.495   1.00 25.19 ? 1442 ARG A NH1 1 
ATOM   83  N NH2 . ARG A 1 10 ? 10.910  -16.526 -0.579  1.00 29.99 ? 1442 ARG A NH2 1 
ATOM   84  N N   . PRO A 1 11 ? 2.361   -15.422 -0.923  1.00 20.38 ? 1443 PRO A N   1 
ATOM   85  C CA  . PRO A 1 11 ? 1.135   -14.671 -0.616  1.00 19.57 ? 1443 PRO A CA  1 
ATOM   86  C C   . PRO A 1 11 ? 1.374   -13.434 0.243   1.00 21.15 ? 1443 PRO A C   1 
ATOM   87  O O   . PRO A 1 11 ? 0.483   -12.599 0.354   1.00 20.96 ? 1443 PRO A O   1 
ATOM   88  C CB  . PRO A 1 11 ? 0.280   -15.697 0.131   1.00 20.47 ? 1443 PRO A CB  1 
ATOM   89  C CG  . PRO A 1 11 ? 1.275   -16.602 0.778   1.00 29.39 ? 1443 PRO A CG  1 
ATOM   90  C CD  . PRO A 1 11 ? 2.414   -16.704 -0.199  1.00 26.41 ? 1443 PRO A CD  1 
ATOM   91  N N   . VAL A 1 12 ? 2.557   -13.322 0.834   1.00 18.61 ? 1444 VAL A N   1 
ATOM   92  C CA  . VAL A 1 12 ? 2.910   -12.188 1.681   1.00 19.20 ? 1444 VAL A CA  1 
ATOM   93  C C   . VAL A 1 12 ? 4.239   -11.582 1.216   1.00 16.76 ? 1444 VAL A C   1 
ATOM   94  O O   . VAL A 1 12 ? 5.175   -12.316 0.932   1.00 15.41 ? 1444 VAL A O   1 
ATOM   95  C CB  . VAL A 1 12 ? 2.999   -12.630 3.163   1.00 19.80 ? 1444 VAL A CB  1 
ATOM   96  C CG1 . VAL A 1 12 ? 3.466   -11.487 4.034   1.00 18.07 ? 1444 VAL A CG1 1 
ATOM   97  C CG2 . VAL A 1 12 ? 1.632   -13.140 3.636   1.00 16.19 ? 1444 VAL A CG2 1 
ATOM   98  N N   . LYS A 1 13 ? 4.312   -10.252 1.109   1.00 13.12 ? 1445 LYS A N   1 
ATOM   99  C CA  . LYS A 1 13 ? 5.541   -9.574  0.663   1.00 13.33 ? 1445 LYS A CA  1 
ATOM   100 C C   . LYS A 1 13 ? 5.848   -8.471  1.656   1.00 15.85 ? 1445 LYS A C   1 
ATOM   101 O O   . LYS A 1 13 ? 4.934   -7.982  2.314   1.00 14.92 ? 1445 LYS A O   1 
ATOM   102 C CB  . LYS A 1 13 ? 5.386   -8.972  -0.748  1.00 15.44 ? 1445 LYS A CB  1 
ATOM   103 C CG  . LYS A 1 13 ? 5.143   -9.984  -1.866  1.00 13.80 ? 1445 LYS A CG  1 
ATOM   104 C CD  . LYS A 1 13 ? 6.411   -10.744 -2.245  1.00 15.19 ? 1445 LYS A CD  1 
ATOM   105 C CE  . LYS A 1 13 ? 7.349   -9.860  -3.044  1.00 15.26 ? 1445 LYS A CE  1 
ATOM   106 N NZ  . LYS A 1 13 ? 8.371   -10.679 -3.740  1.00 16.76 ? 1445 LYS A NZ  1 
ATOM   107 N N   . ARG A 1 14 ? 7.107   -8.064  1.782   1.00 12.47 ? 1446 ARG A N   1 
ATOM   108 C CA  . ARG A 1 14 ? 7.356   -6.911  2.627   1.00 11.52 ? 1446 ARG A CA  1 
ATOM   109 C C   . ARG A 1 14 ? 7.727   -5.733  1.729   1.00 12.80 ? 1446 ARG A C   1 
ATOM   110 O O   . ARG A 1 14 ? 8.510   -5.862  0.775   1.00 13.69 ? 1446 ARG A O   1 
ATOM   111 C CB  . ARG A 1 14 ? 8.421   -7.214  3.703   1.00 17.97 ? 1446 ARG A CB  1 
ATOM   112 C CG  . ARG A 1 14 ? 9.825   -7.433  3.264   1.00 17.40 ? 1446 ARG A CG  1 
ATOM   113 C CD  . ARG A 1 14 ? 10.750  -7.768  4.498   1.00 13.54 ? 1446 ARG A CD  1 
ATOM   114 N NE  . ARG A 1 14 ? 10.570  -9.132  5.009   1.00 12.69 ? 1446 ARG A NE  1 
ATOM   115 C CZ  . ARG A 1 14 ? 11.484  -10.100 4.927   1.00 15.78 ? 1446 ARG A CZ  1 
ATOM   116 N NH1 . ARG A 1 14 ? 12.669  -9.872  4.353   1.00 14.33 ? 1446 ARG A NH1 1 
ATOM   117 N NH2 . ARG A 1 14 ? 11.226  -11.307 5.419   1.00 15.31 ? 1446 ARG A NH2 1 
ATOM   118 N N   . MET A 1 15 ? 7.113   -4.593  2.014   1.00 12.47 ? 1447 MET A N   1 
ATOM   119 C CA  . MET A 1 15 ? 7.287   -3.416  1.180   1.00 12.13 ? 1447 MET A CA  1 
ATOM   120 C C   . MET A 1 15 ? 7.663   -2.197  2.006   1.00 14.12 ? 1447 MET A C   1 
ATOM   121 O O   . MET A 1 15 ? 7.008   -1.877  2.993   1.00 14.24 ? 1447 MET A O   1 
ATOM   122 C CB  . MET A 1 15 ? 6.010   -3.138  0.392   1.00 11.30 ? 1447 MET A CB  1 
ATOM   123 C CG  . MET A 1 15 ? 5.661   -4.244  -0.593  1.00 11.87 ? 1447 MET A CG  1 
ATOM   124 S SD  . MET A 1 15 ? 4.453   -3.758  -1.837  1.00 19.48 ? 1447 MET A SD  1 
ATOM   125 C CE  . MET A 1 15 ? 5.493   -2.726  -2.894  1.00 17.41 ? 1447 MET A CE  1 
ATOM   126 N N   . ILE A 1 16 ? 8.714   -1.517  1.577   1.00 10.02 ? 1448 ILE A N   1 
ATOM   127 C CA  . ILE A 1 16 ? 9.221   -0.334  2.245   1.00 8.82  ? 1448 ILE A CA  1 
ATOM   128 C C   . ILE A 1 16 ? 8.446   0.928   1.834   1.00 10.93 ? 1448 ILE A C   1 
ATOM   129 O O   . ILE A 1 16 ? 8.313   1.239   0.637   1.00 10.43 ? 1448 ILE A O   1 
ATOM   130 C CB  . ILE A 1 16 ? 10.715  -0.109  1.896   1.00 12.18 ? 1448 ILE A CB  1 
ATOM   131 C CG1 . ILE A 1 16 ? 11.545  -1.354  2.204   1.00 14.53 ? 1448 ILE A CG1 1 
ATOM   132 C CG2 . ILE A 1 16 ? 11.268  1.087   2.634   1.00 11.45 ? 1448 ILE A CG2 1 
ATOM   133 C CD1 . ILE A 1 16 ? 12.940  -1.283  1.543   1.00 14.95 ? 1448 ILE A CD1 1 
ATOM   134 N N   . ALA A 1 17 ? 7.969   1.669   2.826   1.00 12.47 ? 1449 ALA A N   1 
ATOM   135 C CA  . ALA A 1 17 ? 7.341   2.964   2.577   1.00 9.05  ? 1449 ALA A CA  1 
ATOM   136 C C   . ALA A 1 17 ? 8.395   3.994   2.250   1.00 8.72  ? 1449 ALA A C   1 
ATOM   137 O O   . ALA A 1 17 ? 9.335   4.168   3.003   1.00 10.29 ? 1449 ALA A O   1 
ATOM   138 C CB  . ALA A 1 17 ? 6.515   3.407   3.811   1.00 12.53 ? 1449 ALA A CB  1 
ATOM   139 N N   . LEU A 1 18 ? 8.231   4.674   1.109   1.00 9.76  ? 1450 LEU A N   1 
ATOM   140 C CA  . LEU A 1 18 ? 9.182   5.685   0.659   1.00 10.89 ? 1450 LEU A CA  1 
ATOM   141 C C   . LEU A 1 18 ? 8.762   7.110   0.981   1.00 11.67 ? 1450 LEU A C   1 
ATOM   142 O O   . LEU A 1 18 ? 9.567   8.046   0.874   1.00 12.43 ? 1450 LEU A O   1 
ATOM   143 C CB  . LEU A 1 18 ? 9.392   5.558   -0.865  1.00 11.65 ? 1450 LEU A CB  1 
ATOM   144 C CG  . LEU A 1 18 ? 10.069  4.243   -1.268  1.00 11.04 ? 1450 LEU A CG  1 
ATOM   145 C CD1 . LEU A 1 18 ? 10.206  4.170   -2.791  1.00 14.28 ? 1450 LEU A CD1 1 
ATOM   146 C CD2 . LEU A 1 18 ? 11.455  4.113   -0.617  1.00 15.19 ? 1450 LEU A CD2 1 
ATOM   147 N N   . TYR A 1 19 ? 7.501   7.272   1.388   1.00 14.61 ? 1451 TYR A N   1 
ATOM   148 C CA  . TYR A 1 19 ? 6.919   8.580   1.666   1.00 12.32 ? 1451 TYR A CA  1 
ATOM   149 C C   . TYR A 1 19 ? 5.921   8.456   2.806   1.00 11.61 ? 1451 TYR A C   1 
ATOM   150 O O   . TYR A 1 19 ? 5.286   7.402   2.945   1.00 13.29 ? 1451 TYR A O   1 
ATOM   151 C CB  . TYR A 1 19 ? 6.198   9.132   0.423   1.00 13.68 ? 1451 TYR A CB  1 
ATOM   152 C CG  . TYR A 1 19 ? 7.121   9.253   -0.761  1.00 9.68  ? 1451 TYR A CG  1 
ATOM   153 C CD1 . TYR A 1 19 ? 7.900   10.397  -0.945  1.00 9.82  ? 1451 TYR A CD1 1 
ATOM   154 C CD2 . TYR A 1 19 ? 7.248   8.217   -1.674  1.00 12.27 ? 1451 TYR A CD2 1 
ATOM   155 C CE1 . TYR A 1 19 ? 8.791   10.507  -2.042  1.00 10.65 ? 1451 TYR A CE1 1 
ATOM   156 C CE2 . TYR A 1 19 ? 8.131   8.320   -2.756  1.00 12.12 ? 1451 TYR A CE2 1 
ATOM   157 C CZ  . TYR A 1 19 ? 8.884   9.466   -2.934  1.00 14.48 ? 1451 TYR A CZ  1 
ATOM   158 O OH  . TYR A 1 19 ? 9.744   9.529   -4.018  1.00 14.97 ? 1451 TYR A OH  1 
ATOM   159 N N   . ASP A 1 20 ? 5.763   9.526   3.585   1.00 10.08 ? 1452 ASP A N   1 
ATOM   160 C CA  . ASP A 1 20 ? 4.760   9.523   4.663   1.00 11.98 ? 1452 ASP A CA  1 
ATOM   161 C C   . ASP A 1 20 ? 3.376   9.478   4.061   1.00 13.85 ? 1452 ASP A C   1 
ATOM   162 O O   . ASP A 1 20 ? 3.136   10.153  3.055   1.00 12.43 ? 1452 ASP A O   1 
ATOM   163 C CB  . ASP A 1 20 ? 4.867   10.764  5.527   1.00 14.39 ? 1452 ASP A CB  1 
ATOM   164 C CG  . ASP A 1 20 ? 6.161   10.838  6.294   1.00 18.75 ? 1452 ASP A CG  1 
ATOM   165 O OD1 . ASP A 1 20 ? 6.913   9.847   6.335   1.00 16.24 ? 1452 ASP A OD1 1 
ATOM   166 O OD2 . ASP A 1 20 ? 6.431   11.910  6.858   1.00 20.11 ? 1452 ASP A OD2 1 
ATOM   167 N N   . TYR A 1 21 ? 2.454   8.731   4.683   1.00 12.93 ? 1453 TYR A N   1 
ATOM   168 C CA  . TYR A 1 21 ? 1.056   8.749   4.258   1.00 10.35 ? 1453 TYR A CA  1 
ATOM   169 C C   . TYR A 1 21 ? 0.073   8.813   5.417   1.00 14.08 ? 1453 TYR A C   1 
ATOM   170 O O   . TYR A 1 21 ? -0.030  7.879   6.201   1.00 15.38 ? 1453 TYR A O   1 
ATOM   171 C CB  . TYR A 1 21 ? 0.726   7.516   3.417   1.00 12.77 ? 1453 TYR A CB  1 
ATOM   172 C CG  . TYR A 1 21 ? -0.634  7.547   2.745   1.00 10.89 ? 1453 TYR A CG  1 
ATOM   173 C CD1 . TYR A 1 21 ? -0.888  8.431   1.695   1.00 11.35 ? 1453 TYR A CD1 1 
ATOM   174 C CD2 . TYR A 1 21 ? -1.637  6.651   3.105   1.00 12.72 ? 1453 TYR A CD2 1 
ATOM   175 C CE1 . TYR A 1 21 ? -2.116  8.456   1.050   1.00 13.62 ? 1453 TYR A CE1 1 
ATOM   176 C CE2 . TYR A 1 21 ? -2.875  6.655   2.448   1.00 12.52 ? 1453 TYR A CE2 1 
ATOM   177 C CZ  . TYR A 1 21 ? -3.105  7.565   1.431   1.00 12.01 ? 1453 TYR A CZ  1 
ATOM   178 O OH  . TYR A 1 21 ? -4.296  7.593   0.772   1.00 13.49 ? 1453 TYR A OH  1 
ATOM   179 N N   . ASP A 1 22 ? -0.642  9.930   5.494   1.00 11.83 ? 1454 ASP A N   1 
ATOM   180 C CA  . ASP A 1 22 ? -1.786  10.078  6.387   1.00 13.92 ? 1454 ASP A CA  1 
ATOM   181 C C   . ASP A 1 22 ? -3.012  10.286  5.512   1.00 11.16 ? 1454 ASP A C   1 
ATOM   182 O O   . ASP A 1 22 ? -3.127  11.300  4.830   1.00 14.38 ? 1454 ASP A O   1 
ATOM   183 C CB  . ASP A 1 22 ? -1.567  11.252  7.339   1.00 19.24 ? 1454 ASP A CB  1 
ATOM   184 C CG  . ASP A 1 22 ? -2.679  11.391  8.372   1.00 25.74 ? 1454 ASP A CG  1 
ATOM   185 O OD1 . ASP A 1 22 ? -3.717  10.707  8.242   1.00 26.65 ? 1454 ASP A OD1 1 
ATOM   186 O OD2 . ASP A 1 22 ? -2.505  12.185  9.315   1.00 26.17 ? 1454 ASP A OD2 1 
ATOM   187 N N   . PRO A 1 23 ? -3.918  9.312   5.503   1.00 13.69 ? 1455 PRO A N   1 
ATOM   188 C CA  . PRO A 1 23 ? -5.079  9.365   4.613   1.00 16.59 ? 1455 PRO A CA  1 
ATOM   189 C C   . PRO A 1 23 ? -5.860  10.661  4.784   1.00 14.32 ? 1455 PRO A C   1 
ATOM   190 O O   . PRO A 1 23 ? -6.393  11.150  3.801   1.00 15.07 ? 1455 PRO A O   1 
ATOM   191 C CB  . PRO A 1 23 ? -5.913  8.152   5.043   1.00 13.93 ? 1455 PRO A CB  1 
ATOM   192 C CG  . PRO A 1 23 ? -4.922  7.227   5.701   1.00 19.08 ? 1455 PRO A CG  1 
ATOM   193 C CD  . PRO A 1 23 ? -3.875  8.078   6.310   1.00 19.99 ? 1455 PRO A CD  1 
ATOM   194 N N   . GLN A 1 24 ? -5.920  11.226  5.991   1.00 17.88 ? 1456 GLN A N   1 
ATOM   195 C CA  A GLN A 1 24 ? -6.669  12.475  6.206   0.63 22.58 ? 1456 GLN A CA  1 
ATOM   196 C CA  B GLN A 1 24 ? -6.699  12.453  6.179   0.37 22.53 ? 1456 GLN A CA  1 
ATOM   197 C C   . GLN A 1 24 ? -6.031  13.653  5.502   1.00 21.36 ? 1456 GLN A C   1 
ATOM   198 O O   . GLN A 1 24 ? -6.697  14.639  5.170   1.00 20.96 ? 1456 GLN A O   1 
ATOM   199 C CB  A GLN A 1 24 ? -6.784  12.799  7.692   0.63 25.34 ? 1456 GLN A CB  1 
ATOM   200 C CB  B GLN A 1 24 ? -6.913  12.737  7.667   0.37 25.18 ? 1456 GLN A CB  1 
ATOM   201 C CG  A GLN A 1 24 ? -7.706  11.902  8.432   0.63 19.97 ? 1456 GLN A CG  1 
ATOM   202 C CG  B GLN A 1 24 ? -5.661  13.188  8.393   0.37 26.62 ? 1456 GLN A CG  1 
ATOM   203 C CD  A GLN A 1 24 ? -8.150  12.484  9.760   0.63 31.16 ? 1456 GLN A CD  1 
ATOM   204 C CD  B GLN A 1 24 ? -5.891  13.402  9.867   0.37 32.39 ? 1456 GLN A CD  1 
ATOM   205 O OE1 A GLN A 1 24 ? -8.647  13.610  9.829   0.63 26.31 ? 1456 GLN A OE1 1 
ATOM   206 O OE1 B GLN A 1 24 ? -6.999  13.205  10.369  0.37 32.83 ? 1456 GLN A OE1 1 
ATOM   207 N NE2 A GLN A 1 24 ? -7.974  11.713  10.825  0.63 27.43 ? 1456 GLN A NE2 1 
ATOM   208 N NE2 B GLN A 1 24 ? -4.837  13.787  10.581  0.37 32.37 ? 1456 GLN A NE2 1 
ATOM   209 N N   . GLU A 1 25 ? -4.727  13.569  5.277   1.00 17.23 ? 1457 GLU A N   1 
ATOM   210 C CA  . GLU A 1 25 ? -4.017  14.659  4.606   1.00 17.65 ? 1457 GLU A CA  1 
ATOM   211 C C   . GLU A 1 25 ? -3.899  14.470  3.101   1.00 21.69 ? 1457 GLU A C   1 
ATOM   212 O O   . GLU A 1 25 ? -3.790  15.440  2.351   1.00 21.98 ? 1457 GLU A O   1 
ATOM   213 C CB  . GLU A 1 25 ? -2.611  14.811  5.171   1.00 14.30 ? 1457 GLU A CB  1 
ATOM   214 C CG  . GLU A 1 25 ? -2.565  15.314  6.576   1.00 26.52 ? 1457 GLU A CG  1 
ATOM   215 C CD  . GLU A 1 25 ? -1.190  15.199  7.191   1.00 37.44 ? 1457 GLU A CD  1 
ATOM   216 O OE1 . GLU A 1 25 ? -0.210  14.993  6.434   1.00 32.40 ? 1457 GLU A OE1 1 
ATOM   217 O OE2 . GLU A 1 25 ? -1.096  15.319  8.434   1.00 36.96 ? 1457 GLU A OE2 1 
ATOM   218 N N   . LEU A 1 26 ? -3.876  13.220  2.656   1.00 19.22 ? 1458 LEU A N   1 
ATOM   219 C CA  . LEU A 1 26 ? -3.478  12.939  1.293   1.00 13.81 ? 1458 LEU A CA  1 
ATOM   220 C C   . LEU A 1 26 ? -4.437  12.092  0.464   1.00 12.44 ? 1458 LEU A C   1 
ATOM   221 O O   . LEU A 1 26 ? -4.330  12.063  -0.759  1.00 13.69 ? 1458 LEU A O   1 
ATOM   222 C CB  . LEU A 1 26 ? -2.106  12.246  1.321   1.00 15.55 ? 1458 LEU A CB  1 
ATOM   223 C CG  . LEU A 1 26 ? -0.965  13.117  1.843   1.00 15.77 ? 1458 LEU A CG  1 
ATOM   224 C CD1 . LEU A 1 26 ? 0.356   12.355  1.791   1.00 16.21 ? 1458 LEU A CD1 1 
ATOM   225 C CD2 . LEU A 1 26 ? -0.850  14.389  1.025   1.00 21.28 ? 1458 LEU A CD2 1 
ATOM   226 N N   . SER A 1 27 ? -5.363  11.381  1.102   1.00 12.08 ? 1459 SER A N   1 
ATOM   227 C CA  . SER A 1 27 ? -6.223  10.484  0.328   1.00 9.34  ? 1459 SER A CA  1 
ATOM   228 C C   . SER A 1 27 ? -7.367  11.208  -0.373  1.00 12.23 ? 1459 SER A C   1 
ATOM   229 O O   . SER A 1 27 ? -7.998  12.084  0.225   1.00 12.77 ? 1459 SER A O   1 
ATOM   230 C CB  . SER A 1 27 ? -6.822  9.398   1.225   1.00 13.01 ? 1459 SER A CB  1 
ATOM   231 O OG  . SER A 1 27 ? -7.545  8.477   0.427   1.00 10.80 ? 1459 SER A OG  1 
ATOM   232 N N   . PRO A 1 28 ? -7.656  10.812  -1.626  1.00 10.96 ? 1460 PRO A N   1 
ATOM   233 C CA  . PRO A 1 28 ? -8.811  11.338  -2.347  1.00 10.64 ? 1460 PRO A CA  1 
ATOM   234 C C   . PRO A 1 28 ? -10.069 10.524  -2.116  1.00 14.63 ? 1460 PRO A C   1 
ATOM   235 O O   . PRO A 1 28 ? -11.046 10.767  -2.795  1.00 16.68 ? 1460 PRO A O   1 
ATOM   236 C CB  . PRO A 1 28 ? -8.387  11.231  -3.810  1.00 10.50 ? 1460 PRO A CB  1 
ATOM   237 C CG  . PRO A 1 28 ? -7.531  9.954   -3.812  1.00 12.73 ? 1460 PRO A CG  1 
ATOM   238 C CD  . PRO A 1 28 ? -6.758  10.033  -2.509  1.00 11.29 ? 1460 PRO A CD  1 
ATOM   239 N N   . ASN A 1 29 ? -10.058 9.565   -1.188  1.00 10.50 ? 1461 ASN A N   1 
ATOM   240 C CA  . ASN A 1 29 ? -11.145 8.603   -1.155  1.00 13.08 ? 1461 ASN A CA  1 
ATOM   241 C C   . ASN A 1 29 ? -12.141 8.868   -0.055  1.00 15.73 ? 1461 ASN A C   1 
ATOM   242 O O   . ASN A 1 29 ? -11.746 9.183   1.055   1.00 11.51 ? 1461 ASN A O   1 
ATOM   243 C CB  . ASN A 1 29 ? -10.563 7.207   -1.008  1.00 8.20  ? 1461 ASN A CB  1 
ATOM   244 C CG  . ASN A 1 29 ? -9.774  6.824   -2.239  1.00 11.98 ? 1461 ASN A CG  1 
ATOM   245 O OD1 . ASN A 1 29 ? -10.253 7.016   -3.365  1.00 10.88 ? 1461 ASN A OD1 1 
ATOM   246 N ND2 . ASN A 1 29 ? -8.550  6.364   -2.047  1.00 12.01 ? 1461 ASN A ND2 1 
ATOM   247 N N   . VAL A 1 30 ? -13.427 8.713   -0.359  1.00 9.24  ? 1462 VAL A N   1 
ATOM   248 C CA  . VAL A 1 30 ? -14.461 9.153   0.585   1.00 9.68  ? 1462 VAL A CA  1 
ATOM   249 C C   . VAL A 1 30 ? -14.477 8.306   1.861   1.00 12.76 ? 1462 VAL A C   1 
ATOM   250 O O   . VAL A 1 30 ? -14.937 8.780   2.899   1.00 12.66 ? 1462 VAL A O   1 
ATOM   251 C CB  . VAL A 1 30 ? -15.863 9.143   -0.085  1.00 13.90 ? 1462 VAL A CB  1 
ATOM   252 C CG1 . VAL A 1 30 ? -16.368 7.733   -0.285  1.00 13.67 ? 1462 VAL A CG1 1 
ATOM   253 C CG2 . VAL A 1 30 ? -16.872 9.935   0.744   1.00 17.44 ? 1462 VAL A CG2 1 
ATOM   254 N N   . ASP A 1 31 ? -13.964 7.078   1.768   1.00 9.69  ? 1463 ASP A N   1 
ATOM   255 C CA  . ASP A 1 31 ? -13.950 6.134   2.892   1.00 11.85 ? 1463 ASP A CA  1 
ATOM   256 C C   . ASP A 1 31 ? -12.533 5.947   3.438   1.00 12.34 ? 1463 ASP A C   1 
ATOM   257 O O   . ASP A 1 31 ? -12.237 4.955   4.094   1.00 11.98 ? 1463 ASP A O   1 
ATOM   258 C CB  . ASP A 1 31 ? -14.530 4.775   2.474   1.00 11.49 ? 1463 ASP A CB  1 
ATOM   259 C CG  . ASP A 1 31 ? -13.851 4.183   1.244   1.00 14.07 ? 1463 ASP A CG  1 
ATOM   260 O OD1 . ASP A 1 31 ? -12.892 4.793   0.729   1.00 13.69 ? 1463 ASP A OD1 1 
ATOM   261 O OD2 . ASP A 1 31 ? -14.291 3.095   0.790   1.00 12.38 ? 1463 ASP A OD2 1 
ATOM   262 N N   . ALA A 1 32 ? -11.664 6.919   3.178   1.00 10.01 ? 1464 ALA A N   1 
ATOM   263 C CA  . ALA A 1 32 ? -10.248 6.762   3.491   1.00 13.66 ? 1464 ALA A CA  1 
ATOM   264 C C   . ALA A 1 32 ? -9.979  6.494   4.961   1.00 9.97  ? 1464 ALA A C   1 
ATOM   265 O O   . ALA A 1 32 ? -9.171  5.629   5.317   1.00 12.69 ? 1464 ALA A O   1 
ATOM   266 C CB  . ALA A 1 32 ? -9.482  8.002   3.053   1.00 14.33 ? 1464 ALA A CB  1 
ATOM   267 N N   . GLU A 1 33 ? -10.628 7.256   5.828   1.00 11.03 ? 1465 GLU A N   1 
ATOM   268 C CA  . GLU A 1 33 ? -10.296 7.187   7.247   1.00 11.83 ? 1465 GLU A CA  1 
ATOM   269 C C   . GLU A 1 33 ? -10.680 5.824   7.818   1.00 16.86 ? 1465 GLU A C   1 
ATOM   270 O O   . GLU A 1 33 ? -10.011 5.304   8.714   1.00 16.78 ? 1465 GLU A O   1 
ATOM   271 C CB  . GLU A 1 33 ? -10.982 8.316   8.010   1.00 16.05 ? 1465 GLU A CB  1 
ATOM   272 C CG  . GLU A 1 33 ? -10.354 9.701   7.775   1.00 17.86 ? 1465 GLU A CG  1 
ATOM   273 C CD  . GLU A 1 33 ? -10.445 10.161  6.333   1.00 18.91 ? 1465 GLU A CD  1 
ATOM   274 O OE1 . GLU A 1 33 ? -11.554 10.098  5.754   1.00 14.40 ? 1465 GLU A OE1 1 
ATOM   275 O OE2 . GLU A 1 33 ? -9.398  10.559  5.765   1.00 18.44 ? 1465 GLU A OE2 1 
ATOM   276 N N   . GLN A 1 34 ? -11.747 5.236   7.283   1.00 11.08 ? 1466 GLN A N   1 
ATOM   277 C CA  . GLN A 1 34 ? -12.167 3.907   7.693   1.00 11.06 ? 1466 GLN A CA  1 
ATOM   278 C C   . GLN A 1 34 ? -11.252 2.788   7.194   1.00 14.64 ? 1466 GLN A C   1 
ATOM   279 O O   . GLN A 1 34 ? -10.994 1.823   7.919   1.00 14.71 ? 1466 GLN A O   1 
ATOM   280 C CB  . GLN A 1 34 ? -13.593 3.628   7.211   1.00 15.03 ? 1466 GLN A CB  1 
ATOM   281 C CG  . GLN A 1 34 ? -14.656 4.378   7.996   1.00 11.25 ? 1466 GLN A CG  1 
ATOM   282 C CD  . GLN A 1 34 ? -15.014 5.712   7.402   1.00 14.54 ? 1466 GLN A CD  1 
ATOM   283 O OE1 . GLN A 1 34 ? -14.315 6.241   6.514   1.00 11.62 ? 1466 GLN A OE1 1 
ATOM   284 N NE2 . GLN A 1 34 ? -16.098 6.299   7.908   1.00 11.33 ? 1466 GLN A NE2 1 
ATOM   285 N N   . VAL A 1 35 ? -10.769 2.883   5.959   1.00 11.99 ? 1467 VAL A N   1 
ATOM   286 C CA  . VAL A 1 35 ? -10.213 1.681   5.357   1.00 12.30 ? 1467 VAL A CA  1 
ATOM   287 C C   . VAL A 1 35 ? -8.723  1.726   5.009   1.00 12.79 ? 1467 VAL A C   1 
ATOM   288 O O   . VAL A 1 35 ? -8.158  0.674   4.708   1.00 10.16 ? 1467 VAL A O   1 
ATOM   289 C CB  . VAL A 1 35 ? -11.001 1.280   4.072   1.00 16.46 ? 1467 VAL A CB  1 
ATOM   290 C CG1 . VAL A 1 35 ? -12.533 1.173   4.360   1.00 15.98 ? 1467 VAL A CG1 1 
ATOM   291 C CG2 . VAL A 1 35 ? -10.715 2.237   2.942   1.00 13.75 ? 1467 VAL A CG2 1 
ATOM   292 N N   . GLU A 1 36 ? -8.099  2.904   5.091   1.00 8.14  ? 1468 GLU A N   1 
ATOM   293 C CA  . GLU A 1 36 ? -6.678  3.058   4.723   1.00 10.11 ? 1468 GLU A CA  1 
ATOM   294 C C   . GLU A 1 36 ? -5.762  3.136   5.949   1.00 16.06 ? 1468 GLU A C   1 
ATOM   295 O O   . GLU A 1 36 ? -6.168  3.551   7.036   1.00 15.94 ? 1468 GLU A O   1 
ATOM   296 C CB  . GLU A 1 36 ? -6.488  4.294   3.822   1.00 10.32 ? 1468 GLU A CB  1 
ATOM   297 C CG  . GLU A 1 36 ? -7.245  4.159   2.518   1.00 11.98 ? 1468 GLU A CG  1 
ATOM   298 C CD  . GLU A 1 36 ? -7.128  5.372   1.599   1.00 12.57 ? 1468 GLU A CD  1 
ATOM   299 O OE1 . GLU A 1 36 ? -6.297  6.253   1.868   1.00 11.97 ? 1468 GLU A OE1 1 
ATOM   300 O OE2 . GLU A 1 36 ? -7.913  5.432   0.635   1.00 11.04 ? 1468 GLU A OE2 1 
ATOM   301 N N   . LEU A 1 37 ? -4.529  2.689   5.757   1.00 11.02 ? 1469 LEU A N   1 
ATOM   302 C CA  . LEU A 1 37 ? -3.529  2.618   6.807   1.00 15.74 ? 1469 LEU A CA  1 
ATOM   303 C C   . LEU A 1 37 ? -2.611  3.848   6.775   1.00 18.22 ? 1469 LEU A C   1 
ATOM   304 O O   . LEU A 1 37 ? -2.243  4.324   5.694   1.00 22.68 ? 1469 LEU A O   1 
ATOM   305 C CB  . LEU A 1 37 ? -2.728  1.320   6.629   1.00 15.88 ? 1469 LEU A CB  1 
ATOM   306 C CG  . LEU A 1 37 ? -1.764  0.775   7.672   1.00 26.60 ? 1469 LEU A CG  1 
ATOM   307 C CD1 . LEU A 1 37 ? -2.484  0.559   8.976   1.00 26.13 ? 1469 LEU A CD1 1 
ATOM   308 C CD2 . LEU A 1 37 ? -1.208  -0.552  7.158   1.00 20.20 ? 1469 LEU A CD2 1 
ATOM   309 N N   . CYS A 1 38 ? -2.295  4.381   7.957   1.00 15.22 ? 1470 CYS A N   1 
ATOM   310 C CA  A CYS A 1 38 ? -1.324  5.458   8.098   0.53 14.47 ? 1470 CYS A CA  1 
ATOM   311 C CA  B CYS A 1 38 ? -1.306  5.458   8.135   0.47 14.51 ? 1470 CYS A CA  1 
ATOM   312 C C   . CYS A 1 38 ? 0.102   4.895   8.237   1.00 13.36 ? 1470 CYS A C   1 
ATOM   313 O O   . CYS A 1 38 ? 0.297   3.887   8.898   1.00 16.09 ? 1470 CYS A O   1 
ATOM   314 C CB  A CYS A 1 38 ? -1.690  6.299   9.323   0.53 20.70 ? 1470 CYS A CB  1 
ATOM   315 C CB  B CYS A 1 38 ? -1.568  6.251   9.422   0.47 20.61 ? 1470 CYS A CB  1 
ATOM   316 S SG  A CYS A 1 38 ? -0.773  7.813   9.535   0.53 27.22 ? 1470 CYS A SG  1 
ATOM   317 S SG  B CYS A 1 38 ? -3.010  7.296   9.477   0.47 27.08 ? 1470 CYS A SG  1 
ATOM   318 N N   . PHE A 1 39 ? 1.100   5.545   7.629   1.00 11.55 ? 1471 PHE A N   1 
ATOM   319 C CA  . PHE A 1 39 ? 2.477   5.084   7.822   1.00 10.16 ? 1471 PHE A CA  1 
ATOM   320 C C   . PHE A 1 39 ? 3.495   6.179   7.534   1.00 12.95 ? 1471 PHE A C   1 
ATOM   321 O O   . PHE A 1 39 ? 3.146   7.232   6.997   1.00 13.25 ? 1471 PHE A O   1 
ATOM   322 C CB  . PHE A 1 39 ? 2.777   3.849   6.950   1.00 12.79 ? 1471 PHE A CB  1 
ATOM   323 C CG  . PHE A 1 39 ? 2.466   4.037   5.479   1.00 10.79 ? 1471 PHE A CG  1 
ATOM   324 C CD1 . PHE A 1 39 ? 3.394   4.596   4.627   1.00 10.95 ? 1471 PHE A CD1 1 
ATOM   325 C CD2 . PHE A 1 39 ? 1.233   3.656   4.965   1.00 10.01 ? 1471 PHE A CD2 1 
ATOM   326 C CE1 . PHE A 1 39 ? 3.114   4.756   3.290   1.00 13.43 ? 1471 PHE A CE1 1 
ATOM   327 C CE2 . PHE A 1 39 ? 0.947   3.806   3.646   1.00 13.65 ? 1471 PHE A CE2 1 
ATOM   328 C CZ  . PHE A 1 39 ? 1.895   4.366   2.795   1.00 13.09 ? 1471 PHE A CZ  1 
ATOM   329 N N   A LYS A 1 40 ? 4.749   5.912   7.902   0.66 13.66 ? 1472 LYS A N   1 
ATOM   330 N N   B LYS A 1 40 ? 4.745   5.922   7.912   0.34 13.69 ? 1472 LYS A N   1 
ATOM   331 C CA  A LYS A 1 40 ? 5.844   6.870   7.737   0.66 14.37 ? 1472 LYS A CA  1 
ATOM   332 C CA  B LYS A 1 40 ? 5.827   6.881   7.719   0.34 14.38 ? 1472 LYS A CA  1 
ATOM   333 C C   A LYS A 1 40 ? 6.963   6.295   6.883   0.66 12.23 ? 1472 LYS A C   1 
ATOM   334 C C   B LYS A 1 40 ? 6.927   6.297   6.849   0.34 12.28 ? 1472 LYS A C   1 
ATOM   335 O O   A LYS A 1 40 ? 7.177   5.084   6.830   0.66 12.02 ? 1472 LYS A O   1 
ATOM   336 O O   B LYS A 1 40 ? 7.087   5.080   6.752   0.34 12.13 ? 1472 LYS A O   1 
ATOM   337 C CB  A LYS A 1 40 ? 6.399   7.290   9.101   0.66 15.61 ? 1472 LYS A CB  1 
ATOM   338 C CB  B LYS A 1 40 ? 6.412   7.317   9.065   0.34 15.61 ? 1472 LYS A CB  1 
ATOM   339 C CG  A LYS A 1 40 ? 5.371   8.013   9.997   0.66 16.57 ? 1472 LYS A CG  1 
ATOM   340 C CG  B LYS A 1 40 ? 5.410   8.010   9.990   0.34 16.63 ? 1472 LYS A CG  1 
ATOM   341 C CD  A LYS A 1 40 ? 5.099   9.430   9.516   0.66 15.43 ? 1472 LYS A CD  1 
ATOM   342 C CD  B LYS A 1 40 ? 6.094   8.515   11.251  0.34 21.64 ? 1472 LYS A CD  1 
ATOM   343 C CE  A LYS A 1 40 ? 4.212   10.186  10.508  0.66 27.11 ? 1472 LYS A CE  1 
ATOM   344 C CE  B LYS A 1 40 ? 6.683   7.368   12.056  0.34 25.53 ? 1472 LYS A CE  1 
ATOM   345 N NZ  A LYS A 1 40 ? 4.131   11.637  10.199  0.66 32.56 ? 1472 LYS A NZ  1 
ATOM   346 N NZ  B LYS A 1 40 ? 7.342   7.825   13.318  0.34 32.84 ? 1472 LYS A NZ  1 
ATOM   347 N N   . THR A 1 41 ? 7.684   7.181   6.213   1.00 13.91 ? 1473 THR A N   1 
ATOM   348 C CA  . THR A 1 41 ? 8.844   6.774   5.429   1.00 9.23  ? 1473 THR A CA  1 
ATOM   349 C C   . THR A 1 41 ? 9.764   5.824   6.205   1.00 9.60  ? 1473 THR A C   1 
ATOM   350 O O   . THR A 1 41 ? 10.080  6.087   7.355   1.00 13.94 ? 1473 THR A O   1 
ATOM   351 C CB  . THR A 1 41 ? 9.641   8.001   5.030   1.00 11.20 ? 1473 THR A CB  1 
ATOM   352 O OG1 . THR A 1 41 ? 8.803   8.873   4.270   1.00 13.23 ? 1473 THR A OG1 1 
ATOM   353 C CG2 . THR A 1 41 ? 10.903  7.624   4.201   1.00 11.86 ? 1473 THR A CG2 1 
ATOM   354 N N   . GLY A 1 42 ? 10.192  4.738   5.573   1.00 12.70 ? 1474 GLY A N   1 
ATOM   355 C CA  . GLY A 1 42 ? 11.113  3.813   6.241   1.00 10.48 ? 1474 GLY A CA  1 
ATOM   356 C C   . GLY A 1 42 ? 10.423  2.671   6.971   1.00 11.32 ? 1474 GLY A C   1 
ATOM   357 O O   . GLY A 1 42 ? 11.071  1.674   7.299   1.00 14.08 ? 1474 GLY A O   1 
ATOM   358 N N   . GLU A 1 43 ? 9.113   2.795   7.234   1.00 12.85 ? 1475 GLU A N   1 
ATOM   359 C CA  . GLU A 1 43 ? 8.407   1.676   7.858   1.00 10.46 ? 1475 GLU A CA  1 
ATOM   360 C C   . GLU A 1 43 ? 8.157   0.602   6.828   1.00 13.13 ? 1475 GLU A C   1 
ATOM   361 O O   . GLU A 1 43 ? 8.013   0.897   5.653   1.00 14.92 ? 1475 GLU A O   1 
ATOM   362 C CB  . GLU A 1 43 ? 7.068   2.112   8.473   1.00 9.53  ? 1475 GLU A CB  1 
ATOM   363 C CG  . GLU A 1 43 ? 7.234   3.094   9.594   1.00 12.30 ? 1475 GLU A CG  1 
ATOM   364 C CD  . GLU A 1 43 ? 5.969   3.266   10.388  1.00 15.98 ? 1475 GLU A CD  1 
ATOM   365 O OE1 . GLU A 1 43 ? 5.074   3.981   9.926   1.00 15.03 ? 1475 GLU A OE1 1 
ATOM   366 O OE2 . GLU A 1 43 ? 5.868   2.663   11.470  1.00 23.78 ? 1475 GLU A OE2 1 
ATOM   367 N N   . ILE A 1 44 ? 8.085   -0.641  7.275   1.00 11.97 ? 1476 ILE A N   1 
ATOM   368 C CA  A ILE A 1 44 ? 7.847   -1.778  6.389   0.29 11.52 ? 1476 ILE A CA  1 
ATOM   369 C CA  B ILE A 1 44 ? 7.831   -1.738  6.352   0.71 11.42 ? 1476 ILE A CA  1 
ATOM   370 C C   . ILE A 1 44 ? 6.443   -2.339  6.568   1.00 14.16 ? 1476 ILE A C   1 
ATOM   371 O O   . ILE A 1 44 ? 6.056   -2.683  7.677   1.00 12.82 ? 1476 ILE A O   1 
ATOM   372 C CB  A ILE A 1 44 ? 8.862   -2.912  6.638   0.29 16.46 ? 1476 ILE A CB  1 
ATOM   373 C CB  B ILE A 1 44 ? 8.915   -2.827  6.473   0.71 17.10 ? 1476 ILE A CB  1 
ATOM   374 C CG1 A ILE A 1 44 ? 10.264  -2.333  6.819   0.29 12.93 ? 1476 ILE A CG1 1 
ATOM   375 C CG1 B ILE A 1 44 ? 10.259  -2.230  6.060   0.71 11.80 ? 1476 ILE A CG1 1 
ATOM   376 C CG2 A ILE A 1 44 ? 8.820   -3.919  5.497   0.29 11.88 ? 1476 ILE A CG2 1 
ATOM   377 C CG2 B ILE A 1 44 ? 8.579   -4.012  5.588   0.71 11.59 ? 1476 ILE A CG2 1 
ATOM   378 C CD1 A ILE A 1 44 ? 10.738  -1.556  5.622   0.29 11.73 ? 1476 ILE A CD1 1 
ATOM   379 C CD1 B ILE A 1 44 ? 11.413  -3.205  6.139   0.71 11.37 ? 1476 ILE A CD1 1 
ATOM   380 N N   . ILE A 1 45 ? 5.706   -2.437  5.464   1.00 9.34  ? 1477 ILE A N   1 
ATOM   381 C CA  A ILE A 1 45 ? 4.334   -2.933  5.441   0.57 11.67 ? 1477 ILE A CA  1 
ATOM   382 C CA  B ILE A 1 45 ? 4.344   -2.941  5.471   0.43 11.66 ? 1477 ILE A CA  1 
ATOM   383 C C   . ILE A 1 45 ? 4.314   -4.368  4.956   1.00 12.58 ? 1477 ILE A C   1 
ATOM   384 O O   . ILE A 1 45 ? 4.903   -4.667  3.928   1.00 12.31 ? 1477 ILE A O   1 
ATOM   385 C CB  A ILE A 1 45 ? 3.440   -2.096  4.486   0.57 12.18 ? 1477 ILE A CB  1 
ATOM   386 C CB  B ILE A 1 45 ? 3.429   -2.055  4.596   0.43 12.23 ? 1477 ILE A CB  1 
ATOM   387 C CG1 A ILE A 1 45 ? 3.697   -0.591  4.665   0.57 12.78 ? 1477 ILE A CG1 1 
ATOM   388 C CG1 B ILE A 1 45 ? 3.495   -0.601  5.079   0.43 12.72 ? 1477 ILE A CG1 1 
ATOM   389 C CG2 A ILE A 1 45 ? 1.958   -2.490  4.614   0.57 12.81 ? 1477 ILE A CG2 1 
ATOM   390 C CG2 B ILE A 1 45 ? 1.994   -2.595  4.570   0.43 12.77 ? 1477 ILE A CG2 1 
ATOM   391 C CD1 A ILE A 1 45 ? 3.373   -0.047  6.017   0.57 13.08 ? 1477 ILE A CD1 1 
ATOM   392 C CD1 B ILE A 1 45 ? 2.877   0.387   4.124   0.43 10.91 ? 1477 ILE A CD1 1 
ATOM   393 N N   . LEU A 1 46 ? 3.654   -5.260  5.692   1.00 8.84  ? 1478 LEU A N   1 
ATOM   394 C CA  . LEU A 1 46 ? 3.422   -6.609  5.162   1.00 11.46 ? 1478 LEU A CA  1 
ATOM   395 C C   . LEU A 1 46 ? 2.204   -6.563  4.259   1.00 14.03 ? 1478 LEU A C   1 
ATOM   396 O O   . LEU A 1 46 ? 1.123   -6.177  4.701   1.00 14.51 ? 1478 LEU A O   1 
ATOM   397 C CB  . LEU A 1 46 ? 3.197   -7.629  6.286   1.00 10.58 ? 1478 LEU A CB  1 
ATOM   398 C CG  . LEU A 1 46 ? 4.426   -8.024  7.102   1.00 10.46 ? 1478 LEU A CG  1 
ATOM   399 C CD1 . LEU A 1 46 ? 4.011   -8.807  8.330   1.00 13.29 ? 1478 LEU A CD1 1 
ATOM   400 C CD2 . LEU A 1 46 ? 5.385   -8.848  6.249   1.00 11.45 ? 1478 LEU A CD2 1 
ATOM   401 N N   . VAL A 1 47 ? 2.370   -6.975  3.005   1.00 10.44 ? 1479 VAL A N   1 
ATOM   402 C CA  . VAL A 1 47 ? 1.317   -6.874  2.006   1.00 14.43 ? 1479 VAL A CA  1 
ATOM   403 C C   . VAL A 1 47 ? 0.794   -8.268  1.643   1.00 13.81 ? 1479 VAL A C   1 
ATOM   404 O O   . VAL A 1 47 ? 1.566   -9.174  1.368   1.00 13.88 ? 1479 VAL A O   1 
ATOM   405 C CB  . VAL A 1 47 ? 1.850   -6.143  0.752   1.00 19.54 ? 1479 VAL A CB  1 
ATOM   406 C CG1 . VAL A 1 47 ? 0.940   -6.362  -0.414  1.00 20.76 ? 1479 VAL A CG1 1 
ATOM   407 C CG2 . VAL A 1 47 ? 2.052   -4.654  1.071   1.00 18.36 ? 1479 VAL A CG2 1 
ATOM   408 N N   . TYR A 1 48 ? -0.524  -8.436  1.662   1.00 11.43 ? 1480 TYR A N   1 
ATOM   409 C CA  . TYR A 1 48 ? -1.153  -9.733  1.435   1.00 12.98 ? 1480 TYR A CA  1 
ATOM   410 C C   . TYR A 1 48 ? -1.825  -9.800  0.074   1.00 16.04 ? 1480 TYR A C   1 
ATOM   411 O O   . TYR A 1 48 ? -2.746  -9.051  -0.188  1.00 15.03 ? 1480 TYR A O   1 
ATOM   412 C CB  . TYR A 1 48 ? -2.195  -10.006 2.536   1.00 13.89 ? 1480 TYR A CB  1 
ATOM   413 C CG  . TYR A 1 48 ? -1.555  -9.983  3.894   1.00 16.18 ? 1480 TYR A CG  1 
ATOM   414 C CD1 . TYR A 1 48 ? -1.381  -8.797  4.598   1.00 18.44 ? 1480 TYR A CD1 1 
ATOM   415 C CD2 . TYR A 1 48 ? -1.060  -11.143 4.449   1.00 21.65 ? 1480 TYR A CD2 1 
ATOM   416 C CE1 . TYR A 1 48 ? -0.743  -8.788  5.815   1.00 16.59 ? 1480 TYR A CE1 1 
ATOM   417 C CE2 . TYR A 1 48 ? -0.441  -11.139 5.661   1.00 23.35 ? 1480 TYR A CE2 1 
ATOM   418 C CZ  . TYR A 1 48 ? -0.278  -9.978  6.335   1.00 22.50 ? 1480 TYR A CZ  1 
ATOM   419 O OH  . TYR A 1 48 ? 0.359   -10.034 7.544   1.00 21.24 ? 1480 TYR A OH  1 
ATOM   420 N N   . GLY A 1 49 ? -1.387  -10.713 -0.780  1.00 17.64 ? 1481 GLY A N   1 
ATOM   421 C CA  . GLY A 1 49 ? -1.992  -10.833 -2.092  1.00 18.70 ? 1481 GLY A CA  1 
ATOM   422 C C   . GLY A 1 49 ? -1.667  -9.694  -3.048  1.00 17.99 ? 1481 GLY A C   1 
ATOM   423 O O   . GLY A 1 49 ? -0.706  -8.956  -2.850  1.00 16.63 ? 1481 GLY A O   1 
ATOM   424 N N   . ASP A 1 50 ? -2.488  -9.563  -4.090  1.00 17.25 ? 1482 ASP A N   1 
ATOM   425 C CA  . ASP A 1 50 ? -2.255  -8.613  -5.182  1.00 15.78 ? 1482 ASP A CA  1 
ATOM   426 C C   . ASP A 1 50 ? -2.833  -7.226  -4.888  1.00 16.59 ? 1482 ASP A C   1 
ATOM   427 O O   . ASP A 1 50 ? -3.695  -7.095  -4.037  1.00 16.24 ? 1482 ASP A O   1 
ATOM   428 C CB  . ASP A 1 50 ? -2.889  -9.110  -6.484  1.00 26.92 ? 1482 ASP A CB  1 
ATOM   429 C CG  . ASP A 1 50 ? -2.652  -10.587 -6.744  1.00 41.27 ? 1482 ASP A CG  1 
ATOM   430 O OD1 . ASP A 1 50 ? -1.538  -11.079 -6.476  1.00 37.14 ? 1482 ASP A OD1 1 
ATOM   431 O OD2 . ASP A 1 50 ? -3.586  -11.253 -7.242  1.00 51.64 ? 1482 ASP A OD2 1 
ATOM   432 N N   . MET A 1 51 ? -2.396  -6.203  -5.620  1.00 13.55 ? 1483 MET A N   1 
ATOM   433 C CA  . MET A 1 51 ? -3.075  -4.912  -5.493  1.00 14.06 ? 1483 MET A CA  1 
ATOM   434 C C   . MET A 1 51 ? -4.491  -5.040  -6.048  1.00 17.80 ? 1483 MET A C   1 
ATOM   435 O O   . MET A 1 51 ? -4.762  -5.876  -6.904  1.00 18.02 ? 1483 MET A O   1 
ATOM   436 C CB  . MET A 1 51 ? -2.300  -3.785  -6.199  1.00 22.33 ? 1483 MET A CB  1 
ATOM   437 C CG  . MET A 1 51 ? -2.360  -3.762  -7.708  1.00 21.88 ? 1483 MET A CG  1 
ATOM   438 S SD  . MET A 1 51 ? -1.631  -2.245  -8.424  1.00 21.90 ? 1483 MET A SD  1 
ATOM   439 C CE  . MET A 1 51 ? 0.064   -2.321  -7.846  1.00 17.92 ? 1483 MET A CE  1 
ATOM   440 N N   . ASP A 1 52 ? -5.407  -4.231  -5.537  1.00 15.87 ? 1484 ASP A N   1 
ATOM   441 C CA  . ASP A 1 52 ? -6.773  -4.271  -6.052  1.00 14.05 ? 1484 ASP A CA  1 
ATOM   442 C C   . ASP A 1 52 ? -6.849  -3.453  -7.332  1.00 14.74 ? 1484 ASP A C   1 
ATOM   443 O O   . ASP A 1 52 ? -5.849  -2.880  -7.780  1.00 16.73 ? 1484 ASP A O   1 
ATOM   444 C CB  . ASP A 1 52 ? -7.814  -3.795  -4.994  1.00 18.82 ? 1484 ASP A CB  1 
ATOM   445 C CG  . ASP A 1 52 ? -7.654  -2.328  -4.579  1.00 17.27 ? 1484 ASP A CG  1 
ATOM   446 O OD1 . ASP A 1 52 ? -7.076  -1.517  -5.341  1.00 16.89 ? 1484 ASP A OD1 1 
ATOM   447 O OD2 . ASP A 1 52 ? -8.180  -1.975  -3.485  1.00 17.60 ? 1484 ASP A OD2 1 
ATOM   448 N N   . GLU A 1 53 ? -8.032  -3.397  -7.938  1.00 18.31 ? 1485 GLU A N   1 
ATOM   449 C CA  . GLU A 1 53 ? -8.163  -2.736  -9.221  1.00 19.76 ? 1485 GLU A CA  1 
ATOM   450 C C   . GLU A 1 53 ? -7.940  -1.224  -9.146  1.00 19.00 ? 1485 GLU A C   1 
ATOM   451 O O   . GLU A 1 53 ? -7.756  -0.582  -10.175 1.00 18.45 ? 1485 GLU A O   1 
ATOM   452 C CB  . GLU A 1 53 ? -9.528  -3.049  -9.832  1.00 28.48 ? 1485 GLU A CB  1 
ATOM   453 C CG  . GLU A 1 53 ? -10.707 -2.721  -8.955  1.00 45.16 ? 1485 GLU A CG  1 
ATOM   454 C CD  . GLU A 1 53 ? -12.029 -3.108  -9.599  1.00 58.15 ? 1485 GLU A CD  1 
ATOM   455 O OE1 . GLU A 1 53 ? -12.030 -3.482  -10.794 1.00 64.38 ? 1485 GLU A OE1 1 
ATOM   456 O OE2 . GLU A 1 53 ? -13.065 -3.043  -8.908  1.00 65.82 ? 1485 GLU A OE2 1 
ATOM   457 N N   . ASP A 1 54 ? -7.906  -0.666  -7.937  1.00 12.16 ? 1486 ASP A N   1 
ATOM   458 C CA  . ASP A 1 54 ? -7.690  0.768   -7.761  1.00 12.01 ? 1486 ASP A CA  1 
ATOM   459 C C   . ASP A 1 54 ? -6.246  1.111   -7.445  1.00 17.42 ? 1486 ASP A C   1 
ATOM   460 O O   . ASP A 1 54 ? -5.879  2.283   -7.371  1.00 18.05 ? 1486 ASP A O   1 
ATOM   461 C CB  . ASP A 1 54 ? -8.585  1.310   -6.649  1.00 15.63 ? 1486 ASP A CB  1 
ATOM   462 C CG  . ASP A 1 54 ? -10.056 1.070   -6.923  1.00 17.67 ? 1486 ASP A CG  1 
ATOM   463 O OD1 . ASP A 1 54 ? -10.489 1.259   -8.082  1.00 21.68 ? 1486 ASP A OD1 1 
ATOM   464 O OD2 . ASP A 1 54 ? -10.764 0.694   -5.979  1.00 18.07 ? 1486 ASP A OD2 1 
ATOM   465 N N   . GLY A 1 55 ? -5.426  0.087   -7.244  1.00 13.51 ? 1487 GLY A N   1 
ATOM   466 C CA  . GLY A 1 55 ? -4.034  0.316   -6.931  1.00 11.36 ? 1487 GLY A CA  1 
ATOM   467 C C   . GLY A 1 55 ? -3.620  0.178   -5.479  1.00 13.19 ? 1487 GLY A C   1 
ATOM   468 O O   . GLY A 1 55 ? -2.488  0.510   -5.126  1.00 12.77 ? 1487 GLY A O   1 
ATOM   469 N N   . PHE A 1 56 ? -4.512  -0.312  -4.624  1.00 10.60 ? 1488 PHE A N   1 
ATOM   470 C CA  . PHE A 1 56 ? -4.194  -0.437  -3.200  1.00 10.60 ? 1488 PHE A CA  1 
ATOM   471 C C   . PHE A 1 56 ? -3.853  -1.865  -2.798  1.00 14.10 ? 1488 PHE A C   1 
ATOM   472 O O   . PHE A 1 56 ? -4.431  -2.817  -3.327  1.00 12.23 ? 1488 PHE A O   1 
ATOM   473 C CB  . PHE A 1 56 ? -5.376  0.058   -2.336  1.00 12.21 ? 1488 PHE A CB  1 
ATOM   474 C CG  . PHE A 1 56 ? -5.538  1.558   -2.357  1.00 12.73 ? 1488 PHE A CG  1 
ATOM   475 C CD1 . PHE A 1 56 ? -6.152  2.178   -3.425  1.00 10.31 ? 1488 PHE A CD1 1 
ATOM   476 C CD2 . PHE A 1 56 ? -5.021  2.342   -1.339  1.00 11.27 ? 1488 PHE A CD2 1 
ATOM   477 C CE1 . PHE A 1 56 ? -6.262  3.553   -3.470  1.00 12.15 ? 1488 PHE A CE1 1 
ATOM   478 C CE2 . PHE A 1 56 ? -5.152  3.712   -1.356  1.00 13.06 ? 1488 PHE A CE2 1 
ATOM   479 C CZ  . PHE A 1 56 ? -5.755  4.322   -2.448  1.00 9.82  ? 1488 PHE A CZ  1 
ATOM   480 N N   . TYR A 1 57 ? -2.917  -2.009  -1.862  1.00 11.85 ? 1489 TYR A N   1 
ATOM   481 C CA  . TYR A 1 57 ? -2.633  -3.325  -1.271  1.00 12.67 ? 1489 TYR A CA  1 
ATOM   482 C C   . TYR A 1 57 ? -3.336  -3.443  0.060   1.00 10.56 ? 1489 TYR A C   1 
ATOM   483 O O   . TYR A 1 57 ? -3.433  -2.457  0.766   1.00 12.06 ? 1489 TYR A O   1 
ATOM   484 C CB  . TYR A 1 57 ? -1.152  -3.526  -1.006  1.00 10.62 ? 1489 TYR A CB  1 
ATOM   485 C CG  . TYR A 1 57 ? -0.266  -3.554  -2.243  1.00 13.11 ? 1489 TYR A CG  1 
ATOM   486 C CD1 . TYR A 1 57 ? -0.296  -4.628  -3.113  1.00 17.67 ? 1489 TYR A CD1 1 
ATOM   487 C CD2 . TYR A 1 57 ? 0.632   -2.528  -2.498  1.00 12.60 ? 1489 TYR A CD2 1 
ATOM   488 C CE1 . TYR A 1 57 ? 0.535   -4.672  -4.233  1.00 16.46 ? 1489 TYR A CE1 1 
ATOM   489 C CE2 . TYR A 1 57 ? 1.452   -2.562  -3.614  1.00 12.40 ? 1489 TYR A CE2 1 
ATOM   490 C CZ  . TYR A 1 57 ? 1.389   -3.631  -4.478  1.00 15.51 ? 1489 TYR A CZ  1 
ATOM   491 O OH  . TYR A 1 57 ? 2.223   -3.676  -5.583  1.00 17.62 ? 1489 TYR A OH  1 
ATOM   492 N N   . MET A 1 58 ? -3.735  -4.653  0.441   1.00 10.50 ? 1490 MET A N   1 
ATOM   493 C CA  . MET A 1 58 ? -4.096  -4.894  1.847   1.00 14.54 ? 1490 MET A CA  1 
ATOM   494 C C   . MET A 1 58 ? -2.815  -5.068  2.656   1.00 12.36 ? 1490 MET A C   1 
ATOM   495 O O   . MET A 1 58 ? -2.036  -5.955  2.361   1.00 14.40 ? 1490 MET A O   1 
ATOM   496 C CB  . MET A 1 58 ? -4.965  -6.130  1.999   1.00 15.34 ? 1490 MET A CB  1 
ATOM   497 C CG  . MET A 1 58 ? -5.223  -6.494  3.480   1.00 20.26 ? 1490 MET A CG  1 
ATOM   498 S SD  . MET A 1 58 ? -6.082  -5.189  4.413   1.00 26.79 ? 1490 MET A SD  1 
ATOM   499 C CE  . MET A 1 58 ? -7.580  -4.981  3.445   1.00 26.45 ? 1490 MET A CE  1 
ATOM   500 N N   . GLY A 1 59 ? -2.596  -4.219  3.658   1.00 12.43 ? 1491 GLY A N   1 
ATOM   501 C CA  . GLY A 1 59 ? -1.359  -4.248  4.411   1.00 13.18 ? 1491 GLY A CA  1 
ATOM   502 C C   . GLY A 1 59 ? -1.555  -4.351  5.914   1.00 15.49 ? 1491 GLY A C   1 
ATOM   503 O O   . GLY A 1 59 ? -2.641  -4.107  6.433   1.00 13.22 ? 1491 GLY A O   1 
ATOM   504 N N   . GLU A 1 60 ? -0.476  -4.702  6.600   1.00 12.31 ? 1492 GLU A N   1 
ATOM   505 C CA  . GLU A 1 60 ? -0.435  -4.720  8.068   1.00 10.09 ? 1492 GLU A CA  1 
ATOM   506 C C   . GLU A 1 60 ? 0.743   -3.912  8.538   1.00 13.50 ? 1492 GLU A C   1 
ATOM   507 O O   . GLU A 1 60 ? 1.820   -3.965  7.922   1.00 12.17 ? 1492 GLU A O   1 
ATOM   508 C CB  . GLU A 1 60 ? -0.311  -6.144  8.598   1.00 12.97 ? 1492 GLU A CB  1 
ATOM   509 C CG  . GLU A 1 60 ? -0.417  -6.260  10.123  1.00 14.79 ? 1492 GLU A CG  1 
ATOM   510 C CD  . GLU A 1 60 ? 0.889   -6.028  10.868  1.00 22.07 ? 1492 GLU A CD  1 
ATOM   511 O OE1 . GLU A 1 60 ? 1.979   -6.002  10.230  1.00 17.13 ? 1492 GLU A OE1 1 
ATOM   512 O OE2 . GLU A 1 60 ? 0.821   -5.884  12.112  1.00 21.17 ? 1492 GLU A OE2 1 
ATOM   513 N N   . LEU A 1 61 ? 0.558   -3.177  9.626   1.00 11.84 ? 1493 LEU A N   1 
ATOM   514 C CA  . LEU A 1 61 ? 1.663   -2.421  10.211  1.00 12.95 ? 1493 LEU A CA  1 
ATOM   515 C C   . LEU A 1 61 ? 1.394   -2.181  11.685  1.00 18.05 ? 1493 LEU A C   1 
ATOM   516 O O   . LEU A 1 61 ? 0.390   -1.581  12.049  1.00 18.25 ? 1493 LEU A O   1 
ATOM   517 C CB  . LEU A 1 61 ? 1.871   -1.088  9.471   1.00 14.85 ? 1493 LEU A CB  1 
ATOM   518 C CG  . LEU A 1 61 ? 2.846   -0.100  10.122  1.00 13.78 ? 1493 LEU A CG  1 
ATOM   519 C CD1 . LEU A 1 61 ? 4.279   -0.665  10.197  1.00 13.89 ? 1493 LEU A CD1 1 
ATOM   520 C CD2 . LEU A 1 61 ? 2.850   1.257   9.371   1.00 11.03 ? 1493 LEU A CD2 1 
ATOM   521 N N   . ASP A 1 62 ? 2.298   -2.674  12.520  1.00 16.70 ? 1494 ASP A N   1 
ATOM   522 C CA  . ASP A 1 62 ? 2.203   -2.521  13.979  1.00 23.74 ? 1494 ASP A CA  1 
ATOM   523 C C   . ASP A 1 62 ? 0.801   -2.812  14.543  1.00 20.35 ? 1494 ASP A C   1 
ATOM   524 O O   . ASP A 1 62 ? 0.252   -2.024  15.321  1.00 29.38 ? 1494 ASP A O   1 
ATOM   525 C CB  . ASP A 1 62 ? 2.647   -1.118  14.399  1.00 27.95 ? 1494 ASP A CB  1 
ATOM   526 C CG  . ASP A 1 62 ? 4.151   -0.895  14.200  1.00 33.21 ? 1494 ASP A CG  1 
ATOM   527 O OD1 . ASP A 1 62 ? 4.940   -1.843  14.441  1.00 33.17 ? 1494 ASP A OD1 1 
ATOM   528 O OD2 . ASP A 1 62 ? 4.539   0.225   13.816  1.00 40.55 ? 1494 ASP A OD2 1 
ATOM   529 N N   . GLY A 1 63 ? 0.228   -3.941  14.151  1.00 17.27 ? 1495 GLY A N   1 
ATOM   530 C CA  . GLY A 1 63 ? -1.017  -4.394  14.745  1.00 22.98 ? 1495 GLY A CA  1 
ATOM   531 C C   . GLY A 1 63 ? -2.278  -3.871  14.083  1.00 27.86 ? 1495 GLY A C   1 
ATOM   532 O O   . GLY A 1 63 ? -3.377  -4.269  14.447  1.00 27.67 ? 1495 GLY A O   1 
ATOM   533 N N   . VAL A 1 64 ? -2.119  -2.976  13.113  1.00 14.52 ? 1496 VAL A N   1 
ATOM   534 C CA  . VAL A 1 64 ? -3.246  -2.391  12.375  1.00 21.54 ? 1496 VAL A CA  1 
ATOM   535 C C   . VAL A 1 64 ? -3.226  -2.860  10.918  1.00 20.84 ? 1496 VAL A C   1 
ATOM   536 O O   . VAL A 1 64 ? -2.158  -2.938  10.322  1.00 14.83 ? 1496 VAL A O   1 
ATOM   537 C CB  . VAL A 1 64 ? -3.193  -0.856  12.400  1.00 22.02 ? 1496 VAL A CB  1 
ATOM   538 C CG1 . VAL A 1 64 ? -4.480  -0.267  11.862  1.00 24.55 ? 1496 VAL A CG1 1 
ATOM   539 C CG2 . VAL A 1 64 ? -2.916  -0.339  13.806  1.00 33.28 ? 1496 VAL A CG2 1 
ATOM   540 N N   . ARG A 1 65 ? -4.392  -3.192  10.365  1.00 18.34 ? 1497 ARG A N   1 
ATOM   541 C CA  . ARG A 1 65 ? -4.516  -3.607  8.970   1.00 17.70 ? 1497 ARG A CA  1 
ATOM   542 C C   . ARG A 1 65 ? -5.345  -2.609  8.167   1.00 19.73 ? 1497 ARG A C   1 
ATOM   543 O O   . ARG A 1 65 ? -6.290  -2.026  8.686   1.00 17.81 ? 1497 ARG A O   1 
ATOM   544 C CB  . ARG A 1 65 ? -5.136  -4.999  8.886   1.00 26.06 ? 1497 ARG A CB  1 
ATOM   545 C CG  . ARG A 1 65 ? -4.254  -6.034  9.524   1.00 30.33 ? 1497 ARG A CG  1 
ATOM   546 C CD  . ARG A 1 65 ? -4.885  -7.393  9.608   1.00 37.53 ? 1497 ARG A CD  1 
ATOM   547 N NE  . ARG A 1 65 ? -4.090  -8.222  10.510  1.00 44.55 ? 1497 ARG A NE  1 
ATOM   548 C CZ  . ARG A 1 65 ? -3.097  -9.016  10.121  1.00 47.05 ? 1497 ARG A CZ  1 
ATOM   549 N NH1 . ARG A 1 65 ? -2.772  -9.108  8.834   1.00 34.52 ? 1497 ARG A NH1 1 
ATOM   550 N NH2 . ARG A 1 65 ? -2.429  -9.720  11.020  1.00 43.61 ? 1497 ARG A NH2 1 
ATOM   551 N N   . GLY A 1 66 ? -4.977  -2.392  6.910   1.00 11.87 ? 1498 GLY A N   1 
ATOM   552 C CA  . GLY A 1 66 ? -5.754  -1.505  6.062   1.00 11.21 ? 1498 GLY A CA  1 
ATOM   553 C C   . GLY A 1 66 ? -5.135  -1.377  4.698   1.00 12.13 ? 1498 GLY A C   1 
ATOM   554 O O   . GLY A 1 66 ? -4.014  -1.842  4.471   1.00 12.35 ? 1498 GLY A O   1 
ATOM   555 N N   . LEU A 1 67 ? -5.844  -0.692  3.802   1.00 11.09 ? 1499 LEU A N   1 
ATOM   556 C CA  . LEU A 1 67 ? -5.370  -0.509  2.447   1.00 9.60  ? 1499 LEU A CA  1 
ATOM   557 C C   . LEU A 1 67 ? -4.267  0.552   2.392   1.00 10.03 ? 1499 LEU A C   1 
ATOM   558 O O   . LEU A 1 67 ? -4.335  1.580   3.065   1.00 13.31 ? 1499 LEU A O   1 
ATOM   559 C CB  . LEU A 1 67 ? -6.536  -0.116  1.530   1.00 13.56 ? 1499 LEU A CB  1 
ATOM   560 C CG  . LEU A 1 67 ? -7.654  -1.158  1.392   1.00 17.63 ? 1499 LEU A CG  1 
ATOM   561 C CD1 . LEU A 1 67 ? -8.810  -0.590  0.570   1.00 16.38 ? 1499 LEU A CD1 1 
ATOM   562 C CD2 . LEU A 1 67 ? -7.151  -2.449  0.767   1.00 17.27 ? 1499 LEU A CD2 1 
ATOM   563 N N   . VAL A 1 68 ? -3.260  0.287   1.563   1.00 11.22 ? 1500 VAL A N   1 
ATOM   564 C CA  . VAL A 1 68 ? -2.138  1.207   1.368   1.00 10.05 ? 1500 VAL A CA  1 
ATOM   565 C C   . VAL A 1 68 ? -1.930  1.497   -0.124  1.00 11.75 ? 1500 VAL A C   1 
ATOM   566 O O   . VAL A 1 68 ? -2.047  0.606   -0.963  1.00 11.31 ? 1500 VAL A O   1 
ATOM   567 C CB  . VAL A 1 68 ? -0.842  0.640   1.990   1.00 18.26 ? 1500 VAL A CB  1 
ATOM   568 C CG1 . VAL A 1 68 ? -1.031  0.401   3.468   1.00 13.90 ? 1500 VAL A CG1 1 
ATOM   569 C CG2 . VAL A 1 68 ? -0.454  -0.645  1.322   1.00 17.70 ? 1500 VAL A CG2 1 
ATOM   570 N N   . PRO A 1 69 ? -1.657  2.762   -0.464  1.00 13.09 ? 1501 PRO A N   1 
ATOM   571 C CA  . PRO A 1 69 ? -1.461  3.139   -1.873  1.00 10.53 ? 1501 PRO A CA  1 
ATOM   572 C C   . PRO A 1 69 ? -0.131  2.618   -2.431  1.00 11.38 ? 1501 PRO A C   1 
ATOM   573 O O   . PRO A 1 69 ? 0.923   2.933   -1.895  1.00 12.72 ? 1501 PRO A O   1 
ATOM   574 C CB  . PRO A 1 69 ? -1.458  4.677   -1.837  1.00 12.75 ? 1501 PRO A CB  1 
ATOM   575 C CG  . PRO A 1 69 ? -0.972  5.031   -0.494  1.00 13.49 ? 1501 PRO A CG  1 
ATOM   576 C CD  . PRO A 1 69 ? -1.448  3.896   0.455   1.00 14.93 ? 1501 PRO A CD  1 
ATOM   577 N N   . SER A 1 70 ? -0.198  1.833   -3.497  1.00 9.73  ? 1502 SER A N   1 
ATOM   578 C CA  . SER A 1 70 ? 0.994   1.184   -4.042  1.00 12.79 ? 1502 SER A CA  1 
ATOM   579 C C   . SER A 1 70 ? 2.068   2.191   -4.439  1.00 12.67 ? 1502 SER A C   1 
ATOM   580 O O   . SER A 1 70 ? 3.255   1.888   -4.386  1.00 10.23 ? 1502 SER A O   1 
ATOM   581 C CB  . SER A 1 70 ? 0.610   0.323   -5.241  1.00 12.55 ? 1502 SER A CB  1 
ATOM   582 O OG  . SER A 1 70 ? -0.008  1.116   -6.257  1.00 11.55 ? 1502 SER A OG  1 
ATOM   583 N N   . ASN A 1 71 ? 1.656   3.403   -4.815  1.00 10.56 ? 1503 ASN A N   1 
ATOM   584 C CA  . ASN A 1 71 ? 2.597   4.359   -5.349  1.00 12.78 ? 1503 ASN A CA  1 
ATOM   585 C C   . ASN A 1 71 ? 3.398   5.072   -4.268  1.00 10.73 ? 1503 ASN A C   1 
ATOM   586 O O   . ASN A 1 71 ? 4.262   5.861   -4.589  1.00 10.97 ? 1503 ASN A O   1 
ATOM   587 C CB  . ASN A 1 71 ? 1.903   5.361   -6.297  1.00 12.54 ? 1503 ASN A CB  1 
ATOM   588 C CG  . ASN A 1 71 ? 0.747   6.112   -5.663  1.00 12.61 ? 1503 ASN A CG  1 
ATOM   589 O OD1 . ASN A 1 71 ? 0.148   5.668   -4.690  1.00 12.54 ? 1503 ASN A OD1 1 
ATOM   590 N ND2 . ASN A 1 71 ? 0.413   7.274   -6.244  1.00 11.60 ? 1503 ASN A ND2 1 
ATOM   591 N N   . PHE A 1 72 ? 3.160   4.745   -2.992  1.00 9.90  ? 1504 PHE A N   1 
ATOM   592 C CA  . PHE A 1 72 ? 3.951   5.310   -1.912  1.00 9.46  ? 1504 PHE A CA  1 
ATOM   593 C C   . PHE A 1 72 ? 5.028   4.330   -1.425  1.00 8.66  ? 1504 PHE A C   1 
ATOM   594 O O   . PHE A 1 72 ? 5.805   4.658   -0.537  1.00 10.20 ? 1504 PHE A O   1 
ATOM   595 C CB  . PHE A 1 72 ? 3.056   5.718   -0.731  1.00 9.34  ? 1504 PHE A CB  1 
ATOM   596 C CG  . PHE A 1 72 ? 2.469   7.099   -0.871  1.00 8.84  ? 1504 PHE A CG  1 
ATOM   597 C CD1 . PHE A 1 72 ? 1.623   7.389   -1.920  1.00 11.40 ? 1504 PHE A CD1 1 
ATOM   598 C CD2 . PHE A 1 72 ? 2.744   8.081   0.069   1.00 10.65 ? 1504 PHE A CD2 1 
ATOM   599 C CE1 . PHE A 1 72 ? 1.084   8.666   -2.074  1.00 9.64  ? 1504 PHE A CE1 1 
ATOM   600 C CE2 . PHE A 1 72 ? 2.199   9.356   -0.062  1.00 13.36 ? 1504 PHE A CE2 1 
ATOM   601 C CZ  . PHE A 1 72 ? 1.374   9.648   -1.140  1.00 13.99 ? 1504 PHE A CZ  1 
ATOM   602 N N   . LEU A 1 73 ? 5.034   3.132   -2.002  1.00 11.19 ? 1505 LEU A N   1 
ATOM   603 C CA  . LEU A 1 73 ? 5.914   2.040   -1.561  1.00 8.07  ? 1505 LEU A CA  1 
ATOM   604 C C   . LEU A 1 73 ? 6.985   1.763   -2.588  1.00 10.81 ? 1505 LEU A C   1 
ATOM   605 O O   . LEU A 1 73 ? 6.822   2.110   -3.753  1.00 10.36 ? 1505 LEU A O   1 
ATOM   606 C CB  . LEU A 1 73 ? 5.105   0.761   -1.336  1.00 8.91  ? 1505 LEU A CB  1 
ATOM   607 C CG  . LEU A 1 73 ? 3.884   0.983   -0.443  1.00 8.39  ? 1505 LEU A CG  1 
ATOM   608 C CD1 . LEU A 1 73 ? 3.098   -0.324  -0.331  1.00 10.74 ? 1505 LEU A CD1 1 
ATOM   609 C CD2 . LEU A 1 73 ? 4.265   1.502   0.949   1.00 10.58 ? 1505 LEU A CD2 1 
ATOM   610 N N   . ALA A 1 74 ? 8.061   1.101   -2.163  1.00 11.91 ? 1506 ALA A N   1 
ATOM   611 C CA  . ALA A 1 74 ? 9.155   0.785   -3.073  1.00 11.09 ? 1506 ALA A CA  1 
ATOM   612 C C   . ALA A 1 74 ? 8.853   -0.471  -3.874  1.00 12.88 ? 1506 ALA A C   1 
ATOM   613 O O   . ALA A 1 74 ? 8.824   -1.564  -3.325  1.00 17.27 ? 1506 ALA A O   1 
ATOM   614 C CB  . ALA A 1 74 ? 10.450  0.613   -2.299  1.00 13.67 ? 1506 ALA A CB  1 
ATOM   615 N N   . ASP A 1 75 ? 8.635   -0.326  -5.174  1.00 15.24 ? 1507 ASP A N   1 
ATOM   616 C CA  . ASP A 1 75 ? 8.555   -1.509  -6.008  1.00 17.31 ? 1507 ASP A CA  1 
ATOM   617 C C   . ASP A 1 75 ? 9.839   -1.625  -6.812  1.00 19.58 ? 1507 ASP A C   1 
ATOM   618 O O   . ASP A 1 75 ? 10.177  -2.732  -7.246  1.00 14.35 ? 1507 ASP A O   1 
ATOM   619 C CB  . ASP A 1 75 ? 7.327   -1.477  -6.923  1.00 21.58 ? 1507 ASP A CB  1 
ATOM   620 C CG  . ASP A 1 75 ? 7.376   -0.350  -7.948  1.00 24.60 ? 1507 ASP A CG  1 
ATOM   621 O OD1 . ASP A 1 75 ? 8.043   0.668   -7.682  1.00 20.55 ? 1507 ASP A OD1 1 
ATOM   622 O OD2 . ASP A 1 75 ? 6.728   -0.489  -9.014  1.00 23.04 ? 1507 ASP A OD2 1 
ATOM   623 O OXT . ASP A 1 75 ? 10.543  -0.621  -6.995  1.00 14.48 ? 1507 ASP A OXT 1 
HETATM 624 C C   . ACE B 2 1  ? -20.063 6.592   -7.546  1.00 20.69 ? 1684 ACE B C   1 
HETATM 625 O O   . ACE B 2 1  ? -19.704 7.415   -8.381  1.00 17.07 ? 1684 ACE B O   1 
HETATM 626 C CH3 . ACE B 2 1  ? -21.385 5.895   -7.631  1.00 20.77 ? 1684 ACE B CH3 1 
ATOM   627 N N   . ILE B 2 2  ? -19.417 6.400   -6.403  1.00 15.25 ? 1685 ILE B N   1 
ATOM   628 C CA  . ILE B 2 2  ? -18.109 6.969   -6.092  1.00 12.45 ? 1685 ILE B CA  1 
ATOM   629 C C   . ILE B 2 2  ? -17.054 5.869   -6.023  1.00 15.90 ? 1685 ILE B C   1 
ATOM   630 O O   . ILE B 2 2  ? -17.182 4.955   -5.219  1.00 14.17 ? 1685 ILE B O   1 
ATOM   631 C CB  . ILE B 2 2  ? -18.125 7.706   -4.748  1.00 13.36 ? 1685 ILE B CB  1 
ATOM   632 C CG1 . ILE B 2 2  ? -19.219 8.782   -4.726  1.00 15.86 ? 1685 ILE B CG1 1 
ATOM   633 C CG2 . ILE B 2 2  ? -16.759 8.293   -4.457  1.00 13.94 ? 1685 ILE B CG2 1 
ATOM   634 C CD1 . ILE B 2 2  ? -19.278 9.543   -3.402  1.00 14.20 ? 1685 ILE B CD1 1 
ATOM   635 N N   . GLY B 2 3  ? -16.026 5.957   -6.861  1.00 13.13 ? 1686 GLY B N   1 
ATOM   636 C CA  . GLY B 2 3  ? -14.956 4.965   -6.840  1.00 14.42 ? 1686 GLY B CA  1 
ATOM   637 C C   . GLY B 2 3  ? -13.759 5.448   -6.053  1.00 15.62 ? 1686 GLY B C   1 
ATOM   638 O O   . GLY B 2 3  ? -13.681 6.628   -5.693  1.00 16.19 ? 1686 GLY B O   1 
ATOM   639 N N   . ARG B 2 4  ? -12.843 4.523   -5.753  1.00 12.23 ? 1687 ARG B N   1 
ATOM   640 C CA  . ARG B 2 4  ? -11.597 4.854   -5.084  1.00 12.42 ? 1687 ARG B CA  1 
ATOM   641 C C   . ARG B 2 4  ? -10.497 5.028   -6.117  1.00 13.45 ? 1687 ARG B C   1 
ATOM   642 O O   . ARG B 2 4  ? -10.527 4.414   -7.183  1.00 15.03 ? 1687 ARG B O   1 
ATOM   643 C CB  . ARG B 2 4  ? -11.206 3.766   -4.083  1.00 11.78 ? 1687 ARG B CB  1 
ATOM   644 C CG  . ARG B 2 4  ? -12.193 3.683   -2.894  1.00 8.46  ? 1687 ARG B CG  1 
ATOM   645 C CD  . ARG B 2 4  ? -11.905 2.483   -1.938  1.00 10.59 ? 1687 ARG B CD  1 
ATOM   646 N NE  . ARG B 2 4  ? -10.469 2.291   -1.706  1.00 12.28 ? 1687 ARG B NE  1 
ATOM   647 C CZ  . ARG B 2 4  ? -9.747  2.990   -0.836  1.00 14.59 ? 1687 ARG B CZ  1 
ATOM   648 N NH1 . ARG B 2 4  ? -10.330 3.926   -0.087  1.00 11.75 ? 1687 ARG B NH1 1 
ATOM   649 N NH2 . ARG B 2 4  ? -8.436  2.783   -0.737  1.00 12.42 ? 1687 ARG B NH2 1 
ATOM   650 N N   . ARG B 2 5  ? -9.536  5.864   -5.790  1.00 9.64  ? 1688 ARG B N   1 
ATOM   651 C CA  . ARG B 2 5  ? -8.371  6.031   -6.646  1.00 9.05  ? 1688 ARG B CA  1 
ATOM   652 C C   . ARG B 2 5  ? -7.115  6.278   -5.837  1.00 10.76 ? 1688 ARG B C   1 
ATOM   653 O O   . ARG B 2 5  ? -7.160  6.569   -4.658  1.00 12.98 ? 1688 ARG B O   1 
ATOM   654 C CB  . ARG B 2 5  ? -8.614  7.194   -7.618  1.00 11.59 ? 1688 ARG B CB  1 
ATOM   655 C CG  . ARG B 2 5  ? -8.613  8.568   -6.966  1.00 13.78 ? 1688 ARG B CG  1 
ATOM   656 C CD  . ARG B 2 5  ? -8.881  9.636   -8.020  1.00 17.88 ? 1688 ARG B CD  1 
ATOM   657 N NE  . ARG B 2 5  ? -9.036  10.993  -7.494  1.00 12.64 ? 1688 ARG B NE  1 
ATOM   658 C CZ  . ARG B 2 5  ? -8.046  11.881  -7.400  1.00 17.21 ? 1688 ARG B CZ  1 
ATOM   659 N NH1 . ARG B 2 5  ? -6.801  11.555  -7.739  1.00 11.79 ? 1688 ARG B NH1 1 
ATOM   660 N NH2 . ARG B 2 5  ? -8.294  13.103  -6.959  1.00 12.79 ? 1688 ARG B NH2 1 
ATOM   661 N N   . LEU B 2 6  ? -5.960  6.171   -6.485  1.00 11.70 ? 1689 LEU B N   1 
ATOM   662 C CA  . LEU B 2 6  ? -4.718  6.470   -5.799  1.00 9.45  ? 1689 LEU B CA  1 
ATOM   663 C C   . LEU B 2 6  ? -4.544  7.954   -5.521  1.00 11.38 ? 1689 LEU B C   1 
ATOM   664 O O   . LEU B 2 6  ? -4.976  8.791   -6.317  1.00 13.36 ? 1689 LEU B O   1 
ATOM   665 C CB  . LEU B 2 6  ? -3.536  5.976   -6.646  1.00 6.96  ? 1689 LEU B CB  1 
ATOM   666 C CG  . LEU B 2 6  ? -3.307  4.462   -6.632  1.00 10.95 ? 1689 LEU B CG  1 
ATOM   667 C CD1 . LEU B 2 6  ? -2.237  4.094   -7.656  1.00 10.02 ? 1689 LEU B CD1 1 
ATOM   668 C CD2 . LEU B 2 6  ? -2.913  3.971   -5.243  1.00 13.42 ? 1689 LEU B CD2 1 
ATOM   669 N N   . PRO B 2 7  ? -3.857  8.295   -4.429  1.00 12.63 ? 1690 PRO B N   1 
ATOM   670 C CA  . PRO B 2 7  ? -3.408  9.690   -4.309  1.00 10.10 ? 1690 PRO B CA  1 
ATOM   671 C C   . PRO B 2 7  ? -2.382  10.029  -5.372  1.00 13.49 ? 1690 PRO B C   1 
ATOM   672 O O   . PRO B 2 7  ? -1.829  9.118   -5.973  1.00 13.72 ? 1690 PRO B O   1 
ATOM   673 C CB  . PRO B 2 7  ? -2.800  9.746   -2.911  1.00 15.77 ? 1690 PRO B CB  1 
ATOM   674 C CG  . PRO B 2 7  ? -2.393  8.338   -2.624  1.00 22.13 ? 1690 PRO B CG  1 
ATOM   675 C CD  . PRO B 2 7  ? -3.330  7.433   -3.354  1.00 12.20 ? 1690 PRO B CD  1 
ATOM   676 N N   . PRO B 2 8  ? -2.169  11.325  -5.651  1.00 13.72 ? 1691 PRO B N   1 
ATOM   677 C CA  . PRO B 2 8  ? -1.068  11.687  -6.554  1.00 13.89 ? 1691 PRO B CA  1 
ATOM   678 C C   . PRO B 2 8  ? 0.271   11.149  -6.053  1.00 14.94 ? 1691 PRO B C   1 
ATOM   679 O O   . PRO B 2 8  ? 0.547   11.130  -4.859  1.00 14.47 ? 1691 PRO B O   1 
ATOM   680 C CB  . PRO B 2 8  ? -1.070  13.225  -6.564  1.00 20.79 ? 1691 PRO B CB  1 
ATOM   681 C CG  . PRO B 2 8  ? -2.042  13.659  -5.561  1.00 15.87 ? 1691 PRO B CG  1 
ATOM   682 C CD  . PRO B 2 8  ? -2.908  12.486  -5.153  1.00 14.55 ? 1691 PRO B CD  1 
ATOM   683 N N   . THR B 2 9  ? 1.082   10.692  -6.996  1.00 15.07 ? 1692 THR B N   1 
ATOM   684 C CA  . THR B 2 9  ? 2.386   10.116  -6.692  1.00 12.63 ? 1692 THR B CA  1 
ATOM   685 C C   . THR B 2 9  ? 3.343   11.213  -6.263  1.00 18.68 ? 1692 THR B C   1 
ATOM   686 O O   . THR B 2 9  ? 3.432   12.251  -6.922  1.00 18.69 ? 1692 THR B O   1 
ATOM   687 C CB  . THR B 2 9  ? 2.949   9.397   -7.911  1.00 15.91 ? 1692 THR B CB  1 
ATOM   688 O OG1 . THR B 2 9  ? 2.006   8.424   -8.369  1.00 14.88 ? 1692 THR B OG1 1 
ATOM   689 C CG2 . THR B 2 9  ? 4.290   8.732   -7.588  1.00 16.65 ? 1692 THR B CG2 1 
ATOM   690 N N   . PRO B 2 10 ? 4.070   10.998  -5.160  1.00 18.67 ? 1693 PRO B N   1 
ATOM   691 C CA  . PRO B 2 10 ? 5.057   12.002  -4.770  1.00 13.78 ? 1693 PRO B CA  1 
ATOM   692 C C   . PRO B 2 10 ? 6.086   12.193  -5.878  1.00 18.51 ? 1693 PRO B C   1 
ATOM   693 O O   . PRO B 2 10 ? 6.407   11.252  -6.603  1.00 19.11 ? 1693 PRO B O   1 
ATOM   694 C CB  . PRO B 2 10 ? 5.686   11.408  -3.504  1.00 16.40 ? 1693 PRO B CB  1 
ATOM   695 C CG  . PRO B 2 10 ? 4.568   10.565  -2.938  1.00 13.83 ? 1693 PRO B CG  1 
ATOM   696 C CD  . PRO B 2 10 ? 3.975   9.916   -4.160  1.00 15.44 ? 1693 PRO B CD  1 
ATOM   697 N N   . SER B 2 11 ? 6.556   13.417  -6.032  1.00 16.88 ? 1694 SER B N   1 
ATOM   698 C CA  . SER B 2 11 ? 7.504   13.711  -7.115  1.00 21.85 ? 1694 SER B CA  1 
ATOM   699 C C   . SER B 2 11 ? 8.923   14.001  -6.604  1.00 22.06 ? 1694 SER B C   1 
ATOM   700 O O   . SER B 2 11 ? 9.896   13.954  -7.384  1.00 18.39 ? 1694 SER B O   1 
ATOM   701 C CB  . SER B 2 11 ? 6.988   14.893  -7.938  1.00 24.96 ? 1694 SER B CB  1 
ATOM   702 O OG  . SER B 2 11 ? 7.028   16.068  -7.169  1.00 25.95 ? 1694 SER B OG  1 
ATOM   703 N N   . LYS B 2 12 ? 9.051   14.315  -5.316  1.00 15.72 ? 1695 LYS B N   1 
ATOM   704 C CA  . LYS B 2 12 ? 10.366  14.554  -4.717  1.00 11.72 ? 1695 LYS B CA  1 
ATOM   705 C C   . LYS B 2 12 ? 11.054  13.233  -4.415  1.00 14.30 ? 1695 LYS B C   1 
ATOM   706 O O   . LYS B 2 12 ? 10.373  12.267  -4.070  1.00 13.83 ? 1695 LYS B O   1 
ATOM   707 C CB  . LYS B 2 12 ? 10.247  15.353  -3.411  1.00 19.01 ? 1695 LYS B CB  1 
ATOM   708 C CG  . LYS B 2 12 ? 9.661   16.745  -3.536  1.00 32.09 ? 1695 LYS B CG  1 
ATOM   709 C CD  . LYS B 2 12 ? 9.825   17.515  -2.230  1.00 39.80 ? 1695 LYS B CD  1 
ATOM   710 C CE  . LYS B 2 12 ? 9.045   18.826  -2.237  1.00 59.49 ? 1695 LYS B CE  1 
ATOM   711 N NZ  . LYS B 2 12 ? 9.247   19.604  -0.975  1.00 70.98 ? 1695 LYS B NZ  1 
ATOM   712 N N   . PRO B 2 13 ? 12.397  13.196  -4.491  1.00 12.83 ? 1696 PRO B N   1 
ATOM   713 C CA  . PRO B 2 13 ? 13.124  11.984  -4.078  1.00 11.42 ? 1696 PRO B CA  1 
ATOM   714 C C   . PRO B 2 13 ? 12.769  11.582  -2.637  1.00 15.29 ? 1696 PRO B C   1 
ATOM   715 O O   . PRO B 2 13 ? 12.541  12.436  -1.775  1.00 12.39 ? 1696 PRO B O   1 
ATOM   716 C CB  . PRO B 2 13 ? 14.594  12.403  -4.185  1.00 14.19 ? 1696 PRO B CB  1 
ATOM   717 C CG  . PRO B 2 13 ? 14.598  13.502  -5.227  1.00 14.20 ? 1696 PRO B CG  1 
ATOM   718 C CD  . PRO B 2 13 ? 13.312  14.238  -5.002  1.00 11.79 ? 1696 PRO B CD  1 
ATOM   719 N N   . SER B 2 14 ? 12.724  10.283  -2.387  1.00 10.90 ? 1697 SER B N   1 
ATOM   720 C CA  . SER B 2 14 ? 12.424  9.803   -1.036  1.00 10.68 ? 1697 SER B CA  1 
ATOM   721 C C   . SER B 2 14 ? 13.476  10.238  -0.018  1.00 13.62 ? 1697 SER B C   1 
ATOM   722 O O   . SER B 2 14 ? 14.666  10.155  -0.294  1.00 14.49 ? 1697 SER B O   1 
ATOM   723 C CB  . SER B 2 14 ? 12.335  8.282   -1.042  1.00 14.02 ? 1697 SER B CB  1 
ATOM   724 O OG  . SER B 2 14 ? 12.206  7.805   0.278   1.00 11.51 ? 1697 SER B OG  1 
ATOM   725 N N   . THR B 2 15 ? 13.052  10.637  1.180   1.00 9.14  ? 1698 THR B N   1 
ATOM   726 C CA  . THR B 2 15 ? 14.019  11.011  2.198   1.00 10.90 ? 1698 THR B CA  1 
ATOM   727 C C   . THR B 2 15 ? 14.701  9.783   2.818   1.00 16.39 ? 1698 THR B C   1 
ATOM   728 O O   . THR B 2 15 ? 15.646  9.924   3.592   1.00 16.89 ? 1698 THR B O   1 
ATOM   729 C CB  . THR B 2 15 ? 13.372  11.845  3.315   1.00 18.48 ? 1698 THR B CB  1 
ATOM   730 O OG1 . THR B 2 15 ? 12.402  11.040  3.983   1.00 19.00 ? 1698 THR B OG1 1 
ATOM   731 C CG2 . THR B 2 15 ? 12.701  13.093  2.752   1.00 23.04 ? 1698 THR B CG2 1 
ATOM   732 N N   . LEU B 2 16 ? 14.240  8.582   2.464   1.00 12.20 ? 1699 LEU B N   1 
ATOM   733 C CA  . LEU B 2 16 ? 14.897  7.361   2.932   1.00 15.04 ? 1699 LEU B CA  1 
ATOM   734 C C   . LEU B 2 16 ? 16.303  7.227   2.363   1.00 16.71 ? 1699 LEU B C   1 
ATOM   735 O O   . LEU B 2 16 ? 17.217  6.748   3.044   1.00 13.49 ? 1699 LEU B O   1 
ATOM   736 C CB  . LEU B 2 16 ? 14.096  6.132   2.541   1.00 14.03 ? 1699 LEU B CB  1 
ATOM   737 C CG  . LEU B 2 16 ? 14.620  4.816   3.145   1.00 17.20 ? 1699 LEU B CG  1 
ATOM   738 C CD1 . LEU B 2 16 ? 14.512  4.851   4.663   1.00 19.57 ? 1699 LEU B CD1 1 
ATOM   739 C CD2 . LEU B 2 16 ? 13.827  3.682   2.566   1.00 17.98 ? 1699 LEU B CD2 1 
HETATM 740 N N   . NH2 B 2 17 ? 16.459  7.628   1.105   1.00 14.96 ? 1700 NH2 B N   1 
HETATM 741 O O   . HOH C 3 .  ? 0.477   16.261  4.774   1.00 39.43 ? 1601 HOH A O   1 
HETATM 742 O O   . HOH C 3 .  ? 1.968   -11.963 -3.248  1.00 28.64 ? 1602 HOH A O   1 
HETATM 743 O O   . HOH C 3 .  ? -4.862  9.759   10.057  1.00 31.03 ? 1603 HOH A O   1 
HETATM 744 O O   . HOH C 3 .  ? 5.069   -3.501  16.161  1.00 40.67 ? 1604 HOH A O   1 
HETATM 745 O O   . HOH C 3 .  ? -12.499 0.114   -8.819  1.00 38.45 ? 1605 HOH A O   1 
HETATM 746 O O   . HOH C 3 .  ? 3.521   -1.811  -6.553  1.00 24.43 ? 1606 HOH A O   1 
HETATM 747 O O   . HOH C 3 .  ? 1.131   -12.228 8.391   1.00 35.67 ? 1607 HOH A O   1 
HETATM 748 O O   . HOH C 3 .  ? 7.089   -2.271  -10.727 1.00 30.52 ? 1608 HOH A O   1 
HETATM 749 O O   . HOH C 3 .  ? 3.947   -23.309 -15.020 1.00 30.41 ? 1609 HOH A O   1 
HETATM 750 O O   . HOH C 3 .  ? 3.272   4.991   11.540  1.00 21.25 ? 1610 HOH A O   1 
HETATM 751 O O   . HOH C 3 .  ? -7.046  17.211  4.801   1.00 26.32 ? 1611 HOH A O   1 
HETATM 752 O O   . HOH C 3 .  ? 11.020  1.079   9.879   1.00 20.40 ? 1612 HOH A O   1 
HETATM 753 O O   . HOH C 3 .  ? 7.235   -0.687  15.141  1.00 31.48 ? 1613 HOH A O   1 
HETATM 754 O O   . HOH C 3 .  ? 5.985   -28.451 -11.821 1.00 34.87 ? 1614 HOH A O   1 
HETATM 755 O O   . HOH C 3 .  ? 9.038   10.588  7.771   1.00 28.97 ? 1615 HOH A O   1 
HETATM 756 O O   . HOH C 3 .  ? -5.225  -9.958  -8.909  1.00 41.92 ? 1616 HOH A O   1 
HETATM 757 O O   . HOH C 3 .  ? 0.062   -12.419 -4.795  1.00 38.12 ? 1617 HOH A O   1 
HETATM 758 O O   . HOH C 3 .  ? -3.127  -6.633  -1.458  1.00 19.30 ? 1618 HOH A O   1 
HETATM 759 O O   . HOH C 3 .  ? 4.880   -0.118  -5.118  1.00 33.53 ? 1619 HOH A O   1 
HETATM 760 O O   . HOH C 3 .  ? -10.075 -3.502  -2.305  1.00 27.87 ? 1620 HOH A O   1 
HETATM 761 O O   . HOH C 3 .  ? -2.455  13.552  -2.022  1.00 14.76 ? 1621 HOH A O   1 
HETATM 762 O O   . HOH C 3 .  ? -15.339 2.625   -1.666  1.00 11.81 ? 1622 HOH A O   1 
HETATM 763 O O   . HOH C 3 .  ? 2.037   -5.551  -7.540  1.00 19.53 ? 1623 HOH A O   1 
HETATM 764 O O   . HOH C 3 .  ? 0.091   -9.420  -7.885  1.00 36.47 ? 1624 HOH A O   1 
HETATM 765 O O   . HOH C 3 .  ? 12.776  0.224   -5.689  1.00 13.84 ? 1625 HOH A O   1 
HETATM 766 O O   . HOH C 3 .  ? 2.372   -6.113  14.347  1.00 28.40 ? 1626 HOH A O   1 
HETATM 767 O O   . HOH C 3 .  ? -9.311  -1.658  5.544   1.00 16.15 ? 1627 HOH A O   1 
HETATM 768 O O   . HOH C 3 .  ? -1.146  2.880   10.996  1.00 33.24 ? 1628 HOH A O   1 
HETATM 769 O O   . HOH C 3 .  ? 1.329   2.134   -8.427  1.00 24.12 ? 1629 HOH A O   1 
HETATM 770 O O   . HOH C 3 .  ? 9.678   -2.655  -0.952  1.00 17.23 ? 1630 HOH A O   1 
HETATM 771 O O   . HOH C 3 .  ? -8.916  -1.180  8.704   1.00 36.03 ? 1631 HOH A O   1 
HETATM 772 O O   . HOH C 3 .  ? -6.248  4.535   -8.939  1.00 18.12 ? 1632 HOH A O   1 
HETATM 773 O O   . HOH C 3 .  ? 8.671   -1.452  9.867   1.00 25.90 ? 1633 HOH A O   1 
HETATM 774 O O   . HOH C 3 .  ? -7.274  5.768   8.486   1.00 22.07 ? 1634 HOH A O   1 
HETATM 775 O O   . HOH C 3 .  ? 9.658   -5.328  -6.381  1.00 16.14 ? 1635 HOH A O   1 
HETATM 776 O O   . HOH C 3 .  ? 10.182  10.641  1.696   1.00 12.85 ? 1636 HOH A O   1 
HETATM 777 O O   . HOH C 3 .  ? 5.337   1.408   -10.535 1.00 36.64 ? 1637 HOH A O   1 
HETATM 778 O O   . HOH C 3 .  ? -4.976  -10.855 -4.023  1.00 36.68 ? 1638 HOH A O   1 
HETATM 779 O O   . HOH C 3 .  ? -13.783 7.222   -2.709  1.00 12.35 ? 1639 HOH A O   1 
HETATM 780 O O   . HOH C 3 .  ? 4.119   12.494  1.851   1.00 17.38 ? 1640 HOH A O   1 
HETATM 781 O O   . HOH C 3 .  ? -14.454 8.946   5.700   1.00 12.99 ? 1641 HOH A O   1 
HETATM 782 O O   . HOH C 3 .  ? 10.338  8.407   8.969   1.00 30.29 ? 1642 HOH A O   1 
HETATM 783 O O   . HOH C 3 .  ? 0.113   1.212   12.545  1.00 27.35 ? 1643 HOH A O   1 
HETATM 784 O O   . HOH C 3 .  ? -11.443 -0.261  9.813   1.00 23.51 ? 1644 HOH A O   1 
HETATM 785 O O   . HOH C 3 .  ? -1.493  -7.142  13.226  1.00 31.04 ? 1645 HOH A O   1 
HETATM 786 O O   . HOH C 3 .  ? 5.939   -25.253 -11.467 1.00 33.92 ? 1646 HOH A O   1 
HETATM 787 O O   . HOH C 3 .  ? -6.556  -2.786  12.208  1.00 24.50 ? 1647 HOH A O   1 
HETATM 788 O O   . HOH C 3 .  ? -0.410  -7.015  -7.527  1.00 19.63 ? 1648 HOH A O   1 
HETATM 789 O O   . HOH C 3 .  ? 1.696   -9.811  -1.495  1.00 19.93 ? 1649 HOH A O   1 
HETATM 790 O O   . HOH C 3 .  ? -3.558  3.565   10.453  1.00 24.69 ? 1650 HOH A O   1 
HETATM 791 O O   . HOH C 3 .  ? 7.414   0.327   12.296  1.00 31.70 ? 1651 HOH A O   1 
HETATM 792 O O   . HOH C 3 .  ? 1.786   9.272   8.594   1.00 25.09 ? 1652 HOH A O   1 
HETATM 793 O O   . HOH C 3 .  ? 7.432   11.885  3.083   1.00 22.83 ? 1653 HOH A O   1 
HETATM 794 O O   . HOH C 3 .  ? 3.359   -22.758 -17.346 0.50 30.40 ? 1654 HOH A O   1 
HETATM 795 O O   . HOH C 3 .  ? 0.960   12.536  5.210   1.00 23.64 ? 1655 HOH A O   1 
HETATM 796 O O   . HOH C 3 .  ? -10.142 -5.277  -6.921  1.00 33.64 ? 1656 HOH A O   1 
HETATM 797 O O   . HOH C 3 .  ? 0.803   -20.406 -10.726 1.00 32.95 ? 1657 HOH A O   1 
HETATM 798 O O   . HOH C 3 .  ? -2.157  -13.317 1.675   1.00 26.19 ? 1658 HOH A O   1 
HETATM 799 O O   . HOH C 3 .  ? -8.027  1.301   8.359   1.00 25.40 ? 1659 HOH A O   1 
HETATM 800 O O   . HOH C 3 .  ? 4.822   14.382  5.865   1.00 35.37 ? 1660 HOH A O   1 
HETATM 801 O O   . HOH C 3 .  ? -9.744  1.880   -11.059 1.00 37.66 ? 1661 HOH A O   1 
HETATM 802 O O   . HOH C 3 .  ? 1.621   -19.468 -13.065 1.00 37.87 ? 1662 HOH A O   1 
HETATM 803 O O   . HOH C 3 .  ? 1.933   11.910  7.584   1.00 27.09 ? 1663 HOH A O   1 
HETATM 804 O O   . HOH C 3 .  ? 4.867   -15.752 1.586   1.00 33.03 ? 1664 HOH A O   1 
HETATM 805 O O   . HOH C 3 .  ? -6.953  8.723   9.005   1.00 37.80 ? 1665 HOH A O   1 
HETATM 806 O O   . HOH C 3 .  ? 4.803   -20.782 -13.850 1.00 46.08 ? 1666 HOH A O   1 
HETATM 807 O O   . HOH C 3 .  ? 3.082   13.884  3.857   1.00 25.03 ? 1667 HOH A O   1 
HETATM 808 O O   . HOH C 3 .  ? -12.950 6.462   11.039  1.00 35.73 ? 1668 HOH A O   1 
HETATM 809 O O   . HOH C 3 .  ? -9.989  1.040   11.651  1.00 37.22 ? 1669 HOH A O   1 
HETATM 810 O O   . HOH C 3 .  ? 4.458   2.660   -8.201  1.00 37.32 ? 1670 HOH A O   1 
HETATM 811 O O   . HOH C 3 .  ? -13.456 -1.846  -3.916  1.00 37.86 ? 1671 HOH A O   1 
HETATM 812 O O   . HOH C 3 .  ? 6.356   13.315  1.514   1.00 30.01 ? 1672 HOH A O   1 
HETATM 813 O O   . HOH C 3 .  ? -3.387  0.963   -11.007 1.00 38.17 ? 1673 HOH A O   1 
HETATM 814 O O   . HOH C 3 .  ? 2.542   16.319  2.862   1.00 36.66 ? 1674 HOH A O   1 
HETATM 815 O O   . HOH C 3 .  ? 0.610   -14.793 6.945   1.00 30.25 ? 1675 HOH A O   1 
HETATM 816 O O   . HOH C 3 .  ? 2.897   13.654  -0.764  1.00 31.39 ? 1676 HOH A O   1 
HETATM 817 O O   . HOH C 3 .  ? -1.831  -14.666 5.410   1.00 33.05 ? 1677 HOH A O   1 
HETATM 818 O O   . HOH C 3 .  ? 2.433   16.276  0.023   1.00 37.22 ? 1678 HOH A O   1 
HETATM 819 O O   . HOH D 3 .  ? 12.980  10.197  6.253   1.00 30.94 ? 1801 HOH B O   1 
HETATM 820 O O   . HOH D 3 .  ? -5.428  9.066   -8.808  1.00 21.82 ? 1802 HOH B O   1 
HETATM 821 O O   . HOH D 3 .  ? -21.034 8.310   -10.361 1.00 28.62 ? 1803 HOH B O   1 
HETATM 822 O O   . HOH D 3 .  ? 0.153   12.504  -2.639  1.00 20.39 ? 1804 HOH B O   1 
HETATM 823 O O   . HOH D 3 .  ? -9.409  0.489   -3.450  1.00 17.31 ? 1805 HOH B O   1 
HETATM 824 O O   . HOH D 3 .  ? 11.780  15.835  -8.048  1.00 31.90 ? 1806 HOH B O   1 
HETATM 825 O O   . HOH D 3 .  ? 13.674  14.846  -1.016  1.00 24.76 ? 1807 HOH B O   1 
HETATM 826 O O   . HOH D 3 .  ? -13.432 1.781   -6.216  1.00 19.65 ? 1808 HOH B O   1 
HETATM 827 O O   . HOH D 3 .  ? 17.121  12.199  4.550   1.00 34.86 ? 1809 HOH B O   1 
HETATM 828 O O   . HOH D 3 .  ? 6.578   14.906  -3.560  0.98 23.10 ? 1810 HOH B O   1 
HETATM 829 O O   . HOH D 3 .  ? 17.250  7.628   5.807   1.00 19.85 ? 1811 HOH B O   1 
HETATM 830 O O   . HOH D 3 .  ? -1.645  8.654   -8.830  1.00 28.20 ? 1812 HOH B O   1 
HETATM 831 O O   . HOH D 3 .  ? 10.198  12.961  -0.142  1.00 18.23 ? 1813 HOH B O   1 
HETATM 832 O O   . HOH D 3 .  ? -15.573 5.123   -2.800  1.00 14.83 ? 1814 HOH B O   1 
HETATM 833 O O   . HOH D 3 .  ? 9.747   12.123  4.577   1.00 34.83 ? 1815 HOH B O   1 
HETATM 834 O O   . HOH D 3 .  ? -11.775 8.843   -5.160  1.00 19.09 ? 1816 HOH B O   1 
HETATM 835 O O   . HOH D 3 .  ? -9.135  3.912   -9.788  1.00 30.21 ? 1817 HOH B O   1 
HETATM 836 O O   . HOH D 3 .  ? -0.003  11.013  -9.860  1.00 24.10 ? 1818 HOH B O   1 
HETATM 837 O O   . HOH D 3 .  ? -12.697 4.057   -9.418  1.00 29.85 ? 1819 HOH B O   1 
HETATM 838 O O   . HOH D 3 .  ? 14.696  8.127   6.662   1.00 31.16 ? 1820 HOH B O   1 
HETATM 839 O O   . HOH D 3 .  ? -17.101 4.805   -10.338 1.00 43.09 ? 1821 HOH B O   1 
HETATM 840 O O   . HOH D 3 .  ? -12.623 7.574   -9.247  1.00 36.78 ? 1822 HOH B O   1 
HETATM 841 O O   . HOH D 3 .  ? -0.854  6.573   -10.159 1.00 32.43 ? 1823 HOH B O   1 
HETATM 842 O O   . HOH D 3 .  ? -18.187 1.348   -6.229  1.00 33.46 ? 1824 HOH B O   1 
HETATM 843 O O   . HOH D 3 .  ? 17.740  11.327  -2.839  1.00 19.21 ? 1825 HOH B O   1 
HETATM 844 O O   . HOH D 3 .  ? 5.858   17.034  -3.292  1.00 44.77 ? 1826 HOH B O   1 
HETATM 845 O O   . HOH D 3 .  ? 12.522  16.244  0.695   1.00 39.76 ? 1827 HOH B O   1 
HETATM 846 O O   . HOH D 3 .  ? 7.503   14.067  -0.785  1.00 28.10 ? 1828 HOH B O   1 
HETATM 847 O O   . HOH D 3 .  ? 9.702   14.991  3.902   1.00 39.82 ? 1829 HOH B O   1 
HETATM 848 O O   . HOH D 3 .  ? 10.344  15.318  1.556   1.00 32.06 ? 1830 HOH B O   1 
HETATM 849 O O   . HOH D 3 .  ? 14.504  16.738  -7.258  1.00 28.66 ? 1831 HOH B O   1 
HETATM 850 O O   . HOH D 3 .  ? 19.159  6.831   7.672   0.50 22.30 ? 1832 HOH B O   1 
# 
